data_7T5V
# 
_entry.id   7T5V 
# 
_audit_conform.dict_name       mmcif_pdbx.dic 
_audit_conform.dict_version    5.389 
_audit_conform.dict_location   http://mmcif.pdb.org/dictionaries/ascii/mmcif_pdbx.dic 
# 
loop_
_database_2.database_id 
_database_2.database_code 
_database_2.pdbx_database_accession 
_database_2.pdbx_DOI 
PDB   7T5V         pdb_00007t5v 10.2210/pdb7t5v/pdb 
WWPDB D_1000261717 ?            ?                   
# 
loop_
_pdbx_audit_revision_history.ordinal 
_pdbx_audit_revision_history.data_content_type 
_pdbx_audit_revision_history.major_revision 
_pdbx_audit_revision_history.minor_revision 
_pdbx_audit_revision_history.revision_date 
1 'Structure model' 1 0 2022-09-14 
2 'Structure model' 1 1 2022-10-12 
3 'Structure model' 1 2 2022-11-30 
4 'Structure model' 1 3 2024-04-03 
# 
_pdbx_audit_revision_details.ordinal             1 
_pdbx_audit_revision_details.revision_ordinal    1 
_pdbx_audit_revision_details.data_content_type   'Structure model' 
_pdbx_audit_revision_details.provider            repository 
_pdbx_audit_revision_details.type                'Initial release' 
_pdbx_audit_revision_details.description         ? 
_pdbx_audit_revision_details.details             ? 
# 
loop_
_pdbx_audit_revision_group.ordinal 
_pdbx_audit_revision_group.revision_ordinal 
_pdbx_audit_revision_group.data_content_type 
_pdbx_audit_revision_group.group 
1 2 'Structure model' 'Database references'    
2 3 'Structure model' 'Database references'    
3 4 'Structure model' 'Data collection'        
4 4 'Structure model' 'Refinement description' 
# 
loop_
_pdbx_audit_revision_category.ordinal 
_pdbx_audit_revision_category.revision_ordinal 
_pdbx_audit_revision_category.data_content_type 
_pdbx_audit_revision_category.category 
1 2 'Structure model' citation                      
2 2 'Structure model' citation_author               
3 3 'Structure model' citation                      
4 4 'Structure model' chem_comp_atom                
5 4 'Structure model' chem_comp_bond                
6 4 'Structure model' pdbx_initial_refinement_model 
# 
loop_
_pdbx_audit_revision_item.ordinal 
_pdbx_audit_revision_item.revision_ordinal 
_pdbx_audit_revision_item.data_content_type 
_pdbx_audit_revision_item.item 
1 2 'Structure model' '_citation.page_first'              
2 2 'Structure model' '_citation.page_last'               
3 2 'Structure model' '_citation.pdbx_database_id_DOI'    
4 2 'Structure model' '_citation.pdbx_database_id_PubMed' 
5 2 'Structure model' '_citation.title'                   
6 2 'Structure model' '_citation_author.identifier_ORCID' 
7 3 'Structure model' '_citation.journal_volume'          
# 
_pdbx_database_status.status_code                     REL 
_pdbx_database_status.status_code_sf                  REL 
_pdbx_database_status.status_code_mr                  ? 
_pdbx_database_status.entry_id                        7T5V 
_pdbx_database_status.recvd_initial_deposition_date   2021-12-13 
_pdbx_database_status.SG_entry                        N 
_pdbx_database_status.deposit_site                    RCSB 
_pdbx_database_status.process_site                    RCSB 
_pdbx_database_status.status_code_cs                  ? 
_pdbx_database_status.status_code_nmr_data            ? 
_pdbx_database_status.methods_development_category    ? 
_pdbx_database_status.pdb_format_compatible           Y 
# 
_pdbx_contact_author.id                 2 
_pdbx_contact_author.email              kcorbett@ucsd.edu 
_pdbx_contact_author.name_first         Kevin 
_pdbx_contact_author.name_last          Corbett 
_pdbx_contact_author.name_mi            D 
_pdbx_contact_author.role               'principal investigator/group leader' 
_pdbx_contact_author.identifier_ORCID   0000-0001-5854-2388 
# 
loop_
_audit_author.name 
_audit_author.pdbx_ordinal 
_audit_author.identifier_ORCID 
'Lau, R.K.'     1 ? 
'Corbett, K.D.' 2 ? 
# 
_citation.abstract                  ? 
_citation.abstract_id_CAS           ? 
_citation.book_id_ISBN              ? 
_citation.book_publisher            ? 
_citation.book_publisher_city       ? 
_citation.book_title                ? 
_citation.coordinate_linkage        ? 
_citation.country                   UK 
_citation.database_id_Medline       ? 
_citation.details                   ? 
_citation.id                        primary 
_citation.journal_abbrev            'Embo J.' 
_citation.journal_id_ASTM           EMJODG 
_citation.journal_id_CSD            0897 
_citation.journal_id_ISSN           1460-2075 
_citation.journal_full              ? 
_citation.journal_issue             ? 
_citation.journal_volume            41 
_citation.language                  ? 
_citation.page_first                e111540 
_citation.page_last                 e111540 
_citation.title                     
'A conserved signaling pathway activates bacterial CBASS immune signaling in response to DNA damage.' 
_citation.year                      2022 
_citation.database_id_CSD           ? 
_citation.pdbx_database_id_DOI      10.15252/embj.2022111540 
_citation.pdbx_database_id_PubMed   36156805 
_citation.pdbx_database_id_patent   ? 
_citation.unpublished_flag          ? 
# 
loop_
_citation_author.citation_id 
_citation_author.name 
_citation_author.ordinal 
_citation_author.identifier_ORCID 
primary 'Lau, R.K.'     1 0000-0002-4182-4394 
primary 'Enustun, E.'   2 0000-0001-7550-7752 
primary 'Gu, Y.'        3 0000-0002-1514-1477 
primary 'Nguyen, J.V.'  4 ?                   
primary 'Corbett, K.D.' 5 0000-0001-5854-2388 
# 
loop_
_entity.id 
_entity.type 
_entity.src_method 
_entity.pdbx_description 
_entity.formula_weight 
_entity.pdbx_number_of_molecules 
_entity.pdbx_ec 
_entity.pdbx_mutation 
_entity.pdbx_fragment 
_entity.details 
1 polymer man 'Helix-turn-helix domain-containing protein' 5295.893 1  ? I99M 'C-terminal residues 67-107' ? 
2 water   nat water                                        18.015   46 ? ?    ?                            ? 
# 
_entity_name_com.entity_id   1 
_entity_name_com.name        
'Helix-turn-helix transcriptional regulator,Transcriptional regulator,XRE family transcriptional regulator' 
# 
_entity_poly.entity_id                      1 
_entity_poly.type                           'polypeptide(L)' 
_entity_poly.nstd_linkage                   no 
_entity_poly.nstd_monomer                   no 
_entity_poly.pdbx_seq_one_letter_code       SNADDLREPEERHLDDAFFRGYKNLEPEAKAQLRKMLDTFKKDF 
_entity_poly.pdbx_seq_one_letter_code_can   SNADDLREPEERHLDDAFFRGYKNLEPEAKAQLRKMLDTFKKDF 
_entity_poly.pdbx_strand_id                 A 
_entity_poly.pdbx_target_identifier         ? 
# 
_pdbx_entity_nonpoly.entity_id   2 
_pdbx_entity_nonpoly.name        water 
_pdbx_entity_nonpoly.comp_id     HOH 
# 
loop_
_entity_poly_seq.entity_id 
_entity_poly_seq.num 
_entity_poly_seq.mon_id 
_entity_poly_seq.hetero 
1 1  SER n 
1 2  ASN n 
1 3  ALA n 
1 4  ASP n 
1 5  ASP n 
1 6  LEU n 
1 7  ARG n 
1 8  GLU n 
1 9  PRO n 
1 10 GLU n 
1 11 GLU n 
1 12 ARG n 
1 13 HIS n 
1 14 LEU n 
1 15 ASP n 
1 16 ASP n 
1 17 ALA n 
1 18 PHE n 
1 19 PHE n 
1 20 ARG n 
1 21 GLY n 
1 22 TYR n 
1 23 LYS n 
1 24 ASN n 
1 25 LEU n 
1 26 GLU n 
1 27 PRO n 
1 28 GLU n 
1 29 ALA n 
1 30 LYS n 
1 31 ALA n 
1 32 GLN n 
1 33 LEU n 
1 34 ARG n 
1 35 LYS n 
1 36 MET n 
1 37 LEU n 
1 38 ASP n 
1 39 THR n 
1 40 PHE n 
1 41 LYS n 
1 42 LYS n 
1 43 ASP n 
1 44 PHE n 
# 
_entity_src_gen.entity_id                          1 
_entity_src_gen.pdbx_src_id                        1 
_entity_src_gen.pdbx_alt_source_flag               sample 
_entity_src_gen.pdbx_seq_type                      'Biological sequence' 
_entity_src_gen.pdbx_beg_seq_num                   1 
_entity_src_gen.pdbx_end_seq_num                   44 
_entity_src_gen.gene_src_common_name               ? 
_entity_src_gen.gene_src_genus                     ? 
_entity_src_gen.pdbx_gene_src_gene                 'nadR_1, BHS87_27750, D9K17_19515, GRQ19_13110, HV109_14215, NCTC13216_00230' 
_entity_src_gen.gene_src_species                   ? 
_entity_src_gen.gene_src_strain                    ? 
_entity_src_gen.gene_src_tissue                    ? 
_entity_src_gen.gene_src_tissue_fraction           ? 
_entity_src_gen.gene_src_details                   ? 
_entity_src_gen.pdbx_gene_src_fragment             ? 
_entity_src_gen.pdbx_gene_src_scientific_name      'Escherichia coli' 
_entity_src_gen.pdbx_gene_src_ncbi_taxonomy_id     562 
_entity_src_gen.pdbx_gene_src_variant              ? 
_entity_src_gen.pdbx_gene_src_cell_line            ? 
_entity_src_gen.pdbx_gene_src_atcc                 ? 
_entity_src_gen.pdbx_gene_src_organ                ? 
_entity_src_gen.pdbx_gene_src_organelle            ? 
_entity_src_gen.pdbx_gene_src_cell                 ? 
_entity_src_gen.pdbx_gene_src_cellular_location    ? 
_entity_src_gen.host_org_common_name               ? 
_entity_src_gen.pdbx_host_org_scientific_name      'Escherichia coli' 
_entity_src_gen.pdbx_host_org_ncbi_taxonomy_id     562 
_entity_src_gen.host_org_genus                     ? 
_entity_src_gen.pdbx_host_org_gene                 ? 
_entity_src_gen.pdbx_host_org_organ                ? 
_entity_src_gen.host_org_species                   ? 
_entity_src_gen.pdbx_host_org_tissue               ? 
_entity_src_gen.pdbx_host_org_tissue_fraction      ? 
_entity_src_gen.pdbx_host_org_strain               ? 
_entity_src_gen.pdbx_host_org_variant              ? 
_entity_src_gen.pdbx_host_org_cell_line            ? 
_entity_src_gen.pdbx_host_org_atcc                 ? 
_entity_src_gen.pdbx_host_org_culture_collection   ? 
_entity_src_gen.pdbx_host_org_cell                 ? 
_entity_src_gen.pdbx_host_org_organelle            ? 
_entity_src_gen.pdbx_host_org_cellular_location    ? 
_entity_src_gen.pdbx_host_org_vector_type          ? 
_entity_src_gen.pdbx_host_org_vector               ? 
_entity_src_gen.host_org_details                   ? 
_entity_src_gen.expression_system_id               ? 
_entity_src_gen.plasmid_name                       ? 
_entity_src_gen.plasmid_details                    ? 
_entity_src_gen.pdbx_description                   ? 
# 
loop_
_chem_comp.id 
_chem_comp.type 
_chem_comp.mon_nstd_flag 
_chem_comp.name 
_chem_comp.pdbx_synonyms 
_chem_comp.formula 
_chem_comp.formula_weight 
ALA 'L-peptide linking' y ALANINE         ? 'C3 H7 N O2'     89.093  
ARG 'L-peptide linking' y ARGININE        ? 'C6 H15 N4 O2 1' 175.209 
ASN 'L-peptide linking' y ASPARAGINE      ? 'C4 H8 N2 O3'    132.118 
ASP 'L-peptide linking' y 'ASPARTIC ACID' ? 'C4 H7 N O4'     133.103 
GLN 'L-peptide linking' y GLUTAMINE       ? 'C5 H10 N2 O3'   146.144 
GLU 'L-peptide linking' y 'GLUTAMIC ACID' ? 'C5 H9 N O4'     147.129 
GLY 'peptide linking'   y GLYCINE         ? 'C2 H5 N O2'     75.067  
HIS 'L-peptide linking' y HISTIDINE       ? 'C6 H10 N3 O2 1' 156.162 
HOH non-polymer         . WATER           ? 'H2 O'           18.015  
ILE 'L-peptide linking' y ISOLEUCINE      ? 'C6 H13 N O2'    131.173 
LEU 'L-peptide linking' y LEUCINE         ? 'C6 H13 N O2'    131.173 
LYS 'L-peptide linking' y LYSINE          ? 'C6 H15 N2 O2 1' 147.195 
MET 'L-peptide linking' y METHIONINE      ? 'C5 H11 N O2 S'  149.211 
PHE 'L-peptide linking' y PHENYLALANINE   ? 'C9 H11 N O2'    165.189 
PRO 'L-peptide linking' y PROLINE         ? 'C5 H9 N O2'     115.130 
SER 'L-peptide linking' y SERINE          ? 'C3 H7 N O3'     105.093 
THR 'L-peptide linking' y THREONINE       ? 'C4 H9 N O3'     119.119 
TYR 'L-peptide linking' y TYROSINE        ? 'C9 H11 N O3'    181.189 
# 
loop_
_pdbx_poly_seq_scheme.asym_id 
_pdbx_poly_seq_scheme.entity_id 
_pdbx_poly_seq_scheme.seq_id 
_pdbx_poly_seq_scheme.mon_id 
_pdbx_poly_seq_scheme.ndb_seq_num 
_pdbx_poly_seq_scheme.pdb_seq_num 
_pdbx_poly_seq_scheme.auth_seq_num 
_pdbx_poly_seq_scheme.pdb_mon_id 
_pdbx_poly_seq_scheme.auth_mon_id 
_pdbx_poly_seq_scheme.pdb_strand_id 
_pdbx_poly_seq_scheme.pdb_ins_code 
_pdbx_poly_seq_scheme.hetero 
A 1 1  SER 1  64  ?   ?   ?   A . n 
A 1 2  ASN 2  65  ?   ?   ?   A . n 
A 1 3  ALA 3  66  ?   ?   ?   A . n 
A 1 4  ASP 4  67  ?   ?   ?   A . n 
A 1 5  ASP 5  68  ?   ?   ?   A . n 
A 1 6  LEU 6  69  ?   ?   ?   A . n 
A 1 7  ARG 7  70  ?   ?   ?   A . n 
A 1 8  GLU 8  71  ?   ?   ?   A . n 
A 1 9  PRO 9  72  ?   ?   ?   A . n 
A 1 10 GLU 10 73  ?   ?   ?   A . n 
A 1 11 GLU 11 74  74  GLU GLU A . n 
A 1 12 ARG 12 75  75  ARG ARG A . n 
A 1 13 HIS 13 76  76  HIS HIS A . n 
A 1 14 LEU 14 77  77  LEU LEU A . n 
A 1 15 ASP 15 78  78  ASP ASP A . n 
A 1 16 ASP 16 79  79  ASP ASP A . n 
A 1 17 ALA 17 80  80  ALA ALA A . n 
A 1 18 PHE 18 81  81  PHE PHE A . n 
A 1 19 PHE 19 82  82  PHE PHE A . n 
A 1 20 ARG 20 83  83  ARG ARG A . n 
A 1 21 GLY 21 84  84  GLY GLY A . n 
A 1 22 TYR 22 85  85  TYR TYR A . n 
A 1 23 LYS 23 86  86  LYS LYS A . n 
A 1 24 ASN 24 87  87  ASN ASN A . n 
A 1 25 LEU 25 88  88  LEU LEU A . n 
A 1 26 GLU 26 89  89  GLU GLU A . n 
A 1 27 PRO 27 90  90  PRO PRO A . n 
A 1 28 GLU 28 91  91  GLU GLU A . n 
A 1 29 ALA 29 92  92  ALA ALA A . n 
A 1 30 LYS 30 93  93  LYS LYS A . n 
A 1 31 ALA 31 94  94  ALA ALA A . n 
A 1 32 GLN 32 95  95  GLN GLN A . n 
A 1 33 LEU 33 96  96  LEU LEU A . n 
A 1 34 ARG 34 97  97  ARG ARG A . n 
A 1 35 LYS 35 98  98  LYS LYS A . n 
A 1 36 MET 36 99  99  MET MET A . n 
A 1 37 LEU 37 100 100 LEU LEU A . n 
A 1 38 ASP 38 101 101 ASP ASP A . n 
A 1 39 THR 39 102 102 THR THR A . n 
A 1 40 PHE 40 103 103 PHE PHE A . n 
A 1 41 LYS 41 104 104 LYS LYS A . n 
A 1 42 LYS 42 105 105 LYS LYS A . n 
A 1 43 ASP 43 106 106 ASP ASP A . n 
A 1 44 PHE 44 107 107 PHE PHE A . n 
# 
loop_
_pdbx_nonpoly_scheme.asym_id 
_pdbx_nonpoly_scheme.entity_id 
_pdbx_nonpoly_scheme.mon_id 
_pdbx_nonpoly_scheme.ndb_seq_num 
_pdbx_nonpoly_scheme.pdb_seq_num 
_pdbx_nonpoly_scheme.auth_seq_num 
_pdbx_nonpoly_scheme.pdb_mon_id 
_pdbx_nonpoly_scheme.auth_mon_id 
_pdbx_nonpoly_scheme.pdb_strand_id 
_pdbx_nonpoly_scheme.pdb_ins_code 
B 2 HOH 1  201 39 HOH HOH A . 
B 2 HOH 2  202 11 HOH HOH A . 
B 2 HOH 3  203 2  HOH HOH A . 
B 2 HOH 4  204 16 HOH HOH A . 
B 2 HOH 5  205 45 HOH HOH A . 
B 2 HOH 6  206 14 HOH HOH A . 
B 2 HOH 7  207 38 HOH HOH A . 
B 2 HOH 8  208 43 HOH HOH A . 
B 2 HOH 9  209 3  HOH HOH A . 
B 2 HOH 10 210 29 HOH HOH A . 
B 2 HOH 11 211 28 HOH HOH A . 
B 2 HOH 12 212 26 HOH HOH A . 
B 2 HOH 13 213 9  HOH HOH A . 
B 2 HOH 14 214 32 HOH HOH A . 
B 2 HOH 15 215 4  HOH HOH A . 
B 2 HOH 16 216 37 HOH HOH A . 
B 2 HOH 17 217 40 HOH HOH A . 
B 2 HOH 18 218 19 HOH HOH A . 
B 2 HOH 19 219 5  HOH HOH A . 
B 2 HOH 20 220 1  HOH HOH A . 
B 2 HOH 21 221 17 HOH HOH A . 
B 2 HOH 22 222 8  HOH HOH A . 
B 2 HOH 23 223 7  HOH HOH A . 
B 2 HOH 24 224 6  HOH HOH A . 
B 2 HOH 25 225 20 HOH HOH A . 
B 2 HOH 26 226 36 HOH HOH A . 
B 2 HOH 27 227 30 HOH HOH A . 
B 2 HOH 28 228 25 HOH HOH A . 
B 2 HOH 29 229 41 HOH HOH A . 
B 2 HOH 30 230 18 HOH HOH A . 
B 2 HOH 31 231 34 HOH HOH A . 
B 2 HOH 32 232 46 HOH HOH A . 
B 2 HOH 33 233 23 HOH HOH A . 
B 2 HOH 34 234 12 HOH HOH A . 
B 2 HOH 35 235 33 HOH HOH A . 
B 2 HOH 36 236 24 HOH HOH A . 
B 2 HOH 37 237 15 HOH HOH A . 
B 2 HOH 38 238 44 HOH HOH A . 
B 2 HOH 39 239 27 HOH HOH A . 
B 2 HOH 40 240 35 HOH HOH A . 
B 2 HOH 41 241 13 HOH HOH A . 
B 2 HOH 42 242 31 HOH HOH A . 
B 2 HOH 43 243 42 HOH HOH A . 
B 2 HOH 44 244 10 HOH HOH A . 
B 2 HOH 45 245 21 HOH HOH A . 
B 2 HOH 46 246 22 HOH HOH A . 
# 
loop_
_software.citation_id 
_software.classification 
_software.compiler_name 
_software.compiler_version 
_software.contact_author 
_software.contact_author_email 
_software.date 
_software.description 
_software.dependencies 
_software.hardware 
_software.language 
_software.location 
_software.mods 
_software.name 
_software.os 
_software.os_version 
_software.type 
_software.version 
_software.pdbx_ordinal 
? refinement       ? ? ? ? ? ? ? ? ? ? ? PHENIX  ? ? ? 1.19.1_4122 1 
? 'data reduction' ? ? ? ? ? ? ? ? ? ? ? XDS     ? ? ? .           2 
? 'data scaling'   ? ? ? ? ? ? ? ? ? ? ? Aimless ? ? ? .           3 
? phasing          ? ? ? ? ? ? ? ? ? ? ? PHASER  ? ? ? .           4 
# 
_cell.angle_alpha                  90.000 
_cell.angle_alpha_esd              ? 
_cell.angle_beta                   90.000 
_cell.angle_beta_esd               ? 
_cell.angle_gamma                  90.000 
_cell.angle_gamma_esd              ? 
_cell.entry_id                     7T5V 
_cell.details                      ? 
_cell.formula_units_Z              ? 
_cell.length_a                     38.383 
_cell.length_a_esd                 ? 
_cell.length_b                     38.383 
_cell.length_b_esd                 ? 
_cell.length_c                     59.428 
_cell.length_c_esd                 ? 
_cell.volume                       87552.580 
_cell.volume_esd                   ? 
_cell.Z_PDB                        8 
_cell.reciprocal_angle_alpha       ? 
_cell.reciprocal_angle_beta        ? 
_cell.reciprocal_angle_gamma       ? 
_cell.reciprocal_angle_alpha_esd   ? 
_cell.reciprocal_angle_beta_esd    ? 
_cell.reciprocal_angle_gamma_esd   ? 
_cell.reciprocal_length_a          ? 
_cell.reciprocal_length_b          ? 
_cell.reciprocal_length_c          ? 
_cell.reciprocal_length_a_esd      ? 
_cell.reciprocal_length_b_esd      ? 
_cell.reciprocal_length_c_esd      ? 
_cell.pdbx_unique_axis             ? 
# 
_symmetry.entry_id                         7T5V 
_symmetry.cell_setting                     ? 
_symmetry.Int_Tables_number                96 
_symmetry.space_group_name_Hall            'P 4nw 2abw' 
_symmetry.space_group_name_H-M             'P 43 21 2' 
_symmetry.pdbx_full_space_group_name_H-M   ? 
# 
_exptl.absorpt_coefficient_mu     ? 
_exptl.absorpt_correction_T_max   ? 
_exptl.absorpt_correction_T_min   ? 
_exptl.absorpt_correction_type    ? 
_exptl.absorpt_process_details    ? 
_exptl.entry_id                   7T5V 
_exptl.crystals_number            1 
_exptl.details                    ? 
_exptl.method                     'X-RAY DIFFRACTION' 
_exptl.method_details             ? 
# 
_exptl_crystal.colour                      ? 
_exptl_crystal.density_diffrn              ? 
_exptl_crystal.density_Matthews            2.07 
_exptl_crystal.density_method              ? 
_exptl_crystal.density_percent_sol         40.48 
_exptl_crystal.description                 ? 
_exptl_crystal.F_000                       ? 
_exptl_crystal.id                          1 
_exptl_crystal.preparation                 ? 
_exptl_crystal.size_max                    ? 
_exptl_crystal.size_mid                    ? 
_exptl_crystal.size_min                    ? 
_exptl_crystal.size_rad                    ? 
_exptl_crystal.colour_lustre               ? 
_exptl_crystal.colour_modifier             ? 
_exptl_crystal.colour_primary              ? 
_exptl_crystal.density_meas                ? 
_exptl_crystal.density_meas_esd            ? 
_exptl_crystal.density_meas_gt             ? 
_exptl_crystal.density_meas_lt             ? 
_exptl_crystal.density_meas_temp           ? 
_exptl_crystal.density_meas_temp_esd       ? 
_exptl_crystal.density_meas_temp_gt        ? 
_exptl_crystal.density_meas_temp_lt        ? 
_exptl_crystal.pdbx_crystal_image_url      ? 
_exptl_crystal.pdbx_crystal_image_format   ? 
_exptl_crystal.pdbx_mosaicity              ? 
_exptl_crystal.pdbx_mosaicity_esd          ? 
# 
_exptl_crystal_grow.apparatus       ? 
_exptl_crystal_grow.atmosphere      ? 
_exptl_crystal_grow.crystal_id      1 
_exptl_crystal_grow.details         ? 
_exptl_crystal_grow.method          'VAPOR DIFFUSION, HANGING DROP' 
_exptl_crystal_grow.method_ref      ? 
_exptl_crystal_grow.pH              ? 
_exptl_crystal_grow.pressure        ? 
_exptl_crystal_grow.pressure_esd    ? 
_exptl_crystal_grow.seeding         ? 
_exptl_crystal_grow.seeding_ref     ? 
_exptl_crystal_grow.temp            293 
_exptl_crystal_grow.temp_details    ? 
_exptl_crystal_grow.temp_esd        ? 
_exptl_crystal_grow.time            ? 
_exptl_crystal_grow.pdbx_details    '0.1 M HEPES pH 7.5, 25 mM MgCl2, 30% PEG 550 MME' 
_exptl_crystal_grow.pdbx_pH_range   ? 
# 
_diffrn.ambient_environment              ? 
_diffrn.ambient_temp                     100 
_diffrn.ambient_temp_details             ? 
_diffrn.ambient_temp_esd                 ? 
_diffrn.crystal_id                       1 
_diffrn.crystal_support                  ? 
_diffrn.crystal_treatment                ? 
_diffrn.details                          ? 
_diffrn.id                               1 
_diffrn.ambient_pressure                 ? 
_diffrn.ambient_pressure_esd             ? 
_diffrn.ambient_pressure_gt              ? 
_diffrn.ambient_pressure_lt              ? 
_diffrn.ambient_temp_gt                  ? 
_diffrn.ambient_temp_lt                  ? 
_diffrn.pdbx_serial_crystal_experiment   N 
# 
_diffrn_detector.details                      ? 
_diffrn_detector.detector                     PIXEL 
_diffrn_detector.diffrn_id                    1 
_diffrn_detector.type                         'DECTRIS EIGER2 X 16M' 
_diffrn_detector.area_resol_mean              ? 
_diffrn_detector.dtime                        ? 
_diffrn_detector.pdbx_frames_total            ? 
_diffrn_detector.pdbx_collection_time_total   ? 
_diffrn_detector.pdbx_collection_date         2021-07-11 
_diffrn_detector.pdbx_frequency               ? 
# 
_diffrn_radiation.collimation                      ? 
_diffrn_radiation.diffrn_id                        1 
_diffrn_radiation.filter_edge                      ? 
_diffrn_radiation.inhomogeneity                    ? 
_diffrn_radiation.monochromator                    ? 
_diffrn_radiation.polarisn_norm                    ? 
_diffrn_radiation.polarisn_ratio                   ? 
_diffrn_radiation.probe                            ? 
_diffrn_radiation.type                             ? 
_diffrn_radiation.xray_symbol                      ? 
_diffrn_radiation.wavelength_id                    1 
_diffrn_radiation.pdbx_monochromatic_or_laue_m_l   M 
_diffrn_radiation.pdbx_wavelength_list             ? 
_diffrn_radiation.pdbx_wavelength                  ? 
_diffrn_radiation.pdbx_diffrn_protocol             'SINGLE WAVELENGTH' 
_diffrn_radiation.pdbx_analyzer                    ? 
_diffrn_radiation.pdbx_scattering_type             x-ray 
# 
_diffrn_radiation_wavelength.id           1 
_diffrn_radiation_wavelength.wavelength   0.97918 
_diffrn_radiation_wavelength.wt           1.0 
# 
_diffrn_source.current                     ? 
_diffrn_source.details                     ? 
_diffrn_source.diffrn_id                   1 
_diffrn_source.power                       ? 
_diffrn_source.size                        ? 
_diffrn_source.source                      SYNCHROTRON 
_diffrn_source.target                      ? 
_diffrn_source.type                        'APS BEAMLINE 24-ID-C' 
_diffrn_source.voltage                     ? 
_diffrn_source.take-off_angle              ? 
_diffrn_source.pdbx_wavelength_list        0.97918 
_diffrn_source.pdbx_wavelength             ? 
_diffrn_source.pdbx_synchrotron_beamline   24-ID-C 
_diffrn_source.pdbx_synchrotron_site       APS 
# 
_reflns.B_iso_Wilson_estimate                          21.01 
_reflns.entry_id                                       7T5V 
_reflns.data_reduction_details                         ? 
_reflns.data_reduction_method                          ? 
_reflns.d_resolution_high                              1.26 
_reflns.d_resolution_low                               59.43 
_reflns.details                                        ? 
_reflns.limit_h_max                                    ? 
_reflns.limit_h_min                                    ? 
_reflns.limit_k_max                                    ? 
_reflns.limit_k_min                                    ? 
_reflns.limit_l_max                                    ? 
_reflns.limit_l_min                                    ? 
_reflns.number_all                                     ? 
_reflns.number_obs                                     12610 
_reflns.observed_criterion                             ? 
_reflns.observed_criterion_F_max                       ? 
_reflns.observed_criterion_F_min                       ? 
_reflns.observed_criterion_I_max                       ? 
_reflns.observed_criterion_I_min                       ? 
_reflns.observed_criterion_sigma_F                     ? 
_reflns.observed_criterion_sigma_I                     ? 
_reflns.percent_possible_obs                           99.8 
_reflns.R_free_details                                 ? 
_reflns.Rmerge_F_all                                   ? 
_reflns.Rmerge_F_obs                                   ? 
_reflns.Friedel_coverage                               ? 
_reflns.number_gt                                      ? 
_reflns.threshold_expression                           ? 
_reflns.pdbx_redundancy                                5.9 
_reflns.pdbx_Rmerge_I_obs                              0.039 
_reflns.pdbx_Rmerge_I_all                              ? 
_reflns.pdbx_Rsym_value                                ? 
_reflns.pdbx_netI_over_av_sigmaI                       ? 
_reflns.pdbx_netI_over_sigmaI                          21.1 
_reflns.pdbx_res_netI_over_av_sigmaI_2                 ? 
_reflns.pdbx_res_netI_over_sigmaI_2                    ? 
_reflns.pdbx_chi_squared                               ? 
_reflns.pdbx_scaling_rejects                           ? 
_reflns.pdbx_d_res_high_opt                            ? 
_reflns.pdbx_d_res_low_opt                             ? 
_reflns.pdbx_d_res_opt_method                          ? 
_reflns.phase_calculation_details                      ? 
_reflns.pdbx_Rrim_I_all                                ? 
_reflns.pdbx_Rpim_I_all                                0.017 
_reflns.pdbx_d_opt                                     ? 
_reflns.pdbx_number_measured_all                       ? 
_reflns.pdbx_diffrn_id                                 1 
_reflns.pdbx_ordinal                                   1 
_reflns.pdbx_CC_half                                   0.999 
_reflns.pdbx_CC_star                                   ? 
_reflns.pdbx_R_split                                   ? 
_reflns.pdbx_aniso_diffraction_limit_axis_1_ortho[1]   ? 
_reflns.pdbx_aniso_diffraction_limit_axis_1_ortho[2]   ? 
_reflns.pdbx_aniso_diffraction_limit_axis_1_ortho[3]   ? 
_reflns.pdbx_aniso_diffraction_limit_axis_2_ortho[1]   ? 
_reflns.pdbx_aniso_diffraction_limit_axis_2_ortho[2]   ? 
_reflns.pdbx_aniso_diffraction_limit_axis_2_ortho[3]   ? 
_reflns.pdbx_aniso_diffraction_limit_axis_3_ortho[1]   ? 
_reflns.pdbx_aniso_diffraction_limit_axis_3_ortho[2]   ? 
_reflns.pdbx_aniso_diffraction_limit_axis_3_ortho[3]   ? 
_reflns.pdbx_aniso_diffraction_limit_1                 ? 
_reflns.pdbx_aniso_diffraction_limit_2                 ? 
_reflns.pdbx_aniso_diffraction_limit_3                 ? 
_reflns.pdbx_aniso_B_tensor_eigenvector_1_ortho[1]     ? 
_reflns.pdbx_aniso_B_tensor_eigenvector_1_ortho[2]     ? 
_reflns.pdbx_aniso_B_tensor_eigenvector_1_ortho[3]     ? 
_reflns.pdbx_aniso_B_tensor_eigenvector_2_ortho[1]     ? 
_reflns.pdbx_aniso_B_tensor_eigenvector_2_ortho[2]     ? 
_reflns.pdbx_aniso_B_tensor_eigenvector_2_ortho[3]     ? 
_reflns.pdbx_aniso_B_tensor_eigenvector_3_ortho[1]     ? 
_reflns.pdbx_aniso_B_tensor_eigenvector_3_ortho[2]     ? 
_reflns.pdbx_aniso_B_tensor_eigenvector_3_ortho[3]     ? 
_reflns.pdbx_aniso_B_tensor_eigenvalue_1               ? 
_reflns.pdbx_aniso_B_tensor_eigenvalue_2               ? 
_reflns.pdbx_aniso_B_tensor_eigenvalue_3               ? 
_reflns.pdbx_orthogonalization_convention              ? 
_reflns.pdbx_percent_possible_ellipsoidal              ? 
_reflns.pdbx_percent_possible_spherical                ? 
_reflns.pdbx_percent_possible_ellipsoidal_anomalous    ? 
_reflns.pdbx_percent_possible_spherical_anomalous      ? 
_reflns.pdbx_redundancy_anomalous                      ? 
_reflns.pdbx_CC_half_anomalous                         ? 
_reflns.pdbx_absDiff_over_sigma_anomalous              ? 
_reflns.pdbx_percent_possible_anomalous                ? 
_reflns.pdbx_observed_signal_threshold                 ? 
_reflns.pdbx_signal_type                               ? 
_reflns.pdbx_signal_details                            ? 
_reflns.pdbx_signal_software_id                        ? 
# 
_reflns_shell.d_res_high                                    1.26 
_reflns_shell.d_res_low                                     1.28 
_reflns_shell.meanI_over_sigI_all                           ? 
_reflns_shell.meanI_over_sigI_obs                           2.0 
_reflns_shell.number_measured_all                           ? 
_reflns_shell.number_measured_obs                           ? 
_reflns_shell.number_possible                               ? 
_reflns_shell.number_unique_all                             ? 
_reflns_shell.number_unique_obs                             597 
_reflns_shell.percent_possible_all                          98.3 
_reflns_shell.percent_possible_obs                          ? 
_reflns_shell.Rmerge_F_all                                  ? 
_reflns_shell.Rmerge_F_obs                                  ? 
_reflns_shell.Rmerge_I_all                                  ? 
_reflns_shell.Rmerge_I_obs                                  0.732 
_reflns_shell.meanI_over_sigI_gt                            ? 
_reflns_shell.meanI_over_uI_all                             ? 
_reflns_shell.meanI_over_uI_gt                              ? 
_reflns_shell.number_measured_gt                            ? 
_reflns_shell.number_unique_gt                              ? 
_reflns_shell.percent_possible_gt                           ? 
_reflns_shell.Rmerge_F_gt                                   ? 
_reflns_shell.Rmerge_I_gt                                   ? 
_reflns_shell.pdbx_redundancy                               ? 
_reflns_shell.pdbx_Rsym_value                               ? 
_reflns_shell.pdbx_chi_squared                              ? 
_reflns_shell.pdbx_netI_over_sigmaI_all                     ? 
_reflns_shell.pdbx_netI_over_sigmaI_obs                     ? 
_reflns_shell.pdbx_Rrim_I_all                               ? 
_reflns_shell.pdbx_Rpim_I_all                               0.46 
_reflns_shell.pdbx_rejects                                  ? 
_reflns_shell.pdbx_ordinal                                  1 
_reflns_shell.pdbx_diffrn_id                                1 
_reflns_shell.pdbx_CC_half                                  0.83 
_reflns_shell.pdbx_CC_star                                  ? 
_reflns_shell.pdbx_R_split                                  ? 
_reflns_shell.pdbx_percent_possible_ellipsoidal             ? 
_reflns_shell.pdbx_percent_possible_spherical               ? 
_reflns_shell.pdbx_percent_possible_ellipsoidal_anomalous   ? 
_reflns_shell.pdbx_percent_possible_spherical_anomalous     ? 
_reflns_shell.pdbx_redundancy_anomalous                     ? 
_reflns_shell.pdbx_CC_half_anomalous                        ? 
_reflns_shell.pdbx_absDiff_over_sigma_anomalous             ? 
_reflns_shell.pdbx_percent_possible_anomalous               ? 
# 
_refine.aniso_B[1][1]                            ? 
_refine.aniso_B[1][2]                            ? 
_refine.aniso_B[1][3]                            ? 
_refine.aniso_B[2][2]                            ? 
_refine.aniso_B[2][3]                            ? 
_refine.aniso_B[3][3]                            ? 
_refine.B_iso_max                                ? 
_refine.B_iso_mean                               26.14 
_refine.B_iso_min                                ? 
_refine.correlation_coeff_Fo_to_Fc               ? 
_refine.correlation_coeff_Fo_to_Fc_free          ? 
_refine.details                                  ? 
_refine.diff_density_max                         ? 
_refine.diff_density_max_esd                     ? 
_refine.diff_density_min                         ? 
_refine.diff_density_min_esd                     ? 
_refine.diff_density_rms                         ? 
_refine.diff_density_rms_esd                     ? 
_refine.entry_id                                 7T5V 
_refine.pdbx_refine_id                           'X-RAY DIFFRACTION' 
_refine.ls_abs_structure_details                 ? 
_refine.ls_abs_structure_Flack                   ? 
_refine.ls_abs_structure_Flack_esd               ? 
_refine.ls_abs_structure_Rogers                  ? 
_refine.ls_abs_structure_Rogers_esd              ? 
_refine.ls_d_res_high                            1.26 
_refine.ls_d_res_low                             32.24 
_refine.ls_extinction_coef                       ? 
_refine.ls_extinction_coef_esd                   ? 
_refine.ls_extinction_expression                 ? 
_refine.ls_extinction_method                     ? 
_refine.ls_goodness_of_fit_all                   ? 
_refine.ls_goodness_of_fit_all_esd               ? 
_refine.ls_goodness_of_fit_obs                   ? 
_refine.ls_goodness_of_fit_obs_esd               ? 
_refine.ls_hydrogen_treatment                    ? 
_refine.ls_matrix_type                           ? 
_refine.ls_number_constraints                    ? 
_refine.ls_number_parameters                     ? 
_refine.ls_number_reflns_all                     ? 
_refine.ls_number_reflns_obs                     12560 
_refine.ls_number_reflns_R_free                  594 
_refine.ls_number_reflns_R_work                  11966 
_refine.ls_number_restraints                     ? 
_refine.ls_percent_reflns_obs                    99.71 
_refine.ls_percent_reflns_R_free                 4.73 
_refine.ls_R_factor_all                          ? 
_refine.ls_R_factor_obs                          0.1924 
_refine.ls_R_factor_R_free                       0.2136 
_refine.ls_R_factor_R_free_error                 ? 
_refine.ls_R_factor_R_free_error_details         ? 
_refine.ls_R_factor_R_work                       0.1913 
_refine.ls_R_Fsqd_factor_obs                     ? 
_refine.ls_R_I_factor_obs                        ? 
_refine.ls_redundancy_reflns_all                 ? 
_refine.ls_redundancy_reflns_obs                 ? 
_refine.ls_restrained_S_all                      ? 
_refine.ls_restrained_S_obs                      ? 
_refine.ls_shift_over_esd_max                    ? 
_refine.ls_shift_over_esd_mean                   ? 
_refine.ls_structure_factor_coef                 ? 
_refine.ls_weighting_details                     ? 
_refine.ls_weighting_scheme                      ? 
_refine.ls_wR_factor_all                         ? 
_refine.ls_wR_factor_obs                         ? 
_refine.ls_wR_factor_R_free                      ? 
_refine.ls_wR_factor_R_work                      ? 
_refine.occupancy_max                            ? 
_refine.occupancy_min                            ? 
_refine.solvent_model_details                    'FLAT BULK SOLVENT MODEL' 
_refine.solvent_model_param_bsol                 ? 
_refine.solvent_model_param_ksol                 ? 
_refine.pdbx_R_complete                          ? 
_refine.ls_R_factor_gt                           ? 
_refine.ls_goodness_of_fit_gt                    ? 
_refine.ls_goodness_of_fit_ref                   ? 
_refine.ls_shift_over_su_max                     ? 
_refine.ls_shift_over_su_max_lt                  ? 
_refine.ls_shift_over_su_mean                    ? 
_refine.ls_shift_over_su_mean_lt                 ? 
_refine.pdbx_ls_sigma_I                          ? 
_refine.pdbx_ls_sigma_F                          0.32 
_refine.pdbx_ls_sigma_Fsqd                       ? 
_refine.pdbx_data_cutoff_high_absF               ? 
_refine.pdbx_data_cutoff_high_rms_absF           ? 
_refine.pdbx_data_cutoff_low_absF                ? 
_refine.pdbx_isotropic_thermal_model             ? 
_refine.pdbx_ls_cross_valid_method               'FREE R-VALUE' 
_refine.pdbx_method_to_determine_struct          'MOLECULAR REPLACEMENT' 
_refine.pdbx_starting_model                      'ideal alpha helix' 
_refine.pdbx_stereochemistry_target_values       'GeoStd + Monomer Library + CDL v1.2' 
_refine.pdbx_R_Free_selection_details            ? 
_refine.pdbx_stereochem_target_val_spec_case     ? 
_refine.pdbx_overall_ESU_R                       ? 
_refine.pdbx_overall_ESU_R_Free                  ? 
_refine.pdbx_solvent_vdw_probe_radii             1.1100 
_refine.pdbx_solvent_ion_probe_radii             ? 
_refine.pdbx_solvent_shrinkage_radii             0.9000 
_refine.pdbx_real_space_R                        ? 
_refine.pdbx_density_correlation                 ? 
_refine.pdbx_pd_number_of_powder_patterns        ? 
_refine.pdbx_pd_number_of_points                 ? 
_refine.pdbx_pd_meas_number_of_points            ? 
_refine.pdbx_pd_proc_ls_prof_R_factor            ? 
_refine.pdbx_pd_proc_ls_prof_wR_factor           ? 
_refine.pdbx_pd_Marquardt_correlation_coeff      ? 
_refine.pdbx_pd_Fsqrd_R_factor                   ? 
_refine.pdbx_pd_ls_matrix_band_width             ? 
_refine.pdbx_overall_phase_error                 27.0136 
_refine.pdbx_overall_SU_R_free_Cruickshank_DPI   ? 
_refine.pdbx_overall_SU_R_free_Blow_DPI          ? 
_refine.pdbx_overall_SU_R_Blow_DPI               ? 
_refine.pdbx_TLS_residual_ADP_flag               ? 
_refine.pdbx_diffrn_id                           1 
_refine.overall_SU_B                             ? 
_refine.overall_SU_ML                            0.1528 
_refine.overall_SU_R_Cruickshank_DPI             ? 
_refine.overall_SU_R_free                        ? 
_refine.overall_FOM_free_R_set                   ? 
_refine.overall_FOM_work_R_set                   ? 
_refine.pdbx_average_fsc_overall                 ? 
_refine.pdbx_average_fsc_work                    ? 
_refine.pdbx_average_fsc_free                    ? 
# 
_refine_hist.pdbx_refine_id                   'X-RAY DIFFRACTION' 
_refine_hist.cycle_id                         LAST 
_refine_hist.details                          ? 
_refine_hist.d_res_high                       1.26 
_refine_hist.d_res_low                        32.24 
_refine_hist.number_atoms_solvent             46 
_refine_hist.number_atoms_total               340 
_refine_hist.number_reflns_all                ? 
_refine_hist.number_reflns_obs                ? 
_refine_hist.number_reflns_R_free             ? 
_refine_hist.number_reflns_R_work             ? 
_refine_hist.R_factor_all                     ? 
_refine_hist.R_factor_obs                     ? 
_refine_hist.R_factor_R_free                  ? 
_refine_hist.R_factor_R_work                  ? 
_refine_hist.pdbx_number_residues_total       ? 
_refine_hist.pdbx_B_iso_mean_ligand           ? 
_refine_hist.pdbx_B_iso_mean_solvent          ? 
_refine_hist.pdbx_number_atoms_protein        294 
_refine_hist.pdbx_number_atoms_nucleic_acid   0 
_refine_hist.pdbx_number_atoms_ligand         0 
_refine_hist.pdbx_number_atoms_lipid          ? 
_refine_hist.pdbx_number_atoms_carb           ? 
_refine_hist.pdbx_pseudo_atom_details         ? 
# 
loop_
_refine_ls_restr.pdbx_refine_id 
_refine_ls_restr.criterion 
_refine_ls_restr.dev_ideal 
_refine_ls_restr.dev_ideal_target 
_refine_ls_restr.number 
_refine_ls_restr.rejects 
_refine_ls_restr.type 
_refine_ls_restr.weight 
_refine_ls_restr.pdbx_restraint_function 
'X-RAY DIFFRACTION' ? 0.0107  ? 306 ? f_bond_d           ? ? 
'X-RAY DIFFRACTION' ? 0.8959  ? 407 ? f_angle_d          ? ? 
'X-RAY DIFFRACTION' ? 0.0680  ? 39  ? f_chiral_restr     ? ? 
'X-RAY DIFFRACTION' ? 0.0093  ? 54  ? f_plane_restr      ? ? 
'X-RAY DIFFRACTION' ? 17.4423 ? 124 ? f_dihedral_angle_d ? ? 
# 
loop_
_refine_ls_shell.pdbx_refine_id 
_refine_ls_shell.d_res_high 
_refine_ls_shell.d_res_low 
_refine_ls_shell.number_reflns_all 
_refine_ls_shell.number_reflns_obs 
_refine_ls_shell.number_reflns_R_free 
_refine_ls_shell.number_reflns_R_work 
_refine_ls_shell.percent_reflns_obs 
_refine_ls_shell.percent_reflns_R_free 
_refine_ls_shell.R_factor_all 
_refine_ls_shell.R_factor_obs 
_refine_ls_shell.R_factor_R_free 
_refine_ls_shell.R_factor_R_free_error 
_refine_ls_shell.R_factor_R_work 
_refine_ls_shell.redundancy_reflns_all 
_refine_ls_shell.redundancy_reflns_obs 
_refine_ls_shell.wR_factor_all 
_refine_ls_shell.wR_factor_obs 
_refine_ls_shell.wR_factor_R_free 
_refine_ls_shell.wR_factor_R_work 
_refine_ls_shell.pdbx_R_complete 
_refine_ls_shell.pdbx_total_number_of_bins_used 
_refine_ls_shell.pdbx_phase_error 
_refine_ls_shell.pdbx_fsc_work 
_refine_ls_shell.pdbx_fsc_free 
'X-RAY DIFFRACTION' 1.26 1.39  . . 137 2924 99.58 . . . 0.2419 . 0.2250 . . . . . . . . . . . 
'X-RAY DIFFRACTION' 1.39 1.59  . . 150 2928 99.97 . . . 0.2522 . 0.1879 . . . . . . . . . . . 
'X-RAY DIFFRACTION' 1.59 2.00  . . 157 2973 99.87 . . . 0.2154 . 0.2012 . . . . . . . . . . . 
'X-RAY DIFFRACTION' 2.00 32.24 . . 150 3141 99.43 . . . 0.2075 . 0.1874 . . . . . . . . . . . 
# 
_struct.entry_id                     7T5V 
_struct.title                        'Structure of E. coli CapH C-terminal domain I99M mutant' 
_struct.pdbx_model_details           ? 
_struct.pdbx_formula_weight          ? 
_struct.pdbx_formula_weight_method   ? 
_struct.pdbx_model_type_details      ? 
_struct.pdbx_CASP_flag               N 
# 
_struct_keywords.entry_id        7T5V 
_struct_keywords.text            'helix turn helix, HTH, DdrO, DNA BINDING PROTEIN' 
_struct_keywords.pdbx_keywords   'DNA BINDING PROTEIN' 
# 
loop_
_struct_asym.id 
_struct_asym.pdbx_blank_PDB_chainid_flag 
_struct_asym.pdbx_modified 
_struct_asym.entity_id 
_struct_asym.details 
A N N 1 ? 
B N N 2 ? 
# 
_struct_ref.id                         1 
_struct_ref.db_name                    UNP 
_struct_ref.db_code                    A0A1X1LKI5_ECOLX 
_struct_ref.pdbx_db_accession          A0A1X1LKI5 
_struct_ref.pdbx_db_isoform            ? 
_struct_ref.entity_id                  1 
_struct_ref.pdbx_seq_one_letter_code   DDLREPEERHLDDAFFRGYKNLEPEAKAQLRKILDTFKKDF 
_struct_ref.pdbx_align_begin           67 
# 
_struct_ref_seq.align_id                      1 
_struct_ref_seq.ref_id                        1 
_struct_ref_seq.pdbx_PDB_id_code              7T5V 
_struct_ref_seq.pdbx_strand_id                A 
_struct_ref_seq.seq_align_beg                 4 
_struct_ref_seq.pdbx_seq_align_beg_ins_code   ? 
_struct_ref_seq.seq_align_end                 44 
_struct_ref_seq.pdbx_seq_align_end_ins_code   ? 
_struct_ref_seq.pdbx_db_accession             A0A1X1LKI5 
_struct_ref_seq.db_align_beg                  67 
_struct_ref_seq.pdbx_db_align_beg_ins_code    ? 
_struct_ref_seq.db_align_end                  107 
_struct_ref_seq.pdbx_db_align_end_ins_code    ? 
_struct_ref_seq.pdbx_auth_seq_align_beg       67 
_struct_ref_seq.pdbx_auth_seq_align_end       107 
# 
loop_
_struct_ref_seq_dif.align_id 
_struct_ref_seq_dif.pdbx_pdb_id_code 
_struct_ref_seq_dif.mon_id 
_struct_ref_seq_dif.pdbx_pdb_strand_id 
_struct_ref_seq_dif.seq_num 
_struct_ref_seq_dif.pdbx_pdb_ins_code 
_struct_ref_seq_dif.pdbx_seq_db_name 
_struct_ref_seq_dif.pdbx_seq_db_accession_code 
_struct_ref_seq_dif.db_mon_id 
_struct_ref_seq_dif.pdbx_seq_db_seq_num 
_struct_ref_seq_dif.details 
_struct_ref_seq_dif.pdbx_auth_seq_num 
_struct_ref_seq_dif.pdbx_ordinal 
1 7T5V SER A 1  ? UNP A0A1X1LKI5 ?   ?  'expression tag'      64 1 
1 7T5V ASN A 2  ? UNP A0A1X1LKI5 ?   ?  'expression tag'      65 2 
1 7T5V ALA A 3  ? UNP A0A1X1LKI5 ?   ?  'expression tag'      66 3 
1 7T5V MET A 36 ? UNP A0A1X1LKI5 ILE 99 'engineered mutation' 99 4 
# 
_pdbx_struct_assembly.id                   1 
_pdbx_struct_assembly.details              author_and_software_defined_assembly 
_pdbx_struct_assembly.method_details       PISA 
_pdbx_struct_assembly.oligomeric_details   dimeric 
_pdbx_struct_assembly.oligomeric_count     2 
# 
loop_
_pdbx_struct_assembly_prop.biol_id 
_pdbx_struct_assembly_prop.type 
_pdbx_struct_assembly_prop.value 
_pdbx_struct_assembly_prop.details 
1 'ABSA (A^2)' 1810 ? 
1 MORE         -18  ? 
1 'SSA (A^2)'  5310 ? 
# 
_pdbx_struct_assembly_gen.assembly_id       1 
_pdbx_struct_assembly_gen.oper_expression   1,2 
_pdbx_struct_assembly_gen.asym_id_list      A,B 
# 
_pdbx_struct_assembly_auth_evidence.id                     1 
_pdbx_struct_assembly_auth_evidence.assembly_id            1 
_pdbx_struct_assembly_auth_evidence.experimental_support   'gel filtration' 
_pdbx_struct_assembly_auth_evidence.details                ? 
# 
loop_
_pdbx_struct_oper_list.id 
_pdbx_struct_oper_list.type 
_pdbx_struct_oper_list.name 
_pdbx_struct_oper_list.symmetry_operation 
_pdbx_struct_oper_list.matrix[1][1] 
_pdbx_struct_oper_list.matrix[1][2] 
_pdbx_struct_oper_list.matrix[1][3] 
_pdbx_struct_oper_list.vector[1] 
_pdbx_struct_oper_list.matrix[2][1] 
_pdbx_struct_oper_list.matrix[2][2] 
_pdbx_struct_oper_list.matrix[2][3] 
_pdbx_struct_oper_list.vector[2] 
_pdbx_struct_oper_list.matrix[3][1] 
_pdbx_struct_oper_list.matrix[3][2] 
_pdbx_struct_oper_list.matrix[3][3] 
_pdbx_struct_oper_list.vector[3] 
1 'identity operation'         1_555 x,y,z        1.0000000000 0.0000000000 0.0000000000  0.0000000000  0.0000000000 1.0000000000  0.0000000000  0.0000000000 0.0000000000  0.0000000000  1.0000000000  0.0000000000 
2 'crystal symmetry operation' 8_554 -y,-x,-z-1/2 0.3320877931 0.7711920792 -0.5431210497 -0.8280063420 0.7711920792 -0.5535300105 -0.3144317167 1.7547369152 -0.5431210497 -0.3144317167 -0.7785577826 0.4607850669 
# 
loop_
_struct_conf.conf_type_id 
_struct_conf.id 
_struct_conf.pdbx_PDB_helix_id 
_struct_conf.beg_label_comp_id 
_struct_conf.beg_label_asym_id 
_struct_conf.beg_label_seq_id 
_struct_conf.pdbx_beg_PDB_ins_code 
_struct_conf.end_label_comp_id 
_struct_conf.end_label_asym_id 
_struct_conf.end_label_seq_id 
_struct_conf.pdbx_end_PDB_ins_code 
_struct_conf.beg_auth_comp_id 
_struct_conf.beg_auth_asym_id 
_struct_conf.beg_auth_seq_id 
_struct_conf.end_auth_comp_id 
_struct_conf.end_auth_asym_id 
_struct_conf.end_auth_seq_id 
_struct_conf.pdbx_PDB_helix_class 
_struct_conf.details 
_struct_conf.pdbx_PDB_helix_length 
HELX_P HELX_P1 AA1 GLU A 11 ? ASN A 24 ? GLU A 74 ASN A 87  1 ? 14 
HELX_P HELX_P2 AA2 GLU A 26 ? ASP A 43 ? GLU A 89 ASP A 106 1 ? 18 
# 
_struct_conf_type.id          HELX_P 
_struct_conf_type.criteria    ? 
_struct_conf_type.reference   ? 
# 
_pdbx_validate_close_contact.id               1 
_pdbx_validate_close_contact.PDB_model_num    1 
_pdbx_validate_close_contact.auth_atom_id_1   N 
_pdbx_validate_close_contact.auth_asym_id_1   A 
_pdbx_validate_close_contact.auth_comp_id_1   GLU 
_pdbx_validate_close_contact.auth_seq_id_1    74 
_pdbx_validate_close_contact.PDB_ins_code_1   ? 
_pdbx_validate_close_contact.label_alt_id_1   ? 
_pdbx_validate_close_contact.auth_atom_id_2   O 
_pdbx_validate_close_contact.auth_asym_id_2   A 
_pdbx_validate_close_contact.auth_comp_id_2   HOH 
_pdbx_validate_close_contact.auth_seq_id_2    201 
_pdbx_validate_close_contact.PDB_ins_code_2   ? 
_pdbx_validate_close_contact.label_alt_id_2   ? 
_pdbx_validate_close_contact.dist             2.17 
# 
_pdbx_struct_special_symmetry.id              1 
_pdbx_struct_special_symmetry.PDB_model_num   1 
_pdbx_struct_special_symmetry.auth_asym_id    A 
_pdbx_struct_special_symmetry.auth_comp_id    HOH 
_pdbx_struct_special_symmetry.auth_seq_id     246 
_pdbx_struct_special_symmetry.PDB_ins_code    ? 
_pdbx_struct_special_symmetry.label_asym_id   B 
_pdbx_struct_special_symmetry.label_comp_id   HOH 
_pdbx_struct_special_symmetry.label_seq_id    . 
# 
loop_
_space_group_symop.id 
_space_group_symop.operation_xyz 
1 x,y,z               
2 -y+1/2,x+1/2,z+3/4  
3 y+1/2,-x+1/2,z+1/4  
4 x+1/2,-y+1/2,-z+1/4 
5 -x+1/2,y+1/2,-z+3/4 
6 -x,-y,z+1/2         
7 y,x,-z              
8 -y,-x,-z+1/2        
# 
loop_
_pdbx_unobs_or_zero_occ_residues.id 
_pdbx_unobs_or_zero_occ_residues.PDB_model_num 
_pdbx_unobs_or_zero_occ_residues.polymer_flag 
_pdbx_unobs_or_zero_occ_residues.occupancy_flag 
_pdbx_unobs_or_zero_occ_residues.auth_asym_id 
_pdbx_unobs_or_zero_occ_residues.auth_comp_id 
_pdbx_unobs_or_zero_occ_residues.auth_seq_id 
_pdbx_unobs_or_zero_occ_residues.PDB_ins_code 
_pdbx_unobs_or_zero_occ_residues.label_asym_id 
_pdbx_unobs_or_zero_occ_residues.label_comp_id 
_pdbx_unobs_or_zero_occ_residues.label_seq_id 
1  1 Y 1 A SER 64 ? A SER 1  
2  1 Y 1 A ASN 65 ? A ASN 2  
3  1 Y 1 A ALA 66 ? A ALA 3  
4  1 Y 1 A ASP 67 ? A ASP 4  
5  1 Y 1 A ASP 68 ? A ASP 5  
6  1 Y 1 A LEU 69 ? A LEU 6  
7  1 Y 1 A ARG 70 ? A ARG 7  
8  1 Y 1 A GLU 71 ? A GLU 8  
9  1 Y 1 A PRO 72 ? A PRO 9  
10 1 Y 1 A GLU 73 ? A GLU 10 
# 
loop_
_chem_comp_atom.comp_id 
_chem_comp_atom.atom_id 
_chem_comp_atom.type_symbol 
_chem_comp_atom.pdbx_aromatic_flag 
_chem_comp_atom.pdbx_stereo_config 
_chem_comp_atom.pdbx_ordinal 
ALA N    N N N 1   
ALA CA   C N S 2   
ALA C    C N N 3   
ALA O    O N N 4   
ALA CB   C N N 5   
ALA OXT  O N N 6   
ALA H    H N N 7   
ALA H2   H N N 8   
ALA HA   H N N 9   
ALA HB1  H N N 10  
ALA HB2  H N N 11  
ALA HB3  H N N 12  
ALA HXT  H N N 13  
ARG N    N N N 14  
ARG CA   C N S 15  
ARG C    C N N 16  
ARG O    O N N 17  
ARG CB   C N N 18  
ARG CG   C N N 19  
ARG CD   C N N 20  
ARG NE   N N N 21  
ARG CZ   C N N 22  
ARG NH1  N N N 23  
ARG NH2  N N N 24  
ARG OXT  O N N 25  
ARG H    H N N 26  
ARG H2   H N N 27  
ARG HA   H N N 28  
ARG HB2  H N N 29  
ARG HB3  H N N 30  
ARG HG2  H N N 31  
ARG HG3  H N N 32  
ARG HD2  H N N 33  
ARG HD3  H N N 34  
ARG HE   H N N 35  
ARG HH11 H N N 36  
ARG HH12 H N N 37  
ARG HH21 H N N 38  
ARG HH22 H N N 39  
ARG HXT  H N N 40  
ASN N    N N N 41  
ASN CA   C N S 42  
ASN C    C N N 43  
ASN O    O N N 44  
ASN CB   C N N 45  
ASN CG   C N N 46  
ASN OD1  O N N 47  
ASN ND2  N N N 48  
ASN OXT  O N N 49  
ASN H    H N N 50  
ASN H2   H N N 51  
ASN HA   H N N 52  
ASN HB2  H N N 53  
ASN HB3  H N N 54  
ASN HD21 H N N 55  
ASN HD22 H N N 56  
ASN HXT  H N N 57  
ASP N    N N N 58  
ASP CA   C N S 59  
ASP C    C N N 60  
ASP O    O N N 61  
ASP CB   C N N 62  
ASP CG   C N N 63  
ASP OD1  O N N 64  
ASP OD2  O N N 65  
ASP OXT  O N N 66  
ASP H    H N N 67  
ASP H2   H N N 68  
ASP HA   H N N 69  
ASP HB2  H N N 70  
ASP HB3  H N N 71  
ASP HD2  H N N 72  
ASP HXT  H N N 73  
GLN N    N N N 74  
GLN CA   C N S 75  
GLN C    C N N 76  
GLN O    O N N 77  
GLN CB   C N N 78  
GLN CG   C N N 79  
GLN CD   C N N 80  
GLN OE1  O N N 81  
GLN NE2  N N N 82  
GLN OXT  O N N 83  
GLN H    H N N 84  
GLN H2   H N N 85  
GLN HA   H N N 86  
GLN HB2  H N N 87  
GLN HB3  H N N 88  
GLN HG2  H N N 89  
GLN HG3  H N N 90  
GLN HE21 H N N 91  
GLN HE22 H N N 92  
GLN HXT  H N N 93  
GLU N    N N N 94  
GLU CA   C N S 95  
GLU C    C N N 96  
GLU O    O N N 97  
GLU CB   C N N 98  
GLU CG   C N N 99  
GLU CD   C N N 100 
GLU OE1  O N N 101 
GLU OE2  O N N 102 
GLU OXT  O N N 103 
GLU H    H N N 104 
GLU H2   H N N 105 
GLU HA   H N N 106 
GLU HB2  H N N 107 
GLU HB3  H N N 108 
GLU HG2  H N N 109 
GLU HG3  H N N 110 
GLU HE2  H N N 111 
GLU HXT  H N N 112 
GLY N    N N N 113 
GLY CA   C N N 114 
GLY C    C N N 115 
GLY O    O N N 116 
GLY OXT  O N N 117 
GLY H    H N N 118 
GLY H2   H N N 119 
GLY HA2  H N N 120 
GLY HA3  H N N 121 
GLY HXT  H N N 122 
HIS N    N N N 123 
HIS CA   C N S 124 
HIS C    C N N 125 
HIS O    O N N 126 
HIS CB   C N N 127 
HIS CG   C Y N 128 
HIS ND1  N Y N 129 
HIS CD2  C Y N 130 
HIS CE1  C Y N 131 
HIS NE2  N Y N 132 
HIS OXT  O N N 133 
HIS H    H N N 134 
HIS H2   H N N 135 
HIS HA   H N N 136 
HIS HB2  H N N 137 
HIS HB3  H N N 138 
HIS HD1  H N N 139 
HIS HD2  H N N 140 
HIS HE1  H N N 141 
HIS HE2  H N N 142 
HIS HXT  H N N 143 
HOH O    O N N 144 
HOH H1   H N N 145 
HOH H2   H N N 146 
ILE N    N N N 147 
ILE CA   C N S 148 
ILE C    C N N 149 
ILE O    O N N 150 
ILE CB   C N S 151 
ILE CG1  C N N 152 
ILE CG2  C N N 153 
ILE CD1  C N N 154 
ILE OXT  O N N 155 
ILE H    H N N 156 
ILE H2   H N N 157 
ILE HA   H N N 158 
ILE HB   H N N 159 
ILE HG12 H N N 160 
ILE HG13 H N N 161 
ILE HG21 H N N 162 
ILE HG22 H N N 163 
ILE HG23 H N N 164 
ILE HD11 H N N 165 
ILE HD12 H N N 166 
ILE HD13 H N N 167 
ILE HXT  H N N 168 
LEU N    N N N 169 
LEU CA   C N S 170 
LEU C    C N N 171 
LEU O    O N N 172 
LEU CB   C N N 173 
LEU CG   C N N 174 
LEU CD1  C N N 175 
LEU CD2  C N N 176 
LEU OXT  O N N 177 
LEU H    H N N 178 
LEU H2   H N N 179 
LEU HA   H N N 180 
LEU HB2  H N N 181 
LEU HB3  H N N 182 
LEU HG   H N N 183 
LEU HD11 H N N 184 
LEU HD12 H N N 185 
LEU HD13 H N N 186 
LEU HD21 H N N 187 
LEU HD22 H N N 188 
LEU HD23 H N N 189 
LEU HXT  H N N 190 
LYS N    N N N 191 
LYS CA   C N S 192 
LYS C    C N N 193 
LYS O    O N N 194 
LYS CB   C N N 195 
LYS CG   C N N 196 
LYS CD   C N N 197 
LYS CE   C N N 198 
LYS NZ   N N N 199 
LYS OXT  O N N 200 
LYS H    H N N 201 
LYS H2   H N N 202 
LYS HA   H N N 203 
LYS HB2  H N N 204 
LYS HB3  H N N 205 
LYS HG2  H N N 206 
LYS HG3  H N N 207 
LYS HD2  H N N 208 
LYS HD3  H N N 209 
LYS HE2  H N N 210 
LYS HE3  H N N 211 
LYS HZ1  H N N 212 
LYS HZ2  H N N 213 
LYS HZ3  H N N 214 
LYS HXT  H N N 215 
MET N    N N N 216 
MET CA   C N S 217 
MET C    C N N 218 
MET O    O N N 219 
MET CB   C N N 220 
MET CG   C N N 221 
MET SD   S N N 222 
MET CE   C N N 223 
MET OXT  O N N 224 
MET H    H N N 225 
MET H2   H N N 226 
MET HA   H N N 227 
MET HB2  H N N 228 
MET HB3  H N N 229 
MET HG2  H N N 230 
MET HG3  H N N 231 
MET HE1  H N N 232 
MET HE2  H N N 233 
MET HE3  H N N 234 
MET HXT  H N N 235 
PHE N    N N N 236 
PHE CA   C N S 237 
PHE C    C N N 238 
PHE O    O N N 239 
PHE CB   C N N 240 
PHE CG   C Y N 241 
PHE CD1  C Y N 242 
PHE CD2  C Y N 243 
PHE CE1  C Y N 244 
PHE CE2  C Y N 245 
PHE CZ   C Y N 246 
PHE OXT  O N N 247 
PHE H    H N N 248 
PHE H2   H N N 249 
PHE HA   H N N 250 
PHE HB2  H N N 251 
PHE HB3  H N N 252 
PHE HD1  H N N 253 
PHE HD2  H N N 254 
PHE HE1  H N N 255 
PHE HE2  H N N 256 
PHE HZ   H N N 257 
PHE HXT  H N N 258 
PRO N    N N N 259 
PRO CA   C N S 260 
PRO C    C N N 261 
PRO O    O N N 262 
PRO CB   C N N 263 
PRO CG   C N N 264 
PRO CD   C N N 265 
PRO OXT  O N N 266 
PRO H    H N N 267 
PRO HA   H N N 268 
PRO HB2  H N N 269 
PRO HB3  H N N 270 
PRO HG2  H N N 271 
PRO HG3  H N N 272 
PRO HD2  H N N 273 
PRO HD3  H N N 274 
PRO HXT  H N N 275 
SER N    N N N 276 
SER CA   C N S 277 
SER C    C N N 278 
SER O    O N N 279 
SER CB   C N N 280 
SER OG   O N N 281 
SER OXT  O N N 282 
SER H    H N N 283 
SER H2   H N N 284 
SER HA   H N N 285 
SER HB2  H N N 286 
SER HB3  H N N 287 
SER HG   H N N 288 
SER HXT  H N N 289 
THR N    N N N 290 
THR CA   C N S 291 
THR C    C N N 292 
THR O    O N N 293 
THR CB   C N R 294 
THR OG1  O N N 295 
THR CG2  C N N 296 
THR OXT  O N N 297 
THR H    H N N 298 
THR H2   H N N 299 
THR HA   H N N 300 
THR HB   H N N 301 
THR HG1  H N N 302 
THR HG21 H N N 303 
THR HG22 H N N 304 
THR HG23 H N N 305 
THR HXT  H N N 306 
TYR N    N N N 307 
TYR CA   C N S 308 
TYR C    C N N 309 
TYR O    O N N 310 
TYR CB   C N N 311 
TYR CG   C Y N 312 
TYR CD1  C Y N 313 
TYR CD2  C Y N 314 
TYR CE1  C Y N 315 
TYR CE2  C Y N 316 
TYR CZ   C Y N 317 
TYR OH   O N N 318 
TYR OXT  O N N 319 
TYR H    H N N 320 
TYR H2   H N N 321 
TYR HA   H N N 322 
TYR HB2  H N N 323 
TYR HB3  H N N 324 
TYR HD1  H N N 325 
TYR HD2  H N N 326 
TYR HE1  H N N 327 
TYR HE2  H N N 328 
TYR HH   H N N 329 
TYR HXT  H N N 330 
# 
loop_
_chem_comp_bond.comp_id 
_chem_comp_bond.atom_id_1 
_chem_comp_bond.atom_id_2 
_chem_comp_bond.value_order 
_chem_comp_bond.pdbx_aromatic_flag 
_chem_comp_bond.pdbx_stereo_config 
_chem_comp_bond.pdbx_ordinal 
ALA N   CA   sing N N 1   
ALA N   H    sing N N 2   
ALA N   H2   sing N N 3   
ALA CA  C    sing N N 4   
ALA CA  CB   sing N N 5   
ALA CA  HA   sing N N 6   
ALA C   O    doub N N 7   
ALA C   OXT  sing N N 8   
ALA CB  HB1  sing N N 9   
ALA CB  HB2  sing N N 10  
ALA CB  HB3  sing N N 11  
ALA OXT HXT  sing N N 12  
ARG N   CA   sing N N 13  
ARG N   H    sing N N 14  
ARG N   H2   sing N N 15  
ARG CA  C    sing N N 16  
ARG CA  CB   sing N N 17  
ARG CA  HA   sing N N 18  
ARG C   O    doub N N 19  
ARG C   OXT  sing N N 20  
ARG CB  CG   sing N N 21  
ARG CB  HB2  sing N N 22  
ARG CB  HB3  sing N N 23  
ARG CG  CD   sing N N 24  
ARG CG  HG2  sing N N 25  
ARG CG  HG3  sing N N 26  
ARG CD  NE   sing N N 27  
ARG CD  HD2  sing N N 28  
ARG CD  HD3  sing N N 29  
ARG NE  CZ   sing N N 30  
ARG NE  HE   sing N N 31  
ARG CZ  NH1  sing N N 32  
ARG CZ  NH2  doub N N 33  
ARG NH1 HH11 sing N N 34  
ARG NH1 HH12 sing N N 35  
ARG NH2 HH21 sing N N 36  
ARG NH2 HH22 sing N N 37  
ARG OXT HXT  sing N N 38  
ASN N   CA   sing N N 39  
ASN N   H    sing N N 40  
ASN N   H2   sing N N 41  
ASN CA  C    sing N N 42  
ASN CA  CB   sing N N 43  
ASN CA  HA   sing N N 44  
ASN C   O    doub N N 45  
ASN C   OXT  sing N N 46  
ASN CB  CG   sing N N 47  
ASN CB  HB2  sing N N 48  
ASN CB  HB3  sing N N 49  
ASN CG  OD1  doub N N 50  
ASN CG  ND2  sing N N 51  
ASN ND2 HD21 sing N N 52  
ASN ND2 HD22 sing N N 53  
ASN OXT HXT  sing N N 54  
ASP N   CA   sing N N 55  
ASP N   H    sing N N 56  
ASP N   H2   sing N N 57  
ASP CA  C    sing N N 58  
ASP CA  CB   sing N N 59  
ASP CA  HA   sing N N 60  
ASP C   O    doub N N 61  
ASP C   OXT  sing N N 62  
ASP CB  CG   sing N N 63  
ASP CB  HB2  sing N N 64  
ASP CB  HB3  sing N N 65  
ASP CG  OD1  doub N N 66  
ASP CG  OD2  sing N N 67  
ASP OD2 HD2  sing N N 68  
ASP OXT HXT  sing N N 69  
GLN N   CA   sing N N 70  
GLN N   H    sing N N 71  
GLN N   H2   sing N N 72  
GLN CA  C    sing N N 73  
GLN CA  CB   sing N N 74  
GLN CA  HA   sing N N 75  
GLN C   O    doub N N 76  
GLN C   OXT  sing N N 77  
GLN CB  CG   sing N N 78  
GLN CB  HB2  sing N N 79  
GLN CB  HB3  sing N N 80  
GLN CG  CD   sing N N 81  
GLN CG  HG2  sing N N 82  
GLN CG  HG3  sing N N 83  
GLN CD  OE1  doub N N 84  
GLN CD  NE2  sing N N 85  
GLN NE2 HE21 sing N N 86  
GLN NE2 HE22 sing N N 87  
GLN OXT HXT  sing N N 88  
GLU N   CA   sing N N 89  
GLU N   H    sing N N 90  
GLU N   H2   sing N N 91  
GLU CA  C    sing N N 92  
GLU CA  CB   sing N N 93  
GLU CA  HA   sing N N 94  
GLU C   O    doub N N 95  
GLU C   OXT  sing N N 96  
GLU CB  CG   sing N N 97  
GLU CB  HB2  sing N N 98  
GLU CB  HB3  sing N N 99  
GLU CG  CD   sing N N 100 
GLU CG  HG2  sing N N 101 
GLU CG  HG3  sing N N 102 
GLU CD  OE1  doub N N 103 
GLU CD  OE2  sing N N 104 
GLU OE2 HE2  sing N N 105 
GLU OXT HXT  sing N N 106 
GLY N   CA   sing N N 107 
GLY N   H    sing N N 108 
GLY N   H2   sing N N 109 
GLY CA  C    sing N N 110 
GLY CA  HA2  sing N N 111 
GLY CA  HA3  sing N N 112 
GLY C   O    doub N N 113 
GLY C   OXT  sing N N 114 
GLY OXT HXT  sing N N 115 
HIS N   CA   sing N N 116 
HIS N   H    sing N N 117 
HIS N   H2   sing N N 118 
HIS CA  C    sing N N 119 
HIS CA  CB   sing N N 120 
HIS CA  HA   sing N N 121 
HIS C   O    doub N N 122 
HIS C   OXT  sing N N 123 
HIS CB  CG   sing N N 124 
HIS CB  HB2  sing N N 125 
HIS CB  HB3  sing N N 126 
HIS CG  ND1  sing Y N 127 
HIS CG  CD2  doub Y N 128 
HIS ND1 CE1  doub Y N 129 
HIS ND1 HD1  sing N N 130 
HIS CD2 NE2  sing Y N 131 
HIS CD2 HD2  sing N N 132 
HIS CE1 NE2  sing Y N 133 
HIS CE1 HE1  sing N N 134 
HIS NE2 HE2  sing N N 135 
HIS OXT HXT  sing N N 136 
HOH O   H1   sing N N 137 
HOH O   H2   sing N N 138 
ILE N   CA   sing N N 139 
ILE N   H    sing N N 140 
ILE N   H2   sing N N 141 
ILE CA  C    sing N N 142 
ILE CA  CB   sing N N 143 
ILE CA  HA   sing N N 144 
ILE C   O    doub N N 145 
ILE C   OXT  sing N N 146 
ILE CB  CG1  sing N N 147 
ILE CB  CG2  sing N N 148 
ILE CB  HB   sing N N 149 
ILE CG1 CD1  sing N N 150 
ILE CG1 HG12 sing N N 151 
ILE CG1 HG13 sing N N 152 
ILE CG2 HG21 sing N N 153 
ILE CG2 HG22 sing N N 154 
ILE CG2 HG23 sing N N 155 
ILE CD1 HD11 sing N N 156 
ILE CD1 HD12 sing N N 157 
ILE CD1 HD13 sing N N 158 
ILE OXT HXT  sing N N 159 
LEU N   CA   sing N N 160 
LEU N   H    sing N N 161 
LEU N   H2   sing N N 162 
LEU CA  C    sing N N 163 
LEU CA  CB   sing N N 164 
LEU CA  HA   sing N N 165 
LEU C   O    doub N N 166 
LEU C   OXT  sing N N 167 
LEU CB  CG   sing N N 168 
LEU CB  HB2  sing N N 169 
LEU CB  HB3  sing N N 170 
LEU CG  CD1  sing N N 171 
LEU CG  CD2  sing N N 172 
LEU CG  HG   sing N N 173 
LEU CD1 HD11 sing N N 174 
LEU CD1 HD12 sing N N 175 
LEU CD1 HD13 sing N N 176 
LEU CD2 HD21 sing N N 177 
LEU CD2 HD22 sing N N 178 
LEU CD2 HD23 sing N N 179 
LEU OXT HXT  sing N N 180 
LYS N   CA   sing N N 181 
LYS N   H    sing N N 182 
LYS N   H2   sing N N 183 
LYS CA  C    sing N N 184 
LYS CA  CB   sing N N 185 
LYS CA  HA   sing N N 186 
LYS C   O    doub N N 187 
LYS C   OXT  sing N N 188 
LYS CB  CG   sing N N 189 
LYS CB  HB2  sing N N 190 
LYS CB  HB3  sing N N 191 
LYS CG  CD   sing N N 192 
LYS CG  HG2  sing N N 193 
LYS CG  HG3  sing N N 194 
LYS CD  CE   sing N N 195 
LYS CD  HD2  sing N N 196 
LYS CD  HD3  sing N N 197 
LYS CE  NZ   sing N N 198 
LYS CE  HE2  sing N N 199 
LYS CE  HE3  sing N N 200 
LYS NZ  HZ1  sing N N 201 
LYS NZ  HZ2  sing N N 202 
LYS NZ  HZ3  sing N N 203 
LYS OXT HXT  sing N N 204 
MET N   CA   sing N N 205 
MET N   H    sing N N 206 
MET N   H2   sing N N 207 
MET CA  C    sing N N 208 
MET CA  CB   sing N N 209 
MET CA  HA   sing N N 210 
MET C   O    doub N N 211 
MET C   OXT  sing N N 212 
MET CB  CG   sing N N 213 
MET CB  HB2  sing N N 214 
MET CB  HB3  sing N N 215 
MET CG  SD   sing N N 216 
MET CG  HG2  sing N N 217 
MET CG  HG3  sing N N 218 
MET SD  CE   sing N N 219 
MET CE  HE1  sing N N 220 
MET CE  HE2  sing N N 221 
MET CE  HE3  sing N N 222 
MET OXT HXT  sing N N 223 
PHE N   CA   sing N N 224 
PHE N   H    sing N N 225 
PHE N   H2   sing N N 226 
PHE CA  C    sing N N 227 
PHE CA  CB   sing N N 228 
PHE CA  HA   sing N N 229 
PHE C   O    doub N N 230 
PHE C   OXT  sing N N 231 
PHE CB  CG   sing N N 232 
PHE CB  HB2  sing N N 233 
PHE CB  HB3  sing N N 234 
PHE CG  CD1  doub Y N 235 
PHE CG  CD2  sing Y N 236 
PHE CD1 CE1  sing Y N 237 
PHE CD1 HD1  sing N N 238 
PHE CD2 CE2  doub Y N 239 
PHE CD2 HD2  sing N N 240 
PHE CE1 CZ   doub Y N 241 
PHE CE1 HE1  sing N N 242 
PHE CE2 CZ   sing Y N 243 
PHE CE2 HE2  sing N N 244 
PHE CZ  HZ   sing N N 245 
PHE OXT HXT  sing N N 246 
PRO N   CA   sing N N 247 
PRO N   CD   sing N N 248 
PRO N   H    sing N N 249 
PRO CA  C    sing N N 250 
PRO CA  CB   sing N N 251 
PRO CA  HA   sing N N 252 
PRO C   O    doub N N 253 
PRO C   OXT  sing N N 254 
PRO CB  CG   sing N N 255 
PRO CB  HB2  sing N N 256 
PRO CB  HB3  sing N N 257 
PRO CG  CD   sing N N 258 
PRO CG  HG2  sing N N 259 
PRO CG  HG3  sing N N 260 
PRO CD  HD2  sing N N 261 
PRO CD  HD3  sing N N 262 
PRO OXT HXT  sing N N 263 
SER N   CA   sing N N 264 
SER N   H    sing N N 265 
SER N   H2   sing N N 266 
SER CA  C    sing N N 267 
SER CA  CB   sing N N 268 
SER CA  HA   sing N N 269 
SER C   O    doub N N 270 
SER C   OXT  sing N N 271 
SER CB  OG   sing N N 272 
SER CB  HB2  sing N N 273 
SER CB  HB3  sing N N 274 
SER OG  HG   sing N N 275 
SER OXT HXT  sing N N 276 
THR N   CA   sing N N 277 
THR N   H    sing N N 278 
THR N   H2   sing N N 279 
THR CA  C    sing N N 280 
THR CA  CB   sing N N 281 
THR CA  HA   sing N N 282 
THR C   O    doub N N 283 
THR C   OXT  sing N N 284 
THR CB  OG1  sing N N 285 
THR CB  CG2  sing N N 286 
THR CB  HB   sing N N 287 
THR OG1 HG1  sing N N 288 
THR CG2 HG21 sing N N 289 
THR CG2 HG22 sing N N 290 
THR CG2 HG23 sing N N 291 
THR OXT HXT  sing N N 292 
TYR N   CA   sing N N 293 
TYR N   H    sing N N 294 
TYR N   H2   sing N N 295 
TYR CA  C    sing N N 296 
TYR CA  CB   sing N N 297 
TYR CA  HA   sing N N 298 
TYR C   O    doub N N 299 
TYR C   OXT  sing N N 300 
TYR CB  CG   sing N N 301 
TYR CB  HB2  sing N N 302 
TYR CB  HB3  sing N N 303 
TYR CG  CD1  doub Y N 304 
TYR CG  CD2  sing Y N 305 
TYR CD1 CE1  sing Y N 306 
TYR CD1 HD1  sing N N 307 
TYR CD2 CE2  doub Y N 308 
TYR CD2 HD2  sing N N 309 
TYR CE1 CZ   doub Y N 310 
TYR CE1 HE1  sing N N 311 
TYR CE2 CZ   sing Y N 312 
TYR CE2 HE2  sing N N 313 
TYR CZ  OH   sing N N 314 
TYR OH  HH   sing N N 315 
TYR OXT HXT  sing N N 316 
# 
_pdbx_audit_support.funding_organization   
'National Institutes of Health/National Institute Of Allergy and Infectious Diseases (NIH/NIAID)' 
_pdbx_audit_support.country                'United States' 
_pdbx_audit_support.grant_number           'R21 AI148814' 
_pdbx_audit_support.ordinal                1 
# 
_pdbx_initial_refinement_model.accession_code   ? 
_pdbx_initial_refinement_model.id               1 
_pdbx_initial_refinement_model.entity_id_list   ? 
_pdbx_initial_refinement_model.type             'in silico model' 
_pdbx_initial_refinement_model.source_name      Other 
_pdbx_initial_refinement_model.details          'ideal alpha helix' 
# 
_pdbx_related_exp_data_set.data_reference       10.15785/SBGRID/868 
_pdbx_related_exp_data_set.data_set_type        'diffraction image data' 
_pdbx_related_exp_data_set.details              ? 
_pdbx_related_exp_data_set.metadata_reference   10.15785/SBGRID/868 
_pdbx_related_exp_data_set.ordinal              1 
# 
_space_group.name_H-M_alt     'P 43 21 2' 
_space_group.name_Hall        'P 4nw 2abw' 
_space_group.IT_number        96 
_space_group.crystal_system   tetragonal 
_space_group.id               1 
# 
_atom_sites.entry_id                    7T5V 
_atom_sites.Cartn_transf_matrix[1][1]   ? 
_atom_sites.Cartn_transf_matrix[1][2]   ? 
_atom_sites.Cartn_transf_matrix[1][3]   ? 
_atom_sites.Cartn_transf_matrix[2][1]   ? 
_atom_sites.Cartn_transf_matrix[2][2]   ? 
_atom_sites.Cartn_transf_matrix[2][3]   ? 
_atom_sites.Cartn_transf_matrix[3][1]   ? 
_atom_sites.Cartn_transf_matrix[3][2]   ? 
_atom_sites.Cartn_transf_matrix[3][3]   ? 
_atom_sites.Cartn_transf_vector[1]      ? 
_atom_sites.Cartn_transf_vector[2]      ? 
_atom_sites.Cartn_transf_vector[3]      ? 
_atom_sites.fract_transf_matrix[1][1]   -0.00664393 
_atom_sites.fract_transf_matrix[1][2]   -0.01186367 
_atom_sites.fract_transf_matrix[1][3]   0.02222319 
_atom_sites.fract_transf_matrix[2][1]   0.02342542 
_atom_sites.fract_transf_matrix[2][2]   0.00554453 
_atom_sites.fract_transf_matrix[2][3]   0.00996326 
_atom_sites.fract_transf_matrix[3][1]   -0.00598495 
_atom_sites.fract_transf_matrix[3][2]   0.01454684 
_atom_sites.fract_transf_matrix[3][3]   0.00597643 
_atom_sites.fract_transf_vector[1]      -0.219786 
_atom_sites.fract_transf_vector[2]      0.224862 
_atom_sites.fract_transf_vector[3]      -0.266616 
_atom_sites.solution_primary            ? 
_atom_sites.solution_secondary          ? 
_atom_sites.solution_hydrogens          ? 
_atom_sites.special_details             ? 
# 
loop_
_atom_type.symbol 
_atom_type.scat_dispersion_real 
_atom_type.scat_dispersion_imag 
_atom_type.scat_Cromer_Mann_a1 
_atom_type.scat_Cromer_Mann_a2 
_atom_type.scat_Cromer_Mann_a3 
_atom_type.scat_Cromer_Mann_a4 
_atom_type.scat_Cromer_Mann_b1 
_atom_type.scat_Cromer_Mann_b2 
_atom_type.scat_Cromer_Mann_b3 
_atom_type.scat_Cromer_Mann_b4 
_atom_type.scat_Cromer_Mann_c 
_atom_type.scat_source 
_atom_type.scat_dispersion_source 
C   ? ? 3.54356 2.42580 ? ? 25.62398 1.50364  ? ? 0.0 
;2-Gaussian fit: Grosse-Kunstleve RW, Sauter NK, Adams PD: Newsletter of the IUCr Commission on Crystallographic Computing 2004, 3, 22-31.
;
? 
H   ? ? 0.51345 0.48472 ? ? 24.73122 6.32584  ? ? 0.0 
;2-Gaussian fit: Grosse-Kunstleve RW, Sauter NK, Adams PD: Newsletter of the IUCr Commission on Crystallographic Computing 2004, 3, 22-31.
;
? 
N   ? ? 4.01032 2.96436 ? ? 19.97189 1.75589  ? ? 0.0 
;2-Gaussian fit: Grosse-Kunstleve RW, Sauter NK, Adams PD: Newsletter of the IUCr Commission on Crystallographic Computing 2004, 3, 22-31.
;
? 
O   ? ? 4.49882 3.47563 ? ? 15.80542 1.70748  ? ? 0.0 
;2-Gaussian fit: Grosse-Kunstleve RW, Sauter NK, Adams PD: Newsletter of the IUCr Commission on Crystallographic Computing 2004, 3, 22-31.
;
? 
O1- ? ? 5.12366 3.84317 ? ? 3.49406  27.47979 ? ? 0.0 
;2-Gaussian fit: Grosse-Kunstleve RW, Sauter NK, Adams PD: Newsletter of the IUCr Commission on Crystallographic Computing 2004, 3, 22-31.
;
? 
S   ? ? 9.55732 6.39887 ? ? 1.23737  29.19336 ? ? 0.0 
;2-Gaussian fit: Grosse-Kunstleve RW, Sauter NK, Adams PD: Newsletter of the IUCr Commission on Crystallographic Computing 2004, 3, 22-31.
;
? 
# 
loop_
_atom_site.group_PDB 
_atom_site.id 
_atom_site.type_symbol 
_atom_site.label_atom_id 
_atom_site.label_alt_id 
_atom_site.label_comp_id 
_atom_site.label_asym_id 
_atom_site.label_entity_id 
_atom_site.label_seq_id 
_atom_site.pdbx_PDB_ins_code 
_atom_site.Cartn_x 
_atom_site.Cartn_y 
_atom_site.Cartn_z 
_atom_site.occupancy 
_atom_site.B_iso_or_equiv 
_atom_site.pdbx_formal_charge 
_atom_site.auth_seq_id 
_atom_site.auth_comp_id 
_atom_site.auth_asym_id 
_atom_site.auth_atom_id 
_atom_site.pdbx_PDB_model_num 
ATOM   1   N N    . GLU A 1 11 ? -11.42413 9.54281   6.85692   1.000 39.64554 ?  74  GLU A N    1 
ATOM   2   C CA   . GLU A 1 11 ? -10.42320 8.55399   7.25658   1.000 38.61882 ?  74  GLU A CA   1 
ATOM   3   C C    . GLU A 1 11 ? -10.76710 7.14396   6.74138   1.000 33.73932 ?  74  GLU A C    1 
ATOM   4   O O    . GLU A 1 11 ? -10.12321 6.64682   5.83729   1.000 30.66976 ?  74  GLU A O    1 
ATOM   5   C CB   . GLU A 1 11 ? -10.25386 8.56575   8.77957   1.000 42.14148 ?  74  GLU A CB   1 
ATOM   6   C CG   . GLU A 1 11 ? -8.79251  8.52186   9.23727   1.000 45.94520 ?  74  GLU A CG   1 
ATOM   7   C CD   . GLU A 1 11 ? -8.64449  8.39417   10.76083  1.000 48.74144 ?  74  GLU A CD   1 
ATOM   8   O OE1  . GLU A 1 11 ? -9.20510  9.25317   11.49501  1.000 49.62950 ?  74  GLU A OE1  1 
ATOM   9   O OE2  . GLU A 1 11 ? -7.97318  7.43208   11.22021  1.000 49.08104 ?  74  GLU A OE2  1 
ATOM   10  H HA   . GLU A 1 11 ? -9.56940  8.78759   6.85991   1.000 46.25836 ?  74  GLU A HA   1 
ATOM   11  H HB2  . GLU A 1 11 ? -10.65028 9.37819   9.13126   1.000 50.48555 ?  74  GLU A HB2  1 
ATOM   12  H HB3  . GLU A 1 11 ? -10.70368 7.79004   9.14947   1.000 50.48555 ?  74  GLU A HB3  1 
ATOM   13  H HG2  . GLU A 1 11 ? -8.35735  7.75683   8.82951   1.000 55.05002 ?  74  GLU A HG2  1 
ATOM   14  H HG3  . GLU A 1 11 ? -8.35117  9.34048   8.96164   1.000 55.05002 ?  74  GLU A HG3  1 
ATOM   15  N N    . ARG A 1 12 ? -11.81093 6.51444   7.28254   1.000 32.07185 ?  75  ARG A N    1 
ATOM   16  C CA   . ARG A 1 12 ? -12.09361 5.12063   6.93704   1.000 30.92625 ?  75  ARG A CA   1 
ATOM   17  C C    . ARG A 1 12 ? -12.41556 4.95562   5.45712   1.000 26.48358 ?  75  ARG A C    1 
ATOM   18  O O    . ARG A 1 12 ? -11.98301 3.98394   4.82473   1.000 25.77378 ?  75  ARG A O    1 
ATOM   19  C CB   . ARG A 1 12 ? -13.24949 4.60645   7.80032   1.000 34.90332 ?  75  ARG A CB   1 
ATOM   20  C CG   . ARG A 1 12 ? -13.45052 3.08663   7.76091   1.000 40.14115 ?  75  ARG A CG   1 
ATOM   21  C CD   . ARG A 1 12 ? -14.65855 2.62125   8.60548   1.000 44.85764 ?  75  ARG A CD   1 
ATOM   22  N NE   . ARG A 1 12 ? -15.89554 3.29782   8.21603   1.000 48.45048 ?  75  ARG A NE   1 
ATOM   23  C CZ   . ARG A 1 12 ? -16.54713 3.08012   7.07699   1.000 51.10895 ?  75  ARG A CZ   1 
ATOM   24  N NH1  . ARG A 1 12 ? -16.13390 2.17503   6.20516   1.000 52.26381 ?  75  ARG A NH1  1 
ATOM   25  N NH2  . ARG A 1 12 ? -17.63680 3.79411   6.80229   1.000 51.99074 ?  75  ARG A NH2  1 
ATOM   26  H H    . ARG A 1 12 ? -12.36182 6.86445   7.84256   1.000 38.40199 ?  75  ARG A H    1 
ATOM   27  H HA   . ARG A 1 12 ? -11.30507 4.58696   7.12224   1.000 37.02728 ?  75  ARG A HA   1 
ATOM   28  H HB2  . ARG A 1 12 ? -13.07987 4.85504   8.72246   1.000 41.79976 ?  75  ARG A HB2  1 
ATOM   29  H HB3  . ARG A 1 12 ? -14.07173 5.01816   7.49159   1.000 41.79976 ?  75  ARG A HB3  1 
ATOM   30  H HG2  . ARG A 1 12 ? -13.60263 2.81118   6.84336   1.000 48.08515 ?  75  ARG A HG2  1 
ATOM   31  H HG3  . ARG A 1 12 ? -12.65614 2.65313   8.11008   1.000 48.08515 ?  75  ARG A HG3  1 
ATOM   32  H HD2  . ARG A 1 12 ? -14.78420 1.66719   8.48350   1.000 53.74494 ?  75  ARG A HD2  1 
ATOM   33  H HD3  . ARG A 1 12 ? -14.48823 2.81661   9.54021   1.000 53.74494 ?  75  ARG A HD3  1 
ATOM   34  H HE   . ARG A 1 12 ? -16.22420 3.87621   8.76103   1.000 58.05635 ?  75  ARG A HE   1 
ATOM   35  H HH11 . ARG A 1 12 ? -15.42858 1.71096   6.36879   1.000 62.63234 ?  75  ARG A HH11 1 
ATOM   36  H HH12 . ARG A 1 12 ? -16.57057 2.05071   5.47479   1.000 62.63234 ?  75  ARG A HH12 1 
ATOM   37  H HH21 . ARG A 1 12 ? -17.91273 4.38891   7.35877   1.000 62.30467 ?  75  ARG A HH21 1 
ATOM   38  H HH22 . ARG A 1 12 ? -18.06472 3.66050   6.06839   1.000 62.30467 ?  75  ARG A HH22 1 
ATOM   39  N N    . HIS A 1 13 ? -13.17870 5.88309   4.88439   1.000 24.92894 ?  76  HIS A N    1 
ATOM   40  C CA   . HIS A 1 13 ? -13.52119 5.77987   3.47117   1.000 24.25982 ?  76  HIS A CA   1 
ATOM   41  C C    . HIS A 1 13 ? -12.30125 5.97361   2.58579   1.000 21.57758 ?  76  HIS A C    1 
ATOM   42  O O    . HIS A 1 13 ? -12.15637 5.28485   1.57538   1.000 21.06223 ?  76  HIS A O    1 
ATOM   43  C CB   . HIS A 1 13 ? -14.63678 6.77010   3.17949   1.000 27.36901 ?  76  HIS A CB   1 
ATOM   44  C CG   . HIS A 1 13 ? -15.99168 6.29683   3.62728   1.000 32.59839 ?  76  HIS A CG   1 
ATOM   45  N ND1  . HIS A 1 13 ? -16.84141 7.06053   4.40676   1.000 35.33684 ?  76  HIS A ND1  1 
ATOM   46  C CD2  . HIS A 1 13 ? -16.67838 5.16044   3.34102   1.000 34.22017 ?  76  HIS A CD2  1 
ATOM   47  C CE1  . HIS A 1 13 ? -17.97168 6.40668   4.60391   1.000 35.81060 ?  76  HIS A CE1  1 
ATOM   48  N NE2  . HIS A 1 13 ? -17.90316 5.25008   3.95997   1.000 35.00307 ?  76  HIS A NE2  1 
ATOM   49  H H    . HIS A 1 13 ? -13.50539 6.57032   5.28512   1.000 29.83051 ?  76  HIS A H    1 
ATOM   50  H HA   . HIS A 1 13 ? -13.85332 4.89326   3.26017   1.000 29.02755 ?  76  HIS A HA   1 
ATOM   51  H HB2  . HIS A 1 13 ? -14.44528 7.60172   3.64061   1.000 32.75858 ?  76  HIS A HB2  1 
ATOM   52  H HB3  . HIS A 1 13 ? -14.67692 6.92304   2.22246   1.000 32.75858 ?  76  HIS A HB3  1 
ATOM   53  H HD1  . HIS A 1 13 ? -16.66108 7.84245   4.71609   1.000 42.31998 ?  76  HIS A HD1  1 
ATOM   54  H HD2  . HIS A 1 13 ? -16.37555 4.45117   2.82127   1.000 40.97998 ?  76  HIS A HD2  1 
ATOM   55  H HE1  . HIS A 1 13 ? -18.69294 6.70663   5.10860   1.000 42.88849 ?  76  HIS A HE1  1 
ATOM   56  N N    . LEU A 1 14 ? -11.37759 6.85795   2.96744   1.000 20.56505 ?  77  LEU A N    1 
ATOM   57  C CA   . LEU A 1 14 ? -10.16642 6.99756   2.17166   1.000 20.96010 ?  77  LEU A CA   1 
ATOM   58  C C    . LEU A 1 14 ? -9.35884  5.71405   2.21873   1.000 18.96847 ?  77  LEU A C    1 
ATOM   59  O O    . LEU A 1 14 ? -8.80919  5.28135   1.20564   1.000 18.40014 ?  77  LEU A O    1 
ATOM   60  C CB   . LEU A 1 14 ? -9.31868  8.16066   2.67605   1.000 21.31288 ?  77  LEU A CB   1 
ATOM   61  C CG   . LEU A 1 14 ? -9.85463  9.57508   2.51178   1.000 22.26730 ?  77  LEU A CG   1 
ATOM   62  C CD1  . LEU A 1 14 ? -8.89095  10.57009  3.15054   1.000 24.00771 ?  77  LEU A CD1  1 
ATOM   63  C CD2  . LEU A 1 14 ? -10.08707 9.87373   1.05269   1.000 24.20719 ?  77  LEU A CD2  1 
ATOM   64  H H    . LEU A 1 14 ? -11.42890 7.36855   3.65755   1.000 24.59384 ?  77  LEU A H    1 
ATOM   65  H HA   . LEU A 1 14 ? -10.41597 7.19027   1.25432   1.000 25.06789 ?  77  LEU A HA   1 
ATOM   66  H HB2  . LEU A 1 14 ? -9.17590  8.02796   3.62627   1.000 25.49123 ?  77  LEU A HB2  1 
ATOM   67  H HB3  . LEU A 1 14 ? -8.47088  8.13014   2.20574   1.000 25.49123 ?  77  LEU A HB3  1 
ATOM   68  H HG   . LEU A 1 14 ? -10.70860 9.66596   2.96277   1.000 26.63653 ?  77  LEU A HG   1 
ATOM   69  H HD11 . LEU A 1 14 ? -9.23997  11.46750  3.03335   1.000 28.72503 ?  77  LEU A HD11 1 
ATOM   70  H HD12 . LEU A 1 14 ? -8.80881  10.36792  4.09567   1.000 28.72503 ?  77  LEU A HD12 1 
ATOM   71  H HD13 . LEU A 1 14 ? -8.02550  10.49284  2.71933   1.000 28.72503 ?  77  LEU A HD13 1 
ATOM   72  H HD21 . LEU A 1 14 ? -10.28471 10.81794  0.95119   1.000 28.96441 ?  77  LEU A HD21 1 
ATOM   73  H HD22 . LEU A 1 14 ? -9.28719  9.64761   0.55274   1.000 28.96441 ?  77  LEU A HD22 1 
ATOM   74  H HD23 . LEU A 1 14 ? -10.83540 9.34336   0.73710   1.000 28.96441 ?  77  LEU A HD23 1 
ATOM   75  N N    . ASP A 1 15 ? -9.30539  5.08867   3.39538   1.000 18.98472 ?  78  ASP A N    1 
ATOM   76  C CA   . ASP A 1 15 ? -8.51314  3.88583   3.58825   1.000 19.85928 ?  78  ASP A CA   1 
ATOM   77  C C    . ASP A 1 15 ? -9.11237  2.70385   2.83634   1.000 19.14639 ?  78  ASP A C    1 
ATOM   78  O O    . ASP A 1 15 ? -8.39687  1.92676   2.20922   1.000 18.25486 ?  78  ASP A O    1 
ATOM   79  C CB   . ASP A 1 15 ? -8.44144  3.55894   5.08822   1.000 20.18990 ?  78  ASP A CB   1 
ATOM   80  C CG   . ASP A 1 15 ? -7.58770  4.53718   5.88404   1.000 21.72117 ?  78  ASP A CG   1 
ATOM   81  O OD1  . ASP A 1 15 ? -6.86410  5.37114   5.30978   1.000 20.87781 ?  78  ASP A OD1  1 
ATOM   82  O OD2  . ASP A 1 15 ? -7.66736  4.44634   7.11738   1.000 22.95439 -1 78  ASP A OD2  1 
ATOM   83  H H    . ASP A 1 15 ? -9.72351  5.34553   4.10164   1.000 22.69744 ?  78  ASP A H    1 
ATOM   84  H HA   . ASP A 1 15 ? -7.61681  4.04194   3.25194   1.000 23.74690 ?  78  ASP A HA   1 
ATOM   85  H HB2  . ASP A 1 15 ? -9.33852  3.58055   5.45656   1.000 24.14365 ?  78  ASP A HB2  1 
ATOM   86  H HB3  . ASP A 1 15 ? -8.05900  2.67429   5.19789   1.000 24.14365 ?  78  ASP A HB3  1 
ATOM   87  N N    . ASP A 1 16 ? -10.43666 2.53422   2.91151   1.000 19.68767 ?  79  ASP A N    1 
ATOM   88  C CA   . ASP A 1 16 ? -11.07644 1.40983   2.22859   1.000 20.48602 ?  79  ASP A CA   1 
ATOM   89  C C    . ASP A 1 16 ? -10.97565 1.55473   0.70903   1.000 18.61599 ?  79  ASP A C    1 
ATOM   90  O O    . ASP A 1 16 ? -10.72926 0.57370   0.00329   1.000 18.76360 ?  79  ASP A O    1 
ATOM   91  C CB   . ASP A 1 16 ? -12.52407 1.25769   2.71050   1.000 22.42369 ?  79  ASP A CB   1 
ATOM   92  C CG   . ASP A 1 16 ? -12.61463 0.66205   4.11897   1.000 23.86448 ?  79  ASP A CG   1 
ATOM   93  O OD1  . ASP A 1 16 ? -11.63469 0.06398   4.60362   1.000 25.25309 ?  79  ASP A OD1  1 
ATOM   94  O OD2  . ASP A 1 16 ? -13.67901 0.77217   4.74102   1.000 25.63619 -1 79  ASP A OD2  1 
ATOM   95  H H    . ASP A 1 16 ? -10.97594 3.04648   3.34322   1.000 23.54097 ?  79  ASP A H    1 
ATOM   96  H HA   . ASP A 1 16 ? -10.61907 0.58632   2.45999   1.000 24.49899 ?  79  ASP A HA   1 
ATOM   97  H HB2  . ASP A 1 16 ? -12.94658 2.13071   2.72532   1.000 26.82420 ?  79  ASP A HB2  1 
ATOM   98  H HB3  . ASP A 1 16 ? -12.99987 0.66911   2.10379   1.000 26.82420 ?  79  ASP A HB3  1 
ATOM   99  N N    . ALA A 1 17 ? -11.09616 2.77487   0.19456   1.000 18.46483 ?  80  ALA A N    1 
ATOM   100 C CA   . ALA A 1 17 ? -10.90550 2.99144   -1.23727  1.000 17.81480 ?  80  ALA A CA   1 
ATOM   101 C C    . ALA A 1 17 ? -9.46431  2.70295   -1.64052  1.000 17.86420 ?  80  ALA A C    1 
ATOM   102 O O    . ALA A 1 17 ? -9.21843  2.03361   -2.63560  1.000 17.65570 ?  80  ALA A O    1 
ATOM   103 C CB   . ALA A 1 17 ? -11.25894 4.42821   -1.59190  1.000 18.96714 ?  80  ALA A CB   1 
ATOM   104 H H    . ALA A 1 17 ? -11.28449 3.48360   0.64380   1.000 22.07357 ?  80  ALA A H    1 
ATOM   105 H HA   . ALA A 1 17 ? -11.49380 2.39621   -1.72767  1.000 21.29353 ?  80  ALA A HA   1 
ATOM   106 H HB1  . ALA A 1 17 ? -11.07932 4.57432   -2.53385  1.000 22.67635 ?  80  ALA A HB1  1 
ATOM   107 H HB2  . ALA A 1 17 ? -12.19963 4.57671   -1.40763  1.000 22.67635 ?  80  ALA A HB2  1 
ATOM   108 H HB3  . ALA A 1 17 ? -10.71797 5.02822   -1.05503  1.000 22.67635 ?  80  ALA A HB3  1 
ATOM   109 N N    . PHE A 1 18 ? -8.51200  3.11794   -0.80680  1.000 17.42536 ?  81  PHE A N    1 
ATOM   110 C CA   . PHE A 1 18 ? -7.10994  2.81685   -1.05218  1.000 17.27779 ?  81  PHE A CA   1 
ATOM   111 C C    . PHE A 1 18 ? -6.89303  1.31437   -1.16970  1.000 16.62464 ?  81  PHE A C    1 
ATOM   112 O O    . PHE A 1 18 ? -6.21612  0.84426   -2.08795  1.000 17.03604 ?  81  PHE A O    1 
ATOM   113 C CB   . PHE A 1 18 ? -6.26135  3.39704   0.07855   1.000 17.33821 ?  81  PHE A CB   1 
ATOM   114 C CG   . PHE A 1 18 ? -4.84265  2.87656   0.10299   1.000 17.40322 ?  81  PHE A CG   1 
ATOM   115 C CD1  . PHE A 1 18 ? -3.92143  3.31033   -0.83772  1.000 18.26861 ?  81  PHE A CD1  1 
ATOM   116 C CD2  . PHE A 1 18 ? -4.46248  1.93088   1.02683   1.000 17.77263 ?  81  PHE A CD2  1 
ATOM   117 C CE1  . PHE A 1 18 ? -2.60805  2.82721   -0.82739  1.000 18.16278 ?  81  PHE A CE1  1 
ATOM   118 C CE2  . PHE A 1 18 ? -3.14643  1.46115   1.05662   1.000 17.92982 ?  81  PHE A CE2  1 
ATOM   119 C CZ   . PHE A 1 18 ? -2.24309  1.88000   0.11620   1.000 17.50259 ?  81  PHE A CZ   1 
ATOM   120 H H    . PHE A 1 18 ? -8.65360  3.57538   -0.09245  1.000 20.82621 ?  81  PHE A H    1 
ATOM   121 H HA   . PHE A 1 18 ? -6.83260  3.22760   -1.88600  1.000 20.64912 ?  81  PHE A HA   1 
ATOM   122 H HB2  . PHE A 1 18 ? -6.22151  4.36076   -0.02422  1.000 20.72163 ?  81  PHE A HB2  1 
ATOM   123 H HB3  . PHE A 1 18 ? -6.67453  3.17062   0.92645   1.000 20.72163 ?  81  PHE A HB3  1 
ATOM   124 H HD1  . PHE A 1 18 ? -4.17896  3.92900   -1.48256  1.000 21.83810 ?  81  PHE A HD1  1 
ATOM   125 H HD2  . PHE A 1 18 ? -5.08463  1.60225   1.63497   1.000 21.24293 ?  81  PHE A HD2  1 
ATOM   126 H HE1  . PHE A 1 18 ? -1.98750  3.13807   -1.44640  1.000 21.71111 ?  81  PHE A HE1  1 
ATOM   127 H HE2  . PHE A 1 18 ? -2.88318  0.86201   1.71740   1.000 21.43156 ?  81  PHE A HE2  1 
ATOM   128 H HZ   . PHE A 1 18 ? -1.38237  1.52781   0.11081   1.000 20.91888 ?  81  PHE A HZ   1 
ATOM   129 N N    . PHE A 1 19 ? -7.44449  0.53152   -0.23315  1.000 17.70406 ?  82  PHE A N    1 
ATOM   130 C CA   . PHE A 1 19 ? -7.22277  -0.91998  -0.27289  1.000 17.31810 ?  82  PHE A CA   1 
ATOM   131 C C    . PHE A 1 19 ? -7.79515  -1.53507  -1.54255  1.000 18.68798 ?  82  PHE A C    1 
ATOM   132 O O    . PHE A 1 19 ? -7.16945  -2.39969  -2.17231  1.000 17.87572 ?  82  PHE A O    1 
ATOM   133 C CB   . PHE A 1 19 ? -7.76481  -1.61375  0.98207   1.000 19.37864 ?  82  PHE A CB   1 
ATOM   134 C CG   . PHE A 1 19 ? -7.36074  -3.05244  1.12189   1.000 19.36918 ?  82  PHE A CG   1 
ATOM   135 C CD1  . PHE A 1 19 ? -6.07055  -3.45554  0.87804   1.000 19.68090 ?  82  PHE A CD1  1 
ATOM   136 C CD2  . PHE A 1 19 ? -8.27402  -3.99823  1.55967   1.000 21.92176 ?  82  PHE A CD2  1 
ATOM   137 C CE1  . PHE A 1 19 ? -5.70669  -4.76054  1.02192   1.000 20.37428 ?  82  PHE A CE1  1 
ATOM   138 C CE2  . PHE A 1 19 ? -7.90857  -5.30603  1.71826   1.000 22.28338 ?  82  PHE A CE2  1 
ATOM   139 C CZ   . PHE A 1 19 ? -6.62692  -5.69165  1.45633   1.000 21.68608 ?  82  PHE A CZ   1 
ATOM   140 H H    . PHE A 1 19 ? -7.93628  0.80666   0.41649   1.000 21.16065 ?  82  PHE A H    1 
ATOM   141 H HA   . PHE A 1 19 ? -6.26503  -1.07374  -0.27328  1.000 20.69749 ?  82  PHE A HA   1 
ATOM   142 H HB2  . PHE A 1 19 ? -7.43710  -1.14035  1.76272   1.000 23.17014 ?  82  PHE A HB2  1 
ATOM   143 H HB3  . PHE A 1 19 ? -8.73402  -1.58281  0.95796   1.000 23.17014 ?  82  PHE A HB3  1 
ATOM   144 H HD1  . PHE A 1 19 ? -5.43691  -2.82930  0.61116   1.000 23.53286 ?  82  PHE A HD1  1 
ATOM   145 H HD2  . PHE A 1 19 ? -9.14731  -3.73985  1.74814   1.000 26.22189 ?  82  PHE A HD2  1 
ATOM   146 H HE1  . PHE A 1 19 ? -4.83637  -5.02400  0.82692   1.000 24.36491 ?  82  PHE A HE1  1 
ATOM   147 H HE2  . PHE A 1 19 ? -8.53358  -5.93234  2.00459   1.000 26.65583 ?  82  PHE A HE2  1 
ATOM   148 H HZ   . PHE A 1 19 ? -6.37425  -6.57940  1.57021   1.000 25.93907 ?  82  PHE A HZ   1 
ATOM   149 N N    . ARG A 1 20 ? -9.00039  -1.11623  -1.91563  1.000 18.60778 ?  83  ARG A N    1 
ATOM   150 C CA   . ARG A 1 20 ? -9.58578  -1.59032  -3.16896  1.000 19.10095 ?  83  ARG A CA   1 
ATOM   151 C C    . ARG A 1 20 ? -8.71685  -1.21792  -4.37064  1.000 18.57314 ?  83  ARG A C    1 
ATOM   152 O O    . ARG A 1 20 ? -8.50402  -2.04480  -5.27148  1.000 19.71435 ?  83  ARG A O    1 
ATOM   153 C CB   . ARG A 1 20 ? -11.01709 -1.03041  -3.28838  1.000 22.66246 ?  83  ARG A CB   1 
ATOM   154 C CG   . ARG A 1 20 ? -11.72325 -1.24268  -4.64320  1.000 29.58377 ?  83  ARG A CG   1 
ATOM   155 C CD   . ARG A 1 20 ? -12.96184 -2.15823  -4.58387  1.000 37.01651 ?  83  ARG A CD   1 
ATOM   156 N NE   . ARG A 1 20 ? -14.15451 -1.58878  -5.22379  1.000 41.76247 ?  83  ARG A NE   1 
ATOM   157 C CZ   . ARG A 1 20 ? -14.28518 -1.34775  -6.52664  1.000 44.08690 ?  83  ARG A CZ   1 
ATOM   158 N NH1  . ARG A 1 20 ? -13.27221 -1.51286  -7.37608  1.000 44.43730 ?  83  ARG A NH1  1 
ATOM   159 N NH2  . ARG A 1 20 ? -15.45840 -0.93186  -6.99284  1.000 44.68020 ?  83  ARG A NH2  1 
ATOM   160 H H    . ARG A 1 20 ? -9.49265  -0.56833  -1.47169  1.000 22.24511 ?  83  ARG A H    1 
ATOM   161 H HA   . ARG A 1 20 ? -9.64246  -2.55866  -3.16593  1.000 22.83691 ?  83  ARG A HA   1 
ATOM   162 H HB2  . ARG A 1 20 ? -11.56540 -1.45652  -2.61111  1.000 27.11072 ?  83  ARG A HB2  1 
ATOM   163 H HB3  . ARG A 1 20 ? -10.98098 -0.07372  -3.13238  1.000 27.11072 ?  83  ARG A HB3  1 
ATOM   164 H HG2  . ARG A 1 20 ? -12.01367 -0.38036  -4.97931  1.000 35.41630 ?  83  ARG A HG2  1 
ATOM   165 H HG3  . ARG A 1 20 ? -11.09279 -1.64444  -5.26125  1.000 35.41630 ?  83  ARG A HG3  1 
ATOM   166 H HD2  . ARG A 1 20 ? -12.75517 -2.99193  -5.03457  1.000 44.33559 ?  83  ARG A HD2  1 
ATOM   167 H HD3  . ARG A 1 20 ? -13.17924 -2.32877  -3.65405  1.000 44.33559 ?  83  ARG A HD3  1 
ATOM   168 H HE   . ARG A 1 20 ? -14.82168 -1.39561  -4.71667  1.000 50.03074 ?  83  ARG A HE   1 
ATOM   169 H HH11 . ARG A 1 20 ? -12.50823 -1.78200  -7.08713  1.000 53.24053 ?  83  ARG A HH11 1 
ATOM   170 H HH12 . ARG A 1 20 ? -13.38230 -1.35029  -8.21338  1.000 53.24053 ?  83  ARG A HH12 1 
ATOM   171 H HH21 . ARG A 1 20 ? -16.12033 -0.82187  -6.45493  1.000 53.53202 ?  83  ARG A HH21 1 
ATOM   172 H HH22 . ARG A 1 20 ? -15.55555 -0.77275  -7.83239  1.000 53.53202 ?  83  ARG A HH22 1 
ATOM   173 N N    . GLY A 1 21 ? -8.20405  0.00839   -4.41190  1.000 18.10614 ?  84  GLY A N    1 
ATOM   174 C CA   . GLY A 1 21 ? -7.30197  0.38636   -5.49520  1.000 18.81447 ?  84  GLY A CA   1 
ATOM   175 C C    . GLY A 1 21 ? -6.02601  -0.43138  -5.50960  1.000 18.81131 ?  84  GLY A C    1 
ATOM   176 O O    . GLY A 1 21 ? -5.55395  -0.84820  -6.56455  1.000 18.95598 ?  84  GLY A O    1 
ATOM   177 H H    . GLY A 1 21 ? -8.35844  0.62918   -3.83711  1.000 21.64314 ?  84  GLY A H    1 
ATOM   178 H HA2  . GLY A 1 21 ? -7.75297  0.26090   -6.34475  1.000 22.49314 ?  84  GLY A HA2  1 
ATOM   179 H HA3  . GLY A 1 21 ? -7.06257  1.32150   -5.39981  1.000 22.49314 ?  84  GLY A HA3  1 
ATOM   180 N N    . TYR A 1 22 ? -5.45035  -0.66574  -4.33400  1.000 18.36858 ?  85  TYR A N    1 
ATOM   181 C CA   . TYR A 1 22 ? -4.24456  -1.48131  -4.21919  1.000 19.33501 ?  85  TYR A CA   1 
ATOM   182 C C    . TYR A 1 22 ? -4.48044  -2.88131  -4.76194  1.000 19.77095 ?  85  TYR A C    1 
ATOM   183 O O    . TYR A 1 22 ? -3.66382  -3.40276  -5.52525  1.000 20.30894 ?  85  TYR A O    1 
ATOM   184 C CB   . TYR A 1 22 ? -3.76507  -1.48172  -2.75656  1.000 18.62682 ?  85  TYR A CB   1 
ATOM   185 C CG   . TYR A 1 22 ? -2.90063  -2.66322  -2.37943  1.000 18.15400 ?  85  TYR A CG   1 
ATOM   186 C CD1  . TYR A 1 22 ? -3.46245  -3.83060  -1.88475  1.000 19.00967 ?  85  TYR A CD1  1 
ATOM   187 C CD2  . TYR A 1 22 ? -1.53239  -2.60413  -2.49121  1.000 17.79593 ?  85  TYR A CD2  1 
ATOM   188 C CE1  . TYR A 1 22 ? -2.69138  -4.90547  -1.55539  1.000 18.97310 ?  85  TYR A CE1  1 
ATOM   189 C CE2  . TYR A 1 22 ? -0.74546  -3.66842  -2.16697  1.000 16.77242 ?  85  TYR A CE2  1 
ATOM   190 C CZ   . TYR A 1 22 ? -1.32484  -4.81901  -1.69498  1.000 18.00781 ?  85  TYR A CZ   1 
ATOM   191 O OH   . TYR A 1 22 ? -0.50415  -5.87086  -1.38841  1.000 18.77933 ?  85  TYR A OH   1 
ATOM   192 H H    . TYR A 1 22 ? -5.73840  -0.36313  -3.58229  1.000 21.95807 ?  85  TYR A H    1 
ATOM   193 H HA   . TYR A 1 22 ? -3.52848  -1.09856  -4.74989  1.000 23.11779 ?  85  TYR A HA   1 
ATOM   194 H HB2  . TYR A 1 22 ? -3.24531  -0.67749  -2.60176  1.000 22.26796 ?  85  TYR A HB2  1 
ATOM   195 H HB3  . TYR A 1 22 ? -4.54261  -1.49097  -2.17670  1.000 22.26796 ?  85  TYR A HB3  1 
ATOM   196 H HD1  . TYR A 1 22 ? -4.38460  -3.88126  -1.77541  1.000 22.72738 ?  85  TYR A HD1  1 
ATOM   197 H HD2  . TYR A 1 22 ? -1.13450  -1.82032  -2.79491  1.000 21.27088 ?  85  TYR A HD2  1 
ATOM   198 H HE1  . TYR A 1 22 ? -3.08385  -5.68751  -1.24028  1.000 22.68349 ?  85  TYR A HE1  1 
ATOM   199 H HE2  . TYR A 1 22 ? 0.17782   -3.61518  -2.26497  1.000 20.04268 ?  85  TYR A HE2  1 
ATOM   200 H HH   . TYR A 1 22 ? -0.96364  -6.54736  -1.19655  1.000 22.45097 ?  85  TYR A HH   1 
ATOM   201 N N    . LYS A 1 23 ? -5.64102  -3.47051  -4.44855  1.000 19.55097 ?  86  LYS A N    1 
ATOM   202 C CA   . LYS A 1 23 ? -5.93930  -4.81379  -4.92165  1.000 21.12369 ?  86  LYS A CA   1 
ATOM   203 C C    . LYS A 1 23 ? -6.16496  -4.87444  -6.42174  1.000 22.29946 ?  86  LYS A C    1 
ATOM   204 O O    . LYS A 1 23 ? -6.02762  -5.95308  -7.00240  1.000 24.70048 ?  86  LYS A O    1 
ATOM   205 C CB   . LYS A 1 23 ? -7.14146  -5.38279  -4.17020  1.000 22.78430 ?  86  LYS A CB   1 
ATOM   206 C CG   . LYS A 1 23 ? -6.80072  -5.79322  -2.75472  1.000 24.58531 ?  86  LYS A CG   1 
ATOM   207 C CD   . LYS A 1 23 ? -7.90582  -6.55478  -2.07255  1.000 28.76029 ?  86  LYS A CD   1 
ATOM   208 C CE   . LYS A 1 23 ? -9.00952  -5.63773  -1.70168  1.000 30.83661 ?  86  LYS A CE   1 
ATOM   209 N NZ   . LYS A 1 23 ? -9.93958  -6.30190  -0.76260  1.000 32.68361 ?  86  LYS A NZ   1 
ATOM   210 H H    . LYS A 1 23 ? -6.25996  -3.11380  -3.96974  1.000 23.37694 ?  86  LYS A H    1 
ATOM   211 H HA   . LYS A 1 23 ? -5.17886  -5.38392  -4.72785  1.000 25.26420 ?  86  LYS A HA   1 
ATOM   212 H HB2  . LYS A 1 23 ? -7.83699  -4.70793  -4.12886  1.000 27.25694 ?  86  LYS A HB2  1 
ATOM   213 H HB3  . LYS A 1 23 ? -7.46680  -6.16611  -4.64078  1.000 27.25694 ?  86  LYS A HB3  1 
ATOM   214 H HG2  . LYS A 1 23 ? -6.01518  -6.36198  -2.77283  1.000 29.41815 ?  86  LYS A HG2  1 
ATOM   215 H HG3  . LYS A 1 23 ? -6.62158  -4.99666  -2.23097  1.000 29.41815 ?  86  LYS A HG3  1 
ATOM   216 H HD2  . LYS A 1 23 ? -8.25418  -7.23179  -2.67355  1.000 34.42812 ?  86  LYS A HD2  1 
ATOM   217 H HD3  . LYS A 1 23 ? -7.56464  -6.97126  -1.26569  1.000 34.42812 ?  86  LYS A HD3  1 
ATOM   218 H HE2  . LYS A 1 23 ? -8.64565  -4.84860  -1.27067  1.000 36.91971 ?  86  LYS A HE2  1 
ATOM   219 H HE3  . LYS A 1 23 ? -9.50240  -5.38356  -2.49753  1.000 36.91971 ?  86  LYS A HE3  1 
ATOM   220 H HZ1  . LYS A 1 23 ? -10.27676 -7.03596  -1.13622  1.000 39.13610 ?  86  LYS A HZ1  1 
ATOM   221 H HZ2  . LYS A 1 23 ? -9.50922  -6.52872  -0.01732  1.000 39.13610 ?  86  LYS A HZ2  1 
ATOM   222 H HZ3  . LYS A 1 23 ? -10.60696 -5.75108  -0.55451  1.000 39.13610 ?  86  LYS A HZ3  1 
ATOM   223 N N    . ASN A 1 24 ? -6.47579  -3.74859  -7.05926  1.000 21.87940 ?  87  ASN A N    1 
ATOM   224 C CA   . ASN A 1 24 ? -6.62227  -3.68335  -8.50336  1.000 22.86483 ?  87  ASN A CA   1 
ATOM   225 C C    . ASN A 1 24 ? -5.30632  -3.45333  -9.23728  1.000 21.68231 ?  87  ASN A C    1 
ATOM   226 O O    . ASN A 1 24 ? -5.28447  -3.49893  -10.46575 1.000 23.17176 ?  87  ASN A O    1 
ATOM   227 C CB   . ASN A 1 24 ? -7.60001  -2.56580  -8.87527  1.000 26.08322 ?  87  ASN A CB   1 
ATOM   228 C CG   . ASN A 1 24 ? -9.02888  -2.89916  -8.51795  1.000 29.97171 ?  87  ASN A CG   1 
ATOM   229 O OD1  . ASN A 1 24 ? -9.37317  -4.06110  -8.32759  1.000 30.35886 ?  87  ASN A OD1  1 
ATOM   230 N ND2  . ASN A 1 24 ? -9.86942  -1.87480  -8.41113  1.000 30.85785 ?  87  ASN A ND2  1 
ATOM   231 H H    . ASN A 1 24 ? -6.60892  -2.99534  -6.66621  1.000 26.17106 ?  87  ASN A H    1 
ATOM   232 H HA   . ASN A 1 24 ? -6.98664  -4.52770  -8.81196  1.000 27.35357 ?  87  ASN A HA   1 
ATOM   233 H HB2  . ASN A 1 24 ? -7.35235  -1.75750  -8.39964  1.000 31.21564 ?  87  ASN A HB2  1 
ATOM   234 H HB3  . ASN A 1 24 ? -7.55751  -2.41378  -9.83234  1.000 31.21564 ?  87  ASN A HB3  1 
ATOM   235 H HD21 . ASN A 1 24 ? -9.58886  -1.07273  -8.54367  1.000 36.94519 ?  87  ASN A HD21 1 
ATOM   236 H HD22 . ASN A 1 24 ? -10.69374 -2.01419  -8.20947  1.000 36.94519 ?  87  ASN A HD22 1 
ATOM   237 N N    . LEU A 1 25 ? -4.21336  -3.21561  -8.53211  1.000 20.45991 ?  88  LEU A N    1 
ATOM   238 C CA   . LEU A 1 25 ? -2.93151  -3.01789  -9.18103  1.000 20.25624 ?  88  LEU A CA   1 
ATOM   239 C C    . LEU A 1 25 ? -2.37176  -4.35473  -9.65335  1.000 19.97727 ?  88  LEU A C    1 
ATOM   240 O O    . LEU A 1 25 ? -2.72894  -5.41803  -9.14868  1.000 20.98002 ?  88  LEU A O    1 
ATOM   241 C CB   . LEU A 1 25 ? -1.92521  -2.39271  -8.20965  1.000 21.69281 ?  88  LEU A CB   1 
ATOM   242 C CG   . LEU A 1 25 ? -2.12025  -0.94700  -7.76144  1.000 22.17169 ?  88  LEU A CG   1 
ATOM   243 C CD1  . LEU A 1 25 ? -1.07774  -0.55678  -6.70091  1.000 23.45797 ?  88  LEU A CD1  1 
ATOM   244 C CD2  . LEU A 1 25 ? -2.05059  -0.01843  -8.97768  1.000 22.88237 ?  88  LEU A CD2  1 
ATOM   245 H H    . LEU A 1 25 ? -4.18776  -3.16382  -7.67405  1.000 24.46767 ?  88  LEU A H    1 
ATOM   246 H HA   . LEU A 1 25 ? -3.05020  -2.42561  -9.93999  1.000 24.22327 ?  88  LEU A HA   1 
ATOM   247 H HB2  . LEU A 1 25 ? -1.92851  -2.93140  -7.40300  1.000 25.94714 ?  88  LEU A HB2  1 
ATOM   248 H HB3  . LEU A 1 25 ? -1.05265  -2.43238  -8.63151  1.000 25.94714 ?  88  LEU A HB3  1 
ATOM   249 H HG   . LEU A 1 25 ? -2.99345  -0.84772  -7.35088  1.000 26.52181 ?  88  LEU A HG   1 
ATOM   250 H HD11 . LEU A 1 25 ? -1.01818  0.41042   -6.65752  1.000 28.06534 ?  88  LEU A HD11 1 
ATOM   251 H HD12 . LEU A 1 25 ? -1.35456  -0.91006  -5.84099  1.000 28.06534 ?  88  LEU A HD12 1 
ATOM   252 H HD13 . LEU A 1 25 ? -0.21808  -0.93025  -6.95072  1.000 28.06534 ?  88  LEU A HD13 1 
ATOM   253 H HD21 . LEU A 1 25 ? -2.19139  0.89575   -8.68551  1.000 27.37462 ?  88  LEU A HD21 1 
ATOM   254 H HD22 . LEU A 1 25 ? -1.17666  -0.10305  -9.38997  1.000 27.37462 ?  88  LEU A HD22 1 
ATOM   255 H HD23 . LEU A 1 25 ? -2.74066  -0.27366  -9.60980  1.000 27.37462 ?  88  LEU A HD23 1 
ATOM   256 N N    . GLU A 1 26 ? -1.45777  -4.28529  -10.60734 1.000 20.60687 ?  89  GLU A N    1 
ATOM   257 C CA   . GLU A 1 26 ? -0.68267  -5.45051  -10.98532 1.000 20.93706 ?  89  GLU A CA   1 
ATOM   258 C C    . GLU A 1 26 ? 0.13598   -5.94684  -9.79020  1.000 20.10877 ?  89  GLU A C    1 
ATOM   259 O O    . GLU A 1 26 ? 0.54275   -5.14959  -8.93665  1.000 19.27634 ?  89  GLU A O    1 
ATOM   260 C CB   . GLU A 1 26 ? 0.26506   -5.09384  -12.14126 1.000 23.06818 ?  89  GLU A CB   1 
ATOM   261 C CG   . GLU A 1 26 ? -0.41496  -4.67714  -13.44066 1.000 25.83255 ?  89  GLU A CG   1 
ATOM   262 C CD   . GLU A 1 26 ? -1.34586  -5.73754  -13.95024 1.000 29.24840 ?  89  GLU A CD   1 
ATOM   263 O OE1  . GLU A 1 26 ? -0.97381  -6.92432  -13.94657 1.000 29.43790 ?  89  GLU A OE1  1 
ATOM   264 O OE2  . GLU A 1 26 ? -2.47293  -5.37685  -14.33902 1.000 34.20745 -1 89  GLU A OE2  1 
ATOM   265 H H    . GLU A 1 26 ? -1.26715  -3.57406  -11.05167 1.000 24.64402 ?  89  GLU A H    1 
ATOM   266 H HA   . GLU A 1 26 ? -1.27698  -6.16192  -11.27097 1.000 25.04024 ?  89  GLU A HA   1 
ATOM   267 H HB2  . GLU A 1 26 ? 0.82631   -4.35479  -11.85892 1.000 27.59759 ?  89  GLU A HB2  1 
ATOM   268 H HB3  . GLU A 1 26 ? 0.81262   -5.87005  -12.33769 1.000 27.59759 ?  89  GLU A HB3  1 
ATOM   269 H HG2  . GLU A 1 26 ? -0.92983  -3.86956  -13.28694 1.000 30.91483 ?  89  GLU A HG2  1 
ATOM   270 H HG3  . GLU A 1 26 ? 0.26098   -4.51586  -14.11741 1.000 30.91483 ?  89  GLU A HG3  1 
ATOM   271 N N    . PRO A 1 27 ? 0.44439   -7.24862  -9.73602  1.000 20.45027 ?  90  PRO A N    1 
ATOM   272 C CA   . PRO A 1 27 ? 1.17627   -7.77267  -8.57095  1.000 20.47795 ?  90  PRO A CA   1 
ATOM   273 C C    . PRO A 1 27 ? 2.49158   -7.08231  -8.32950  1.000 18.82393 ?  90  PRO A C    1 
ATOM   274 O O    . PRO A 1 27 ? 2.87533   -6.87256  -7.17369  1.000 17.94559 ?  90  PRO A O    1 
ATOM   275 C CB   . PRO A 1 27 ? 1.38203   -9.24986  -8.91652  1.000 21.79367 ?  90  PRO A CB   1 
ATOM   276 C CG   . PRO A 1 27 ? 0.36570   -9.57277  -9.91890  1.000 24.52486 ?  90  PRO A CG   1 
ATOM   277 C CD   . PRO A 1 27 ? 0.09439   -8.31750  -10.68474 1.000 21.87923 ?  90  PRO A CD   1 
ATOM   278 H HA   . PRO A 1 27 ? 0.61760   -7.69608  -7.78170  1.000 24.48931 ?  90  PRO A HA   1 
ATOM   279 H HB2  . PRO A 1 27 ? 2.27337   -9.37980  -9.27641  1.000 26.06818 ?  90  PRO A HB2  1 
ATOM   280 H HB3  . PRO A 1 27 ? 1.26364   -9.79093  -8.12020  1.000 26.06818 ?  90  PRO A HB3  1 
ATOM   281 H HG2  . PRO A 1 27 ? 0.70315   -10.26444 -10.50933 1.000 29.34560 ?  90  PRO A HG2  1 
ATOM   282 H HG3  . PRO A 1 27 ? -0.43981  -9.88001  -9.47431  1.000 29.34560 ?  90  PRO A HG3  1 
ATOM   283 H HD2  . PRO A 1 27 ? 0.65251   -8.27055  -11.47670 1.000 26.17085 ?  90  PRO A HD2  1 
ATOM   284 H HD3  . PRO A 1 27 ? -0.84128  -8.26264  -10.93455 1.000 26.17085 ?  90  PRO A HD3  1 
ATOM   285 N N    . GLU A 1 28 ? 3.19760   -6.69581  -9.39092  1.000 18.38274 ?  91  GLU A N    1 
ATOM   286 C CA   . GLU A 1 28 ? 4.50423   -6.05957  -9.23029  1.000 18.38867 ?  91  GLU A CA   1 
ATOM   287 C C    . GLU A 1 28 ? 4.37361   -4.66598  -8.61677  1.000 18.00028 ?  91  GLU A C    1 
ATOM   288 O O    . GLU A 1 28 ? 5.26722   -4.23597  -7.87606  1.000 17.87723 ?  91  GLU A O    1 
ATOM   289 C CB   . GLU A 1 28 ? 5.25873   -6.04733  -10.56501 1.000 19.67845 ?  91  GLU A CB   1 
ATOM   290 C CG   . GLU A 1 28 ? 4.57032   -5.34941  -11.72238 1.000 21.83485 ?  91  GLU A CG   1 
ATOM   291 C CD   . GLU A 1 28 ? 3.72366   -6.29654  -12.58839 1.000 23.55660 ?  91  GLU A CD   1 
ATOM   292 O OE1  . GLU A 1 28 ? 3.13595   -7.26978  -12.05402 1.000 23.21118 ?  91  GLU A OE1  1 
ATOM   293 O OE2  . GLU A 1 28 ? 3.64288   -6.05530  -13.81586 1.000 23.13135 -1 91  GLU A OE2  1 
ATOM   294 H H    . GLU A 1 28 ? 2.94610   -6.78903  -10.20802 1.000 21.97506 ?  91  GLU A H    1 
ATOM   295 H HA   . GLU A 1 28 ? 5.04755   -6.58204  -8.61979  1.000 21.98217 ?  91  GLU A HA   1 
ATOM   296 H HB2  . GLU A 1 28 ? 6.10815   -5.59970  -10.42710 1.000 23.52992 ?  91  GLU A HB2  1 
ATOM   297 H HB3  . GLU A 1 28 ? 5.40831   -6.96684  -10.83524 1.000 23.52992 ?  91  GLU A HB3  1 
ATOM   298 H HG2  . GLU A 1 28 ? 3.98231   -4.66311  -11.37005 1.000 26.11759 ?  91  GLU A HG2  1 
ATOM   299 H HG3  . GLU A 1 28 ? 5.24454   -4.94793  -12.29260 1.000 26.11759 ?  91  GLU A HG3  1 
ATOM   300 N N    . ALA A 1 29 ? 3.28851   -3.96268  -8.90142  1.000 17.25515 ?  92  ALA A N    1 
ATOM   301 C CA   . ALA A 1 29 ? 3.00431   -2.67374  -8.27653  1.000 17.23782 ?  92  ALA A CA   1 
ATOM   302 C C    . ALA A 1 29 ? 2.56709   -2.84026  -6.82485  1.000 16.59380 ?  92  ALA A C    1 
ATOM   303 O O    . ALA A 1 29 ? 3.02818   -2.10093  -5.95369  1.000 16.25370 ?  92  ALA A O    1 
ATOM   304 C CB   . ALA A 1 29 ? 1.98383   -1.89538  -9.12072  1.000 18.16835 ?  92  ALA A CB   1 
ATOM   305 H H    . ALA A 1 29 ? 2.68624   -4.21012  -9.46324  1.000 20.62196 ?  92  ALA A H    1 
ATOM   306 H HA   . ALA A 1 29 ? 3.81271   -2.13803  -8.25626  1.000 20.60116 ?  92  ALA A HA   1 
ATOM   307 H HB1  . ALA A 1 29 ? 1.79658   -1.04787  -8.68763  1.000 21.71779 ?  92  ALA A HB1  1 
ATOM   308 H HB2  . ALA A 1 29 ? 2.35615   -1.74084  -10.00298 1.000 21.71779 ?  92  ALA A HB2  1 
ATOM   309 H HB3  . ALA A 1 29 ? 1.16940   -2.41738  -9.19218  1.000 21.71779 ?  92  ALA A HB3  1 
ATOM   310 N N    . LYS A 1 30 ? 1.70137   -3.81726  -6.54032  1.000 16.30307 ?  93  LYS A N    1 
ATOM   311 C CA   . LYS A 1 30 ? 1.35630   -4.13644  -5.15806  1.000 16.91582 ?  93  LYS A CA   1 
ATOM   312 C C    . LYS A 1 30 ? 2.59143   -4.40166  -4.31987  1.000 16.36094 ?  93  LYS A C    1 
ATOM   313 O O    . LYS A 1 30 ? 2.71262   -3.87941  -3.20335  1.000 16.47860 ?  93  LYS A O    1 
ATOM   314 C CB   . LYS A 1 30 ? 0.42887   -5.35857  -5.13202  1.000 17.67161 ?  93  LYS A CB   1 
ATOM   315 C CG   . LYS A 1 30 ? -0.94020  -5.11768  -5.80235  1.000 18.93297 ?  93  LYS A CG   1 
ATOM   316 C CD   . LYS A 1 30 ? -1.75527  -6.39353  -5.97935  1.000 20.86411 ?  93  LYS A CD   1 
ATOM   317 C CE   . LYS A 1 30 ? -2.19570  -6.92578  -4.65628  1.000 23.28859 ?  93  LYS A CE   1 
ATOM   318 N NZ   . LYS A 1 30 ? -2.85099  -8.25553  -4.81541  1.000 23.84237 ?  93  LYS A NZ   1 
ATOM   319 H H    . LYS A 1 30 ? 1.30385   -4.30553  -7.12612  1.000 19.47946 ?  93  LYS A H    1 
ATOM   320 H HA   . LYS A 1 30 ? 0.88949   -3.38022  -4.76931  1.000 20.21476 ?  93  LYS A HA   1 
ATOM   321 H HB2  . LYS A 1 30 ? 0.86291   -6.08889  -5.60015  1.000 21.12171 ?  93  LYS A HB2  1 
ATOM   322 H HB3  . LYS A 1 30 ? 0.26636   -5.60653  -4.20844  1.000 21.12171 ?  93  LYS A HB3  1 
ATOM   323 H HG2  . LYS A 1 30 ? -1.45703  -4.50826  -5.25245  1.000 22.63534 ?  93  LYS A HG2  1 
ATOM   324 H HG3  . LYS A 1 30 ? -0.79705  -4.73175  -6.68069  1.000 22.63534 ?  93  LYS A HG3  1 
ATOM   325 H HD2  . LYS A 1 30 ? -2.54280  -6.20395  -6.51297  1.000 24.95271 ?  93  LYS A HD2  1 
ATOM   326 H HD3  . LYS A 1 30 ? -1.21207  -7.06734  -6.41732  1.000 24.95271 ?  93  LYS A HD3  1 
ATOM   327 H HE2  . LYS A 1 30 ? -1.42557  -7.02889  -4.07561  1.000 27.86209 ?  93  LYS A HE2  1 
ATOM   328 H HE3  . LYS A 1 30 ? -2.83310  -6.31364  -4.25640  1.000 27.86209 ?  93  LYS A HE3  1 
ATOM   329 H HZ1  . LYS A 1 30 ? -3.13101  -8.55343  -4.02488  1.000 28.52662 ?  93  LYS A HZ1  1 
ATOM   330 H HZ2  . LYS A 1 30 ? -3.54978  -8.18701  -5.36230  1.000 28.52662 ?  93  LYS A HZ2  1 
ATOM   331 H HZ3  . LYS A 1 30 ? -2.27352  -8.84057  -5.15651  1.000 28.52662 ?  93  LYS A HZ3  1 
ATOM   332 N N    . ALA A 1 31 ? 3.56267   -5.14227  -4.87107  1.000 17.52331 ?  94  ALA A N    1 
ATOM   333 C CA   . ALA A 1 31 ? 4.79372   -5.43068  -4.15090  1.000 18.77694 ?  94  ALA A CA   1 
ATOM   334 C C    . ALA A 1 31 ? 5.54216   -4.15931  -3.78476  1.000 17.37877 ?  94  ALA A C    1 
ATOM   335 O O    . ALA A 1 31 ? 6.12319   -4.06162  -2.70031  1.000 17.03236 ?  94  ALA A O    1 
ATOM   336 C CB   . ALA A 1 31 ? 5.65953   -6.38495  -4.95486  1.000 19.77338 ?  94  ALA A CB   1 
ATOM   337 H H    . ALA A 1 31 ? 3.52778   -5.48578  -5.65872  1.000 20.94375 ?  94  ALA A H    1 
ATOM   338 H HA   . ALA A 1 31 ? 4.57279   -5.87601  -3.31797  1.000 22.44810 ?  94  ALA A HA   1 
ATOM   339 H HB1  . ALA A 1 31 ? 6.47003   -6.57246  -4.45602  1.000 23.64383 ?  94  ALA A HB1  1 
ATOM   340 H HB2  . ALA A 1 31 ? 5.16693   -7.20668  -5.10657  1.000 23.64383 ?  94  ALA A HB2  1 
ATOM   341 H HB3  . ALA A 1 31 ? 5.88172   -5.97102  -5.80349  1.000 23.64383 ?  94  ALA A HB3  1 
ATOM   342 N N    . GLN A 1 32 ? 5.55412   -3.17716  -4.67674  1.000 17.57229 ?  95  GLN A N    1 
ATOM   343 C CA   . GLN A 1 32 ? 6.22231   -1.91021  -4.38854  1.000 18.87897 ?  95  GLN A CA   1 
ATOM   344 C C    . GLN A 1 32 ? 5.52929   -1.13181  -3.28213  1.000 18.29194 ?  95  GLN A C    1 
ATOM   345 O O    . GLN A 1 32 ? 6.20154   -0.50719  -2.45164  1.000 17.93015 ?  95  GLN A O    1 
ATOM   346 C CB   . GLN A 1 32 ? 6.35677   -1.06194  -5.64687  1.000 19.73558 ?  95  GLN A CB   1 
ATOM   347 C CG   . GLN A 1 32 ? 7.39605   -1.57478  -6.64508  1.000 20.44901 ?  95  GLN A CG   1 
ATOM   348 C CD   . GLN A 1 32 ? 8.76228   -1.77140  -6.05091  1.000 22.23434 ?  95  GLN A CD   1 
ATOM   349 O OE1  . GLN A 1 32 ? 9.30023   -0.90398  -5.38479  1.000 25.31126 ?  95  GLN A OE1  1 
ATOM   350 N NE2  . GLN A 1 32 ? 9.30960   -2.92984  -6.26271  1.000 24.11969 ?  95  GLN A NE2  1 
ATOM   351 H H    . GLN A 1 32 ? 5.18585   -3.21513  -5.45297  1.000 21.00252 ?  95  GLN A H    1 
ATOM   352 H HA   . GLN A 1 32 ? 7.11858   -2.11781  -4.08112  1.000 22.57054 ?  95  GLN A HA   1 
ATOM   353 H HB2  . GLN A 1 32 ? 5.49929   -1.04217  -6.09988  1.000 23.59847 ?  95  GLN A HB2  1 
ATOM   354 H HB3  . GLN A 1 32 ? 6.61620   -0.16373  -5.38835  1.000 23.59847 ?  95  GLN A HB3  1 
ATOM   355 H HG2  . GLN A 1 32 ? 7.09916   -2.43025  -6.99285  1.000 24.45458 ?  95  GLN A HG2  1 
ATOM   356 H HG3  . GLN A 1 32 ? 7.47773   -0.93311  -7.36790  1.000 24.45458 ?  95  GLN A HG3  1 
ATOM   357 H HE21 . GLN A 1 32 ? 8.89050   -3.52652  -6.71870  1.000 28.85940 ?  95  GLN A HE21 1 
ATOM   358 H HE22 . GLN A 1 32 ? 10.09117  -3.10034  -5.94698  1.000 28.85940 ?  95  GLN A HE22 1 
ATOM   359 N N    . LEU A 1 33 ? 4.19415   -1.17761  -3.22391  1.000 17.06551 ?  96  LEU A N    1 
ATOM   360 C CA   . LEU A 1 33 ? 3.49417   -0.54873  -2.11125  1.000 16.78359 ?  96  LEU A CA   1 
ATOM   361 C C    . LEU A 1 33 ? 3.82089   -1.23549  -0.79207  1.000 15.94540 ?  96  LEU A C    1 
ATOM   362 O O    . LEU A 1 33 ? 4.01473   -0.57669  0.24040   1.000 15.96369 ?  96  LEU A O    1 
ATOM   363 C CB   . LEU A 1 33 ? 1.98621   -0.52650  -2.36854  1.000 17.60053 ?  96  LEU A CB   1 
ATOM   364 C CG   . LEU A 1 33 ? 1.48591   0.74699   -3.04070  1.000 20.77510 ?  96  LEU A CG   1 
ATOM   365 C CD1  . LEU A 1 33 ? 2.03978   0.87277   -4.39491  1.000 22.82023 ?  96  LEU A CD1  1 
ATOM   366 C CD2  . LEU A 1 33 ? 0.02817   0.79763   -3.15118  1.000 25.15725 ?  96  LEU A CD2  1 
ATOM   367 H H    . LEU A 1 33 ? 3.68578   -1.55829  -3.80378  1.000 20.39438 ?  96  LEU A H    1 
ATOM   368 H HA   . LEU A 1 33 ? 3.78658   0.37357   -2.04222  1.000 20.05608 ?  96  LEU A HA   1 
ATOM   369 H HB2  . LEU A 1 33 ? 1.75959   -1.27291  -2.94510  1.000 21.03641 ?  96  LEU A HB2  1 
ATOM   370 H HB3  . LEU A 1 33 ? 1.52601   -0.61191  -1.51893  1.000 21.03641 ?  96  LEU A HB3  1 
ATOM   371 H HG   . LEU A 1 33 ? 1.77836   1.48219   -2.47959  1.000 24.84590 ?  96  LEU A HG   1 
ATOM   372 H HD11 . LEU A 1 33 ? 1.67621   1.66945   -4.81207  1.000 27.30005 ?  96  LEU A HD11 1 
ATOM   373 H HD12 . LEU A 1 33 ? 3.00553   0.94162   -4.33597  1.000 27.30005 ?  96  LEU A HD12 1 
ATOM   374 H HD13 . LEU A 1 33 ? 1.79493   0.08840   -4.91036  1.000 27.30005 ?  96  LEU A HD13 1 
ATOM   375 H HD21 . LEU A 1 33 ? -0.22866  1.64014   -3.55754  1.000 30.10447 ?  96  LEU A HD21 1 
ATOM   376 H HD22 . LEU A 1 33 ? -0.27256  0.05889   -3.70318  1.000 30.10447 ?  96  LEU A HD22 1 
ATOM   377 H HD23 . LEU A 1 33 ? -0.35840  0.72670   -2.26437  1.000 30.10447 ?  96  LEU A HD23 1 
ATOM   378 N N    . ARG A 1 34 ? 3.92476   -2.55100  -0.80054  1.000 16.37308 ?  97  ARG A N    1 
ATOM   379 C CA   . ARG A 1 34 ? 4.30962   -3.25963  0.41726   1.000 16.56291 ?  97  ARG A CA   1 
ATOM   380 C C    . ARG A 1 34 ? 5.73449   -2.89291  0.83389   1.000 16.62320 ?  97  ARG A C    1 
ATOM   381 O O    . ARG A 1 34 ? 6.02361   -2.71535  2.01944   1.000 16.88965 ?  97  ARG A O    1 
ATOM   382 C CB   . ARG A 1 34 ? 4.15605   -4.76251  0.20376   1.000 17.18295 ?  97  ARG A CB   1 
ATOM   383 C CG   . ARG A 1 34 ? 2.69337   -5.22007  0.00020   1.000 16.84431 ?  97  ARG A CG   1 
ATOM   384 C CD   . ARG A 1 34 ? 2.48964   -6.70395  0.23210   1.000 18.11074 ?  97  ARG A CD   1 
ATOM   385 N NE   . ARG A 1 34 ? 3.29924   -7.54125  -0.64529  1.000 18.37494 ?  97  ARG A NE   1 
ATOM   386 C CZ   . ARG A 1 34 ? 2.97623   -7.86033  -1.88959  1.000 18.11419 ?  97  ARG A CZ   1 
ATOM   387 N NH1  . ARG A 1 34 ? 1.89378   -7.38399  -2.48517  1.000 19.52561 ?  97  ARG A NH1  1 
ATOM   388 N NH2  . ARG A 1 34 ? 3.79755   -8.64795  -2.56593  1.000 19.51727 ?  97  ARG A NH2  1 
ATOM   389 H H    . ARG A 1 34 ? 3.78178   -3.05453  -1.48291  1.000 19.56347 ?  97  ARG A H    1 
ATOM   390 H HA   . ARG A 1 34 ? 3.72031   -3.00567  1.14466   1.000 19.79127 ?  97  ARG A HA   1 
ATOM   391 H HB2  . ARG A 1 34 ? 4.65812   -5.01758  -0.58603  1.000 20.53531 ?  97  ARG A HB2  1 
ATOM   392 H HB3  . ARG A 1 34 ? 4.50468   -5.22466  0.98208   1.000 20.53531 ?  97  ARG A HB3  1 
ATOM   393 H HG2  . ARG A 1 34 ? 2.12486   -4.74137  0.62354   1.000 20.12894 ?  97  ARG A HG2  1 
ATOM   394 H HG3  . ARG A 1 34 ? 2.42641   -5.02259  -0.91119  1.000 20.12894 ?  97  ARG A HG3  1 
ATOM   395 H HD2  . ARG A 1 34 ? 2.72889   -6.91457  1.14822   1.000 21.64867 ?  97  ARG A HD2  1 
ATOM   396 H HD3  . ARG A 1 34 ? 1.55766   -6.92161  0.07418   1.000 21.64867 ?  97  ARG A HD3  1 
ATOM   397 H HE   . ARG A 1 34 ? 4.03869   -7.84969  -0.33276  1.000 21.96570 ?  97  ARG A HE   1 
ATOM   398 H HH11 . ARG A 1 34 ? 1.37150   -6.84714  -2.06253  1.000 23.34650 ?  97  ARG A HH11 1 
ATOM   399 H HH12 . ARG A 1 34 ? 1.71302   -7.61146  -3.29459  1.000 23.34650 ?  97  ARG A HH12 1 
ATOM   400 H HH21 . ARG A 1 34 ? 4.51775   -8.93753  -2.19573  1.000 23.33649 ?  97  ARG A HH21 1 
ATOM   401 H HH22 . ARG A 1 34 ? 3.61093   -8.87006  -3.37552  1.000 23.33649 ?  97  ARG A HH22 1 
ATOM   402 N N    . LYS A 1 35 ? 6.63366   -2.72248  -0.13275  1.000 16.64821 ?  98  LYS A N    1 
ATOM   403 C CA   . LYS A 1 35 ? 7.98867   -2.28794  0.18325   1.000 18.55186 ?  98  LYS A CA   1 
ATOM   404 C C    . LYS A 1 35 ? 8.00223   -0.88908  0.79183   1.000 18.79140 ?  98  LYS A C    1 
ATOM   405 O O    . LYS A 1 35 ? 8.74606   -0.64000  1.75039   1.000 18.81883 ?  98  LYS A O    1 
ATOM   406 C CB   . LYS A 1 35 ? 8.82793   -2.33314  -1.08144  1.000 21.20737 ?  98  LYS A CB   1 
ATOM   407 C CG   . LYS A 1 35 ? 10.28765  -2.05239  -0.84728  1.000 27.30640 ?  98  LYS A CG   1 
ATOM   408 C CD   . LYS A 1 35 ? 11.04000  -2.04445  -2.15847  1.000 33.97829 ?  98  LYS A CD   1 
ATOM   409 C CE   . LYS A 1 35 ? 12.12091  -0.96626  -2.17940  1.000 38.14775 ?  98  LYS A CE   1 
ATOM   410 N NZ   . LYS A 1 35 ? 13.48712  -1.52964  -2.07034  1.000 39.76746 ?  98  LYS A NZ   1 
ATOM   411 H H    . LYS A 1 35 ? 6.48588   -2.85038  -0.97025  1.000 19.89362 ?  98  LYS A H    1 
ATOM   412 H HA   . LYS A 1 35 ? 8.37568   -2.89027  0.83772   1.000 22.17800 ?  98  LYS A HA   1 
ATOM   413 H HB2  . LYS A 1 35 ? 8.75506   -3.21756  -1.47309  1.000 25.36462 ?  98  LYS A HB2  1 
ATOM   414 H HB3  . LYS A 1 35 ? 8.49354   -1.66689  -1.70207  1.000 25.36462 ?  98  LYS A HB3  1 
ATOM   415 H HG2  . LYS A 1 35 ? 10.38873  -1.18389  -0.42729  1.000 32.68345 ?  98  LYS A HG2  1 
ATOM   416 H HG3  . LYS A 1 35 ? 10.66451  -2.74184  -0.27848  1.000 32.68345 ?  98  LYS A HG3  1 
ATOM   417 H HD2  . LYS A 1 35 ? 11.46654  -2.90579  -2.28900  1.000 40.68972 ?  98  LYS A HD2  1 
ATOM   418 H HD3  . LYS A 1 35 ? 10.41994  -1.86807  -2.88325  1.000 40.68972 ?  98  LYS A HD3  1 
ATOM   419 H HE2  . LYS A 1 35 ? 12.06366  -0.47592  -3.01438  1.000 45.69307 ?  98  LYS A HE2  1 
ATOM   420 H HE3  . LYS A 1 35 ? 11.98322  -0.36452  -1.43117  1.000 45.69307 ?  98  LYS A HE3  1 
ATOM   421 H HZ1  . LYS A 1 35 ? 14.08790  -0.87302  -2.06854  1.000 47.63672 ?  98  LYS A HZ1  1 
ATOM   422 H HZ2  . LYS A 1 35 ? 13.56524  -1.99468  -1.31553  1.000 47.63672 ?  98  LYS A HZ2  1 
ATOM   423 H HZ3  . LYS A 1 35 ? 13.65014  -2.06840  -2.75972  1.000 47.63672 ?  98  LYS A HZ3  1 
ATOM   424 N N    . MET A 1 36 ? 7.19614   0.03477   0.26484   1.000 17.41594 ?  99  MET A N    1 
ATOM   425 C CA   A MET A 1 36 ? 7.10650   1.37986   0.83520   0.500 19.11305 ?  99  MET A CA   1 
ATOM   426 C CA   B MET A 1 36 ? 7.15623   1.37384   0.85188   0.500 19.26729 ?  99  MET A CA   1 
ATOM   427 C C    . MET A 1 36 ? 6.62440   1.32329   2.28551   1.000 17.63835 ?  99  MET A C    1 
ATOM   428 O O    . MET A 1 36 ? 7.13779   2.04672   3.14674   1.000 19.11563 ?  99  MET A O    1 
ATOM   429 C CB   A MET A 1 36 ? 6.16258   2.20987   -0.03914  0.500 22.12609 ?  99  MET A CB   1 
ATOM   430 C CB   B MET A 1 36 ? 6.36445   2.35688   -0.00959  0.500 21.62603 ?  99  MET A CB   1 
ATOM   431 C CG   A MET A 1 36 ? 6.08995   3.66212   0.33466   0.500 26.44105 ?  99  MET A CG   1 
ATOM   432 C CG   B MET A 1 36 ? 6.54925   3.81816   0.44182   0.500 26.76910 ?  99  MET A CG   1 
ATOM   433 S SD   A MET A 1 36 ? 4.87754   4.52707   -0.66479  0.500 31.63429 ?  99  MET A SD   1 
ATOM   434 S SD   B MET A 1 36 ? 8.28087   4.40739   0.47753   0.500 28.94442 ?  99  MET A SD   1 
ATOM   435 C CE   A MET A 1 36 ? 5.23565   6.20265   -0.31602  0.500 37.86587 ?  99  MET A CE   1 
ATOM   436 C CE   B MET A 1 36 ? 8.34955   5.31091   2.01130   0.500 34.97653 ?  99  MET A CE   1 
ATOM   437 H H    A MET A 1 36 ? 6.69203   -0.09038  -0.42059  0.500 20.81490 ?  99  MET A H    1 
ATOM   438 H H    B MET A 1 36 ? 6.67835   -0.08424  -0.41143  0.500 20.81490 ?  99  MET A H    1 
ATOM   439 H HA   A MET A 1 36 ? 7.97740   1.80695   0.83061   0.500 22.85144 ?  99  MET A HA   1 
ATOM   440 H HA   B MET A 1 36 ? 8.06295   1.71821   0.86416   0.500 23.03653 ?  99  MET A HA   1 
ATOM   441 H HB2  A MET A 1 36 ? 6.46681   2.15816   -0.95874  0.500 26.46709 ?  99  MET A HB2  1 
ATOM   442 H HB2  B MET A 1 36 ? 6.66481   2.28516   -0.92913  0.500 25.86701 ?  99  MET A HB2  1 
ATOM   443 H HB3  A MET A 1 36 ? 5.26804   1.84229   0.03553   0.500 26.46709 ?  99  MET A HB3  1 
ATOM   444 H HB3  B MET A 1 36 ? 5.42075   2.14033   0.04900   0.500 25.86701 ?  99  MET A HB3  1 
ATOM   445 H HG2  A MET A 1 36 ? 5.83309   3.74263   1.26656   0.500 31.64504 ?  99  MET A HG2  1 
ATOM   446 H HG2  B MET A 1 36 ? 6.06039   4.39206   -0.16854  0.500 32.03869 ?  99  MET A HG2  1 
ATOM   447 H HG3  A MET A 1 36 ? 6.95594   4.07528   0.19233   0.500 31.64504 ?  99  MET A HG3  1 
ATOM   448 H HG3  B MET A 1 36 ? 6.19356   3.90931   1.33964   0.500 32.03869 ?  99  MET A HG3  1 
ATOM   449 H HE1  A MET A 1 36 ? 4.89080   6.75549   -1.03459  0.500 45.35481 ?  99  MET A HE1  1 
ATOM   450 H HE1  B MET A 1 36 ? 9.25093   5.64499   2.14092   0.500 41.88762 ?  99  MET A HE1  1 
ATOM   451 H HE2  A MET A 1 36 ? 4.81328   6.44805   0.52200   0.500 45.35481 ?  99  MET A HE2  1 
ATOM   452 H HE2  B MET A 1 36 ? 7.72496   6.05187   1.96957   0.500 41.88762 ?  99  MET A HE2  1 
ATOM   453 H HE3  A MET A 1 36 ? 6.19694   6.31228   -0.24650  0.500 45.35481 ?  99  MET A HE3  1 
ATOM   454 H HE3  B MET A 1 36 ? 8.10930   4.71635   2.73909   0.500 41.88762 ?  99  MET A HE3  1 
ATOM   455 N N    . LEU A 1 37 ? 5.62050   0.49926   2.55578   1.000 17.55834 ?  100 LEU A N    1 
ATOM   456 C CA   . LEU A 1 37 ? 5.15840   0.34873   3.92909   1.000 18.33589 ?  100 LEU A CA   1 
ATOM   457 C C    . LEU A 1 37 ? 6.30339   -0.07436  4.84360   1.000 16.94186 ?  100 LEU A C    1 
ATOM   458 O O    . LEU A 1 37 ? 6.48323   0.46815   5.93491   1.000 17.64935 ?  100 LEU A O    1 
ATOM   459 C CB   . LEU A 1 37 ? 4.00884   -0.64599  3.98508   1.000 18.35017 ?  100 LEU A CB   1 
ATOM   460 C CG   . LEU A 1 37 ? 3.62105   -1.10914  5.40245   1.000 19.11987 ?  100 LEU A CG   1 
ATOM   461 C CD1  . LEU A 1 37 ? 3.14627   0.03953   6.21522   1.000 22.04189 ?  100 LEU A CD1  1 
ATOM   462 C CD2  . LEU A 1 37 ? 2.54664   -2.20174  5.39621   1.000 20.69225 ?  100 LEU A CD2  1 
ATOM   463 H H    . LEU A 1 37 ? 5.19810   0.02544   1.97556   1.000 20.98578 ?  100 LEU A H    1 
ATOM   464 H HA   . LEU A 1 37 ? 4.82348   1.20117   4.24856   1.000 21.91884 ?  100 LEU A HA   1 
ATOM   465 H HB2  . LEU A 1 37 ? 3.22598   -0.23278  3.58848   1.000 21.93598 ?  100 LEU A HB2  1 
ATOM   466 H HB3  . LEU A 1 37 ? 4.26030   -1.43427  3.47885   1.000 21.93598 ?  100 LEU A HB3  1 
ATOM   467 H HG   . LEU A 1 37 ? 4.41858   -1.48796  5.80413   1.000 22.85961 ?  100 LEU A HG   1 
ATOM   468 H HD11 . LEU A 1 37 ? 2.87822   -0.28209  7.09021   1.000 26.36605 ?  100 LEU A HD11 1 
ATOM   469 H HD12 . LEU A 1 37 ? 3.86741   0.68195   6.30558   1.000 26.36605 ?  100 LEU A HD12 1 
ATOM   470 H HD13 . LEU A 1 37 ? 2.39031   0.45154   5.76838   1.000 26.36605 ?  100 LEU A HD13 1 
ATOM   471 H HD21 . LEU A 1 37 ? 2.31123   -2.41839  6.31192   1.000 24.74648 ?  100 LEU A HD21 1 
ATOM   472 H HD22 . LEU A 1 37 ? 1.76601   -1.87431  4.92260   1.000 24.74648 ?  100 LEU A HD22 1 
ATOM   473 H HD23 . LEU A 1 37 ? 2.89843   -2.98803  4.95023   1.000 24.74648 ?  100 LEU A HD23 1 
ATOM   474 N N    . ASP A 1 38 ? 7.08464   -1.05505  4.40543   1.000 18.39153 ?  101 ASP A N    1 
ATOM   475 C CA   . ASP A 1 38 ? 8.20186   -1.51871  5.21924   1.000 20.83114 ?  101 ASP A CA   1 
ATOM   476 C C    . ASP A 1 38 ? 9.21307   -0.40909  5.45929   1.000 20.69707 ?  101 ASP A C    1 
ATOM   477 O O    . ASP A 1 38 ? 9.77404   -0.30306  6.54871   1.000 21.02076 ?  101 ASP A O    1 
ATOM   478 C CB   . ASP A 1 38 ? 8.85213   -2.72780  4.55642   1.000 25.37510 ?  101 ASP A CB   1 
ATOM   479 C CG   . ASP A 1 38 ? 9.76742   -3.47327  5.50356   1.000 32.94930 ?  101 ASP A CG   1 
ATOM   480 O OD1  . ASP A 1 38 ? 9.26228   -3.98464  6.53047   1.000 35.39005 ?  101 ASP A OD1  1 
ATOM   481 O OD2  . ASP A 1 38 ? 10.98483  -3.53742  5.22797   1.000 36.10907 -1 101 ASP A OD2  1 
ATOM   482 H H    . ASP A 1 38 ? 6.99197   -1.46248  3.65376   1.000 21.98561 ?  101 ASP A H    1 
ATOM   483 H HA   . ASP A 1 38 ? 7.87026   -1.79746  6.08714   1.000 24.91314 ?  101 ASP A HA   1 
ATOM   484 H HB2  . ASP A 1 38 ? 8.15991   -3.33942  4.26037   1.000 30.36590 ?  101 ASP A HB2  1 
ATOM   485 H HB3  . ASP A 1 38 ? 9.37870   -2.43047  3.79799   1.000 30.36590 ?  101 ASP A HB3  1 
ATOM   486 N N    . THR A 1 39 ? 9.46671   0.42338   4.45334   1.000 19.59473 ?  102 THR A N    1 
ATOM   487 C CA   . THR A 1 39 ? 10.37045  1.55143   4.62719   1.000 21.84082 ?  102 THR A CA   1 
ATOM   488 C C    . THR A 1 39 ? 9.90450   2.49366   5.73468   1.000 20.82410 ?  102 THR A C    1 
ATOM   489 O O    . THR A 1 39 ? 10.71158  2.94292   6.55641   1.000 21.61015 ?  102 THR A O    1 
ATOM   490 C CB   . THR A 1 39 ? 10.53584  2.27057   3.30070   1.000 23.86492 ?  102 THR A CB   1 
ATOM   491 O OG1  . THR A 1 39 ? 11.15216  1.38653   2.36540   1.000 25.35840 ?  102 THR A OG1  1 
ATOM   492 C CG2  . THR A 1 39 ? 11.41220  3.46134   3.48019   1.000 25.76479 ?  102 THR A CG2  1 
ATOM   493 H H    . THR A 1 39 ? 9.12993   0.35699   3.66481   1.000 23.42945 ?  102 THR A H    1 
ATOM   494 H HA   . THR A 1 39 ? 11.24229  1.22478   4.89938   1.000 26.12476 ?  102 THR A HA   1 
ATOM   495 H HB   . THR A 1 39 ? 9.67167   2.55751   2.96637   1.000 28.55367 ?  102 THR A HB   1 
ATOM   496 H HG1  . THR A 1 39 ? 10.65855  0.72014   2.23171   1.000 30.34585 ?  102 THR A HG1  1 
ATOM   497 H HG21 . THR A 1 39 ? 11.71183  3.78595   2.61662   1.000 30.83353 ?  102 THR A HG21 1 
ATOM   498 H HG22 . THR A 1 39 ? 10.92338  4.16825   3.92990   1.000 30.83353 ?  102 THR A HG22 1 
ATOM   499 H HG23 . THR A 1 39 ? 12.18703  3.22558   4.01400   1.000 30.83353 ?  102 THR A HG23 1 
ATOM   500 N N    . PHE A 1 40 ? 8.60200   2.79579   5.79574   1.000 18.83116 ?  103 PHE A N    1 
ATOM   501 C CA   . PHE A 1 40 ? 8.10852   3.61154   6.89302   1.000 20.09518 ?  103 PHE A CA   1 
ATOM   502 C C    . PHE A 1 40 ? 8.29612   2.89846   8.22653   1.000 21.65377 ?  103 PHE A C    1 
ATOM   503 O O    . PHE A 1 40 ? 8.74846   3.50092   9.20717   1.000 22.94324 ?  103 PHE A O    1 
ATOM   504 C CB   . PHE A 1 40 ? 6.62210   3.94673   6.69297   1.000 19.93508 ?  103 PHE A CB   1 
ATOM   505 C CG   . PHE A 1 40 ? 6.39567   5.10729   5.78141   1.000 19.76047 ?  103 PHE A CG   1 
ATOM   506 C CD1  . PHE A 1 40 ? 6.75144   6.38259   6.17840   1.000 19.24754 ?  103 PHE A CD1  1 
ATOM   507 C CD2  . PHE A 1 40 ? 5.78552   4.94474   4.55466   1.000 22.04256 ?  103 PHE A CD2  1 
ATOM   508 C CE1  . PHE A 1 40 ? 6.55551   7.47000   5.34638   1.000 19.74305 ?  103 PHE A CE1  1 
ATOM   509 C CE2  . PHE A 1 40 ? 5.59096   6.03036   3.73822   1.000 21.22291 ?  103 PHE A CE2  1 
ATOM   510 C CZ   . PHE A 1 40 ? 5.99591   7.29434   4.13531   1.000 21.44851 ?  103 PHE A CZ   1 
ATOM   511 H H    . PHE A 1 40 ? 8.00608   2.54541   5.22848   1.000 22.51317 ?  103 PHE A H    1 
ATOM   512 H HA   . PHE A 1 40 ? 8.60813   4.44291   6.90333   1.000 24.02999 ?  103 PHE A HA   1 
ATOM   513 H HB2  . PHE A 1 40 ? 6.17548   3.17551   6.31002   1.000 23.83787 ?  103 PHE A HB2  1 
ATOM   514 H HB3  . PHE A 1 40 ? 6.23081   4.16318   7.55376   1.000 23.83787 ?  103 PHE A HB3  1 
ATOM   515 H HD1  . PHE A 1 40 ? 7.12869   6.51159   7.01861   1.000 23.01282 ?  103 PHE A HD1  1 
ATOM   516 H HD2  . PHE A 1 40 ? 5.50651   4.10069   4.28151   1.000 26.36685 ?  103 PHE A HD2  1 
ATOM   517 H HE1  . PHE A 1 40 ? 6.80993   8.32058   5.62332   1.000 23.60743 ?  103 PHE A HE1  1 
ATOM   518 H HE2  . PHE A 1 40 ? 5.18324   5.91649   2.91016   1.000 25.38327 ?  103 PHE A HE2  1 
ATOM   519 H HZ   . PHE A 1 40 ? 5.88116   8.02044   3.56564   1.000 25.65398 ?  103 PHE A HZ   1 
ATOM   520 N N    . LYS A 1 41 ? 7.98942   1.60394   8.27432   1.000 21.48621 ?  104 LYS A N    1 
ATOM   521 C CA   . LYS A 1 41 ? 8.07701   0.87524   9.53074   1.000 22.77507 ?  104 LYS A CA   1 
ATOM   522 C C    . LYS A 1 41 ? 9.51046   0.81112   10.04483  1.000 23.91701 ?  104 LYS A C    1 
ATOM   523 O O    . LYS A 1 41 ? 9.74186   0.84072   11.25814  1.000 26.53698 ?  104 LYS A O    1 
ATOM   524 C CB   . LYS A 1 41 ? 7.48953   -0.52325  9.35526   1.000 22.77518 ?  104 LYS A CB   1 
ATOM   525 C CG   . LYS A 1 41 ? 5.99182   -0.54106  9.16898   1.000 25.04566 ?  104 LYS A CG   1 
ATOM   526 C CD   . LYS A 1 41 ? 5.53039   -1.89667  8.64862   1.000 29.88602 ?  104 LYS A CD   1 
ATOM   527 C CE   . LYS A 1 41 ? 5.79675   -3.03145  9.62331   1.000 32.70942 ?  104 LYS A CE   1 
ATOM   528 N NZ   . LYS A 1 41 ? 4.87691   -2.98382  10.81103  1.000 34.44524 ?  104 LYS A NZ   1 
ATOM   529 H H    . LYS A 1 41 ? 7.73191   1.13274   7.60256   1.000 25.69922 ?  104 LYS A H    1 
ATOM   530 H HA   . LYS A 1 41 ? 7.55287   1.33884   10.20249  1.000 27.24586 ?  104 LYS A HA   1 
ATOM   531 H HB2  . LYS A 1 41 ? 7.88922   -0.93227  8.57178   1.000 27.24599 ?  104 LYS A HB2  1 
ATOM   532 H HB3  . LYS A 1 41 ? 7.69497   -1.04803  10.14476  1.000 27.24599 ?  104 LYS A HB3  1 
ATOM   533 H HG2  . LYS A 1 41 ? 5.55708   -0.37314  10.01969  1.000 29.97057 ?  104 LYS A HG2  1 
ATOM   534 H HG3  . LYS A 1 41 ? 5.73676   0.13904   8.52611   1.000 29.97057 ?  104 LYS A HG3  1 
ATOM   535 H HD2  . LYS A 1 41 ? 4.57497   -1.86272  8.48456   1.000 35.77900 ?  104 LYS A HD2  1 
ATOM   536 H HD3  . LYS A 1 41 ? 6.00171   -2.09492  7.82433   1.000 35.77900 ?  104 LYS A HD3  1 
ATOM   537 H HE2  . LYS A 1 41 ? 5.66269   -3.87877  9.17058   1.000 39.16708 ?  104 LYS A HE2  1 
ATOM   538 H HE3  . LYS A 1 41 ? 6.70968   -2.96793  9.94491   1.000 39.16708 ?  104 LYS A HE3  1 
ATOM   539 H HZ1  . LYS A 1 41 ? 5.07732   -3.64013  11.37777  1.000 41.25007 ?  104 LYS A HZ1  1 
ATOM   540 H HZ2  . LYS A 1 41 ? 4.96197   -2.20367  11.23083  1.000 41.25007 ?  104 LYS A HZ2  1 
ATOM   541 H HZ3  . LYS A 1 41 ? 4.03256   -3.07871  10.54613  1.000 41.25007 ?  104 LYS A HZ3  1 
ATOM   542 N N    . LYS A 1 42 ? 10.48571  0.69916   9.15363   1.000 24.23152 ?  105 LYS A N    1 
ATOM   543 C CA   . LYS A 1 42 ? 11.87251  0.53504   9.55893   1.000 25.88036 ?  105 LYS A CA   1 
ATOM   544 C C    . LYS A 1 42 ? 12.59602  1.85214   9.76040   1.000 25.28711 ?  105 LYS A C    1 
ATOM   545 O O    . LYS A 1 42 ? 13.75827  1.84200   10.16296  1.000 26.84893 ?  105 LYS A O    1 
ATOM   546 C CB   . LYS A 1 42 ? 12.63014  -0.30965  8.53356   1.000 29.57814 ?  105 LYS A CB   1 
ATOM   547 C CG   . LYS A 1 42 ? 12.07422  -1.72316  8.33957   1.000 33.56789 ?  105 LYS A CG   1 
ATOM   548 C CD   . LYS A 1 42 ? 11.78436  -2.45340  9.66210   1.000 37.44581 ?  105 LYS A CD   1 
ATOM   549 C CE   . LYS A 1 42 ? 11.34085  -3.90180  9.41057   1.000 40.13005 ?  105 LYS A CE   1 
ATOM   550 N NZ   . LYS A 1 42 ? 12.02892  -4.51892  8.22180   1.000 41.39638 ?  105 LYS A NZ   1 
ATOM   551 H H    . LYS A 1 42 ? 10.36771  0.71554   8.30192   1.000 28.99360 ?  105 LYS A H    1 
ATOM   552 H HA   . LYS A 1 42 ? 11.88484  0.05920   10.40410  1.000 30.97220 ?  105 LYS A HA   1 
ATOM   553 H HB2  . LYS A 1 42 ? 12.59295  0.14011   7.67494   1.000 35.40954 ?  105 LYS A HB2  1 
ATOM   554 H HB3  . LYS A 1 42 ? 13.55175  -0.39465  8.82391   1.000 35.40954 ?  105 LYS A HB3  1 
ATOM   555 H HG2  . LYS A 1 42 ? 11.24293  -1.66808  7.84276   1.000 40.19725 ?  105 LYS A HG2  1 
ATOM   556 H HG3  . LYS A 1 42 ? 12.72169  -2.25004  7.84553   1.000 40.19725 ?  105 LYS A HG3  1 
ATOM   557 H HD2  . LYS A 1 42 ? 12.58826  -2.46919  10.20470  1.000 44.85074 ?  105 LYS A HD2  1 
ATOM   558 H HD3  . LYS A 1 42 ? 11.07359  -1.99336  10.13546  1.000 44.85074 ?  105 LYS A HD3  1 
ATOM   559 H HE2  . LYS A 1 42 ? 11.55115  -4.43782  10.19117  1.000 48.07184 ?  105 LYS A HE2  1 
ATOM   560 H HE3  . LYS A 1 42 ? 10.38509  -3.91656  9.24566   1.000 48.07184 ?  105 LYS A HE3  1 
ATOM   561 H HZ1  . LYS A 1 42 ? 11.87661  -5.39559  8.20317   1.000 49.59143 ?  105 LYS A HZ1  1 
ATOM   562 H HZ2  . LYS A 1 42 ? 11.72094  -4.15621  7.46967   1.000 49.59143 ?  105 LYS A HZ2  1 
ATOM   563 H HZ3  . LYS A 1 42 ? 12.90647  -4.37921  8.27162   1.000 49.59143 ?  105 LYS A HZ3  1 
ATOM   564 N N    . ASP A 1 43 ? 11.94067  2.98045   9.52776   1.000 23.98565 ?  106 ASP A N    1 
ATOM   565 C CA   . ASP A 1 43 ? 12.54501  4.29020   9.73142   1.000 27.76838 ?  106 ASP A CA   1 
ATOM   566 C C    . ASP A 1 43 ? 12.27386  4.74743   11.16486  1.000 34.01370 ?  106 ASP A C    1 
ATOM   567 O O    . ASP A 1 43 ? 11.38752  5.55855   11.43942  1.000 37.29307 ?  106 ASP A O    1 
ATOM   568 C CB   . ASP A 1 43 ? 11.95023  5.28239   8.74192   1.000 25.10894 ?  106 ASP A CB   1 
ATOM   569 C CG   . ASP A 1 43 ? 12.67964  6.58844   8.73343   1.000 25.70513 ?  106 ASP A CG   1 
ATOM   570 O OD1  . ASP A 1 43 ? 13.88413  6.54282   8.43979   1.000 27.15713 ?  106 ASP A OD1  1 
ATOM   571 O OD2  . ASP A 1 43 ? 12.07138  7.63916   9.02716   1.000 24.57170 -1 106 ASP A OD2  1 
ATOM   572 H H    . ASP A 1 43 ? 11.12892  3.01545   9.24590   1.000 28.69855 ?  106 ASP A H    1 
ATOM   573 H HA   . ASP A 1 43 ? 13.50373  4.21892   9.60230   1.000 33.23783 ?  106 ASP A HA   1 
ATOM   574 H HB2  . ASP A 1 43 ? 11.99602  4.90607   7.84908   1.000 30.04651 ?  106 ASP A HB2  1 
ATOM   575 H HB3  . ASP A 1 43 ? 11.02644  5.45494   8.98224   1.000 30.04651 ?  106 ASP A HB3  1 
ATOM   576 N N    . PHE A 1 44 ? 13.04359  4.21524   12.10039  1.000 37.77548 ?  107 PHE A N    1 
ATOM   577 C CA   . PHE A 1 44 ? 12.89418  4.64726   13.49305  1.000 42.23630 ?  107 PHE A CA   1 
ATOM   578 C C    . PHE A 1 44 ? 14.25845  4.69586   14.15136  1.000 45.64864 ?  107 PHE A C    1 
ATOM   579 O O    . PHE A 1 44 ? 15.20692  4.12804   13.60388  1.000 46.83621 ?  107 PHE A O    1 
ATOM   580 C CB   . PHE A 1 44 ? 11.95883  3.71880   14.26957  1.000 42.90924 ?  107 PHE A CB   1 
ATOM   581 C CG   . PHE A 1 44 ? 12.42543  2.30079   14.32107  1.000 43.53924 ?  107 PHE A CG   1 
ATOM   582 C CD1  . PHE A 1 44 ? 12.10532  1.42422   13.30203  1.000 43.44117 ?  107 PHE A CD1  1 
ATOM   583 C CD2  . PHE A 1 44 ? 13.18400  1.84142   15.38851  1.000 44.69503 ?  107 PHE A CD2  1 
ATOM   584 C CE1  . PHE A 1 44 ? 12.53152  0.11098   13.33256  1.000 43.39874 ?  107 PHE A CE1  1 
ATOM   585 C CE2  . PHE A 1 44 ? 13.61310  0.52552   15.43174  1.000 44.91811 ?  107 PHE A CE2  1 
ATOM   586 C CZ   . PHE A 1 44 ? 13.28474  -0.34399  14.39691  1.000 44.47813 ?  107 PHE A CZ   1 
ATOM   587 O OXT  . PHE A 1 44 ? 14.42922  5.30277   15.21898  1.000 47.28158 ?  107 PHE A OXT  1 
ATOM   588 H H    . PHE A 1 44 ? 13.64634  3.61711   11.96428  1.000 45.24635 ?  107 PHE A H    1 
ATOM   589 H HA   . PHE A 1 44 ? 12.49270  5.52988   13.51963  1.000 50.59933 ?  107 PHE A HA   1 
ATOM   590 H HB2  . PHE A 1 44 ? 11.88710  4.04024   15.18195  1.000 51.40686 ?  107 PHE A HB2  1 
ATOM   591 H HB3  . PHE A 1 44 ? 11.08677  3.72832   13.84494  1.000 51.40686 ?  107 PHE A HB3  1 
ATOM   592 H HD1  . PHE A 1 44 ? 11.59489  1.72326   12.58443  1.000 52.04518 ?  107 PHE A HD1  1 
ATOM   593 H HD2  . PHE A 1 44 ? 13.40593  2.42196   16.08034  1.000 53.54981 ?  107 PHE A HD2  1 
ATOM   594 H HE1  . PHE A 1 44 ? 12.31160  -0.46622  12.63730  1.000 51.99427 ?  107 PHE A HE1  1 
ATOM   595 H HE2  . PHE A 1 44 ? 14.11964  0.22385   16.15098  1.000 53.81751 ?  107 PHE A HE2  1 
ATOM   596 H HZ   . PHE A 1 44 ? 13.57134  -1.22839  14.42169  1.000 53.28953 ?  107 PHE A HZ   1 
HETATM 597 O O    . HOH B 2 .  ? -12.64736 9.26766   5.08934   1.000 40.09580 ?  201 HOH A O    1 
HETATM 598 O O    . HOH B 2 .  ? -14.34963 -0.46144  6.84340   1.000 43.99986 ?  202 HOH A O    1 
HETATM 599 O O    . HOH B 2 .  ? 3.65963   -9.37172  -13.46684 1.000 32.44045 ?  203 HOH A O    1 
HETATM 600 O O    . HOH B 2 .  ? -5.10197  -8.30534  -6.44248  1.000 32.93348 ?  204 HOH A O    1 
HETATM 601 O O    . HOH B 2 .  ? -11.62900 -4.28695  -0.97671  1.000 46.31528 ?  205 HOH A O    1 
HETATM 602 O O    . HOH B 2 .  ? 9.46128   8.06031   8.76939   1.000 31.69482 ?  206 HOH A O    1 
HETATM 603 O O    . HOH B 2 .  ? -15.08567 -1.38443  -2.71219  1.000 39.41240 ?  207 HOH A O    1 
HETATM 604 O O    . HOH B 2 .  ? 3.72015   -3.43032  -14.47562 1.000 27.38944 ?  208 HOH A O    1 
HETATM 605 O O    . HOH B 2 .  ? 8.24590   6.09794   9.84262   1.000 30.31105 ?  209 HOH A O    1 
HETATM 606 O O    . HOH B 2 .  ? -10.88085 0.58841   7.19334   1.000 38.36061 ?  210 HOH A O    1 
HETATM 607 O O    . HOH B 2 .  ? -9.24539  2.59595   8.39976   1.000 36.65422 ?  211 HOH A O    1 
HETATM 608 O O    . HOH B 2 .  ? -3.06870  -8.16257  -8.98180  1.000 41.72170 ?  212 HOH A O    1 
HETATM 609 O O    . HOH B 2 .  ? -11.70684 -1.94701  0.67084   1.000 26.50316 ?  213 HOH A O    1 
HETATM 610 O O    . HOH B 2 .  ? -14.90218 7.96116   6.19866   1.000 50.70320 ?  214 HOH A O    1 
HETATM 611 O O    . HOH B 2 .  ? 2.15083   -8.65778  -5.11825  1.000 25.37186 ?  215 HOH A O    1 
HETATM 612 O O    . HOH B 2 .  ? 7.99917   -4.99185  -7.69176  1.000 25.14437 ?  216 HOH A O    1 
HETATM 613 O O    . HOH B 2 .  ? -5.92197  8.47086   9.53138   1.000 46.66956 ?  217 HOH A O    1 
HETATM 614 O O    . HOH B 2 .  ? 5.50960   -4.91685  3.76327   1.000 28.16741 ?  218 HOH A O    1 
HETATM 615 O O    . HOH B 2 .  ? -6.01933  0.68995   -8.93622  1.000 25.87233 ?  219 HOH A O    1 
HETATM 616 O O    . HOH B 2 .  ? -8.37798  6.69306   -1.25567  1.000 20.04749 ?  220 HOH A O    1 
HETATM 617 O O    . HOH B 2 .  ? 13.57184  2.58368   6.25641   1.000 32.54851 ?  221 HOH A O    1 
HETATM 618 O O    . HOH B 2 .  ? 10.72065  1.80147   -0.47787  1.000 38.24532 ?  222 HOH A O    1 
HETATM 619 O O    . HOH B 2 .  ? -11.49130 -2.49664  3.23382   1.000 33.78343 ?  223 HOH A O    1 
HETATM 620 O O    . HOH B 2 .  ? 7.46537   -6.40330  -1.61777  1.000 30.15798 ?  224 HOH A O    1 
HETATM 621 O O    . HOH B 2 .  ? -0.69079  -1.65455  -11.64311 1.000 28.53617 ?  225 HOH A O    1 
HETATM 622 O O    . HOH B 2 .  ? -10.70860 -3.97866  -5.46163  1.000 33.60583 ?  226 HOH A O    1 
HETATM 623 O O    . HOH B 2 .  ? 15.16519  4.62755   6.57313   1.000 41.84782 ?  227 HOH A O    1 
HETATM 624 O O    . HOH B 2 .  ? 15.93236  6.48084   10.59119  1.000 33.44000 ?  228 HOH A O    1 
HETATM 625 O O    . HOH B 2 .  ? -3.24660  -8.53290  -12.82157 1.000 43.90457 ?  229 HOH A O    1 
HETATM 626 O O    . HOH B 2 .  ? 11.45525  -1.92116  2.00755   1.000 35.79629 ?  230 HOH A O    1 
HETATM 627 O O    . HOH B 2 .  ? 8.62082   6.14291   12.47930  1.000 49.61604 ?  231 HOH A O    1 
HETATM 628 O O    . HOH B 2 .  ? -13.82052 7.59027   9.30196   1.000 41.45238 ?  232 HOH A O    1 
HETATM 629 O O    . HOH B 2 .  ? 6.27423   -4.71211  6.53626   1.000 32.01018 ?  233 HOH A O    1 
HETATM 630 O O    . HOH B 2 .  ? 12.24094  7.95785   13.21863  1.000 41.20667 ?  234 HOH A O    1 
HETATM 631 O O    . HOH B 2 .  ? 9.89340   8.27476   11.68716  1.000 36.70849 ?  235 HOH A O    1 
HETATM 632 O O    . HOH B 2 .  ? 11.69388  7.12755   16.05732  1.000 42.42468 ?  236 HOH A O    1 
HETATM 633 O O    . HOH B 2 .  ? -6.41094  5.58980   -2.70030  1.000 23.83158 ?  237 HOH A O    1 
HETATM 634 O O    . HOH B 2 .  ? -12.25656 -1.00820  -11.20881 1.000 35.71383 ?  238 HOH A O    1 
HETATM 635 O O    . HOH B 2 .  ? -5.05283  0.15931   -11.51953 1.000 35.24541 ?  239 HOH A O    1 
HETATM 636 O O    . HOH B 2 .  ? -9.48229  0.48685   -11.65508 1.000 42.69997 ?  240 HOH A O    1 
HETATM 637 O O    . HOH B 2 .  ? 3.73266   -1.70301  -12.29719 1.000 23.69082 ?  241 HOH A O    1 
HETATM 638 O O    . HOH B 2 .  ? 14.21201  0.18294   5.09472   1.000 44.69177 ?  242 HOH A O    1 
HETATM 639 O O    . HOH B 2 .  ? -2.98474  -0.37391  -12.73461 1.000 51.22906 ?  243 HOH A O    1 
HETATM 640 O O    . HOH B 2 .  ? 0.91865   -10.99598 -5.46991  1.000 36.85010 ?  244 HOH A O    1 
HETATM 641 O O    . HOH B 2 .  ? 1.22453   -1.13294  -13.07682 1.000 34.97875 ?  245 HOH A O    1 
HETATM 642 O O    . HOH B 2 .  ? -10.62088 -5.03175  4.39196   0.50  34.09688 ?  246 HOH A O    1 
# 
loop_
_atom_site_anisotrop.id 
_atom_site_anisotrop.type_symbol 
_atom_site_anisotrop.pdbx_label_atom_id 
_atom_site_anisotrop.pdbx_label_alt_id 
_atom_site_anisotrop.pdbx_label_comp_id 
_atom_site_anisotrop.pdbx_label_asym_id 
_atom_site_anisotrop.pdbx_label_seq_id 
_atom_site_anisotrop.pdbx_PDB_ins_code 
_atom_site_anisotrop.U[1][1] 
_atom_site_anisotrop.U[2][2] 
_atom_site_anisotrop.U[3][3] 
_atom_site_anisotrop.U[1][2] 
_atom_site_anisotrop.U[1][3] 
_atom_site_anisotrop.U[2][3] 
_atom_site_anisotrop.pdbx_auth_seq_id 
_atom_site_anisotrop.pdbx_auth_comp_id 
_atom_site_anisotrop.pdbx_auth_asym_id 
_atom_site_anisotrop.pdbx_auth_atom_id 
1   N N   . GLU A 11 ? 0.47776 0.55513 0.47347 -0.01411 0.01026  0.01087  74  GLU A N   
2   C CA  . GLU A 11 ? 0.47804 0.56160 0.42770 -0.00159 -0.00714 0.00799  74  GLU A CA  
3   C C   . GLU A 11 ? 0.37920 0.53650 0.36624 -0.00390 0.01643  0.01729  74  GLU A C   
4   O O   . GLU A 11 ? 0.31876 0.53888 0.30768 -0.00999 0.00829  -0.00502 74  GLU A O   
5   C CB  . GLU A 11 ? 0.54706 0.58124 0.47289 0.00152  -0.02499 0.00051  74  GLU A CB  
6   C CG  . GLU A 11 ? 0.61894 0.60115 0.52561 0.01397  -0.01858 -0.00693 74  GLU A CG  
7   C CD  . GLU A 11 ? 0.67749 0.62478 0.54969 0.03506  -0.02501 -0.01883 74  GLU A CD  
8   O OE1 . GLU A 11 ? 0.68368 0.65350 0.54852 0.03612  -0.00004 -0.03596 74  GLU A OE1 
9   O OE2 . GLU A 11 ? 0.69811 0.61671 0.55004 0.04627  -0.05189 -0.01714 74  GLU A OE2 
15  N N   . ARG A 12 ? 0.33984 0.53723 0.34152 0.01153  0.02323  0.02265  75  ARG A N   
16  C CA  . ARG A 12 ? 0.32598 0.52635 0.32273 0.02878  0.02477  0.03732  75  ARG A CA  
17  C C   . ARG A 12 ? 0.23370 0.48047 0.29209 0.01098  0.04162  0.05210  75  ARG A C   
18  O O   . ARG A 12 ? 0.21568 0.47281 0.29080 -0.00484 0.05153  0.05995  75  ARG A O   
19  C CB  . ARG A 12 ? 0.37421 0.57123 0.38071 0.03936  0.03887  0.01118  75  ARG A CB  
20  C CG  . ARG A 12 ? 0.44770 0.62001 0.45747 0.04832  0.04443  -0.01672 75  ARG A CG  
21  C CD  . ARG A 12 ? 0.52509 0.64206 0.53724 0.05665  0.03989  -0.03254 75  ARG A CD  
22  N NE  . ARG A 12 ? 0.58031 0.66519 0.59540 0.07647  0.02572  -0.05281 75  ARG A NE  
23  C CZ  . ARG A 12 ? 0.62344 0.68631 0.63215 0.09276  0.02325  -0.06984 75  ARG A CZ  
24  N NH1 . ARG A 12 ? 0.63866 0.70267 0.64446 0.10000  0.02879  -0.08087 75  ARG A NH1 
25  N NH2 . ARG A 12 ? 0.64603 0.68306 0.64633 0.09559  0.01551  -0.06677 75  ARG A NH2 
39  N N   . HIS A 13 ? 0.22243 0.45264 0.27211 -0.02012 0.02077  0.02890  76  HIS A N   
40  C CA  . HIS A 13 ? 0.19637 0.43013 0.29527 -0.01958 0.00547  0.03244  76  HIS A CA  
41  C C   . HIS A 13 ? 0.18805 0.39220 0.23960 0.00180  -0.05404 0.02183  76  HIS A C   
42  O O   . HIS A 13 ? 0.16287 0.37564 0.26175 -0.00339 -0.04433 0.01084  76  HIS A O   
43  C CB  . HIS A 13 ? 0.19921 0.45425 0.38644 -0.01726 0.04248  0.03575  76  HIS A CB  
44  C CG  . HIS A 13 ? 0.26485 0.46883 0.50490 -0.00722 0.05396  0.04490  76  HIS A CG  
45  N ND1 . HIS A 13 ? 0.30075 0.49544 0.54646 -0.02129 0.08068  0.02496  76  HIS A ND1 
46  C CD2 . HIS A 13 ? 0.26386 0.45431 0.58204 -0.00898 0.05063  0.06357  76  HIS A CD2 
47  C CE1 . HIS A 13 ? 0.29084 0.49213 0.57768 -0.00363 0.07538  0.03994  76  HIS A CE1 
48  N NE2 . HIS A 13 ? 0.25874 0.45303 0.61819 -0.00613 0.06050  0.06514  76  HIS A NE2 
56  N N   . LEU A 14 ? 0.18662 0.38731 0.20745 0.00275  -0.02703 0.00020  77  LEU A N   
57  C CA  . LEU A 14 ? 0.19423 0.36652 0.23564 -0.01920 -0.01696 -0.00255 77  LEU A CA  
58  C C   . LEU A 14 ? 0.18414 0.32952 0.20706 -0.03618 -0.01121 0.01691  77  LEU A C   
59  O O   . LEU A 14 ? 0.18384 0.29597 0.21932 -0.02559 -0.01425 0.03650  77  LEU A O   
60  C CB  . LEU A 14 ? 0.20777 0.35149 0.25053 -0.02176 -0.04135 -0.00540 77  LEU A CB  
61  C CG  . LEU A 14 ? 0.22963 0.33205 0.28437 -0.04309 -0.03200 0.00020  77  LEU A CG  
62  C CD1 . LEU A 14 ? 0.23159 0.33707 0.34352 -0.03194 -0.03468 0.00096  77  LEU A CD1 
63  C CD2 . LEU A 14 ? 0.28651 0.32395 0.30931 -0.03826 -0.05244 0.01160  77  LEU A CD2 
75  N N   . ASP A 15 ? 0.17525 0.34310 0.20299 -0.02493 -0.02222 0.03455  78  ASP A N   
76  C CA  . ASP A 15 ? 0.19061 0.35127 0.21269 -0.01469 -0.00214 0.05182  78  ASP A CA  
77  C C   . ASP A 15 ? 0.17949 0.34184 0.20615 -0.01578 -0.02361 0.07323  78  ASP A C   
78  O O   . ASP A 15 ? 0.17928 0.31461 0.19971 -0.03916 -0.03004 0.06776  78  ASP A O   
79  C CB  . ASP A 15 ? 0.21250 0.34156 0.21306 -0.02320 -0.01057 0.04830  78  ASP A CB  
80  C CG  . ASP A 15 ? 0.24450 0.35867 0.22214 -0.02661 -0.01967 0.04204  78  ASP A CG  
81  O OD1 . ASP A 15 ? 0.21008 0.36299 0.22020 -0.01879 -0.01972 0.01955  78  ASP A OD1 
82  O OD2 . ASP A 15 ? 0.26456 0.39142 0.21619 -0.03324 -0.02009 0.03635  78  ASP A OD2 
87  N N   . ASP A 16 ? 0.16462 0.35628 0.22714 -0.02132 -0.01263 0.06268  79  ASP A N   
88  C CA  . ASP A 16 ? 0.17683 0.35017 0.25137 -0.02134 -0.02380 0.07087  79  ASP A CA  
89  C C   . ASP A 16 ? 0.15700 0.31167 0.23865 -0.04479 -0.01242 0.06389  79  ASP A C   
90  O O   . ASP A 16 ? 0.16579 0.31528 0.23185 -0.05882 -0.00313 0.05665  79  ASP A O   
91  C CB  . ASP A 16 ? 0.19499 0.39064 0.26637 -0.02028 -0.02699 0.08408  79  ASP A CB  
92  C CG  . ASP A 16 ? 0.18413 0.43174 0.29087 -0.03889 -0.01352 0.08735  79  ASP A CG  
93  O OD1 . ASP A 16 ? 0.19787 0.46908 0.29255 -0.01599 -0.00079 0.10689  79  ASP A OD1 
94  O OD2 . ASP A 16 ? 0.23215 0.43860 0.30331 -0.05526 0.00795  0.06845  79  ASP A OD2 
99  N N   . ALA A 17 ? 0.17505 0.30123 0.22530 -0.03053 -0.04279 0.06016  80  ALA A N   
100 C CA  . ALA A 17 ? 0.15891 0.30268 0.21529 -0.03653 -0.02823 0.05265  80  ALA A CA  
101 C C   . ALA A 17 ? 0.16279 0.28617 0.22980 -0.03965 -0.02470 0.04891  80  ALA A C   
102 O O   . ALA A 17 ? 0.17245 0.29896 0.19944 -0.03446 -0.01811 0.05551  80  ALA A O   
103 C CB  . ALA A 17 ? 0.18805 0.33470 0.19791 -0.01720 -0.02385 0.03068  80  ALA A CB  
109 N N   . PHE A 18 ? 0.16357 0.29711 0.20141 -0.04166 -0.02870 0.04425  81  PHE A N   
110 C CA  . PHE A 18 ? 0.16411 0.30539 0.18697 -0.02606 -0.02940 0.05586  81  PHE A CA  
111 C C   . PHE A 18 ? 0.16171 0.29864 0.17130 -0.03011 -0.04458 0.04793  81  PHE A C   
112 O O   . PHE A 18 ? 0.17793 0.27940 0.18996 -0.05025 -0.03273 0.03001  81  PHE A O   
113 C CB  . PHE A 18 ? 0.15276 0.30164 0.20437 -0.04776 -0.02413 0.02246  81  PHE A CB  
114 C CG  . PHE A 18 ? 0.18980 0.28028 0.19116 -0.06714 -0.03810 0.01687  81  PHE A CG  
115 C CD1 . PHE A 18 ? 0.19041 0.29419 0.20953 -0.05477 -0.02366 0.01055  81  PHE A CD1 
116 C CD2 . PHE A 18 ? 0.18213 0.29430 0.19885 -0.06632 -0.04783 0.01758  81  PHE A CD2 
117 C CE1 . PHE A 18 ? 0.19800 0.27929 0.21281 -0.05548 -0.01729 0.03394  81  PHE A CE1 
118 C CE2 . PHE A 18 ? 0.20931 0.27165 0.20029 -0.06321 -0.06827 0.01803  81  PHE A CE2 
119 C CZ  . PHE A 18 ? 0.19380 0.26501 0.20621 -0.03829 -0.04973 0.03790  81  PHE A CZ  
129 N N   . PHE A 19 ? 0.16107 0.31044 0.20115 -0.02825 -0.02892 0.04262  82  PHE A N   
130 C CA  . PHE A 19 ? 0.18759 0.28024 0.19019 -0.05360 -0.00972 0.05955  82  PHE A CA  
131 C C   . PHE A 19 ? 0.22491 0.29438 0.19077 -0.04013 -0.01493 0.04914  82  PHE A C   
132 O O   . PHE A 19 ? 0.21531 0.27388 0.19000 -0.05920 -0.02960 0.06273  82  PHE A O   
133 C CB  . PHE A 19 ? 0.21655 0.30793 0.21182 -0.03394 -0.04378 0.06056  82  PHE A CB  
134 C CG  . PHE A 19 ? 0.22158 0.30819 0.20616 -0.05324 -0.03525 0.08054  82  PHE A CG  
135 C CD1 . PHE A 19 ? 0.22149 0.32663 0.19968 -0.05237 -0.05401 0.08598  82  PHE A CD1 
136 C CD2 . PHE A 19 ? 0.22995 0.32656 0.27643 -0.05481 -0.00348 0.06922  82  PHE A CD2 
137 C CE1 . PHE A 19 ? 0.24906 0.32859 0.19649 -0.04983 -0.05299 0.09292  82  PHE A CE1 
138 C CE2 . PHE A 19 ? 0.24430 0.32162 0.28074 -0.05284 -0.00812 0.08817  82  PHE A CE2 
139 C CZ  . PHE A 19 ? 0.23878 0.33128 0.25390 -0.03634 -0.03035 0.10270  82  PHE A CZ  
149 N N   . ARG A 20 ? 0.20179 0.27566 0.22957 -0.07091 -0.01736 0.03984  83  ARG A N   
150 C CA  . ARG A 20 ? 0.22012 0.28655 0.21908 -0.05845 -0.05380 0.04110  83  ARG A CA  
151 C C   . ARG A 20 ? 0.19234 0.31539 0.19797 -0.04207 -0.03707 0.03196  83  ARG A C   
152 O O   . ARG A 20 ? 0.20126 0.32753 0.22026 -0.04212 -0.03463 0.03299  83  ARG A O   
153 C CB  . ARG A 20 ? 0.25239 0.36187 0.24683 -0.05287 -0.06356 0.00196  83  ARG A CB  
154 C CG  . ARG A 20 ? 0.37122 0.43335 0.31948 -0.05178 -0.06319 -0.01255 83  ARG A CG  
155 C CD  . ARG A 20 ? 0.49754 0.50684 0.40208 -0.01396 -0.05429 -0.01090 83  ARG A CD  
156 N NE  . ARG A 20 ? 0.56941 0.54637 0.47101 0.04273  -0.05355 -0.00552 83  ARG A NE  
157 C CZ  . ARG A 20 ? 0.58495 0.58595 0.50421 0.08372  -0.06192 -0.02667 83  ARG A CZ  
158 N NH1 . ARG A 20 ? 0.57672 0.60325 0.50845 0.08145  -0.05796 -0.03493 83  ARG A NH1 
159 N NH2 . ARG A 20 ? 0.56892 0.59097 0.53776 0.09321  -0.04359 -0.04183 83  ARG A NH2 
173 N N   . GLY A 21 ? 0.16202 0.31666 0.20926 -0.03625 -0.04339 0.03676  84  GLY A N   
174 C CA  . GLY A 21 ? 0.19309 0.32415 0.19762 -0.04296 -0.03683 0.02275  84  GLY A CA  
175 C C   . GLY A 21 ? 0.17861 0.32385 0.21229 -0.04362 -0.02261 0.00975  84  GLY A C   
176 O O   . GLY A 21 ? 0.19456 0.32030 0.20539 -0.00765 -0.02400 0.02610  84  GLY A O   
180 N N   . TYR A 22 ? 0.17309 0.32830 0.19654 -0.03618 -0.03465 0.02102  85  TYR A N   
181 C CA  . TYR A 22 ? 0.18929 0.32794 0.21741 -0.02027 -0.02392 0.03548  85  TYR A CA  
182 C C   . TYR A 22 ? 0.19126 0.32071 0.23923 -0.01332 -0.03365 0.04461  85  TYR A C   
183 O O   . TYR A 22 ? 0.20480 0.30640 0.26045 -0.01922 -0.03141 0.03307  85  TYR A O   
184 C CB  . TYR A 22 ? 0.19357 0.33895 0.17521 -0.01557 -0.02154 0.04275  85  TYR A CB  
185 C CG  . TYR A 22 ? 0.17592 0.33639 0.17746 -0.01339 -0.01684 0.05473  85  TYR A CG  
186 C CD1 . TYR A 22 ? 0.18918 0.32030 0.21280 -0.03051 0.00084  0.04658  85  TYR A CD1 
187 C CD2 . TYR A 22 ? 0.17050 0.33211 0.17356 -0.01269 -0.03349 0.05386  85  TYR A CD2 
188 C CE1 . TYR A 22 ? 0.21906 0.31000 0.19183 -0.02557 -0.00811 0.04312  85  TYR A CE1 
189 C CE2 . TYR A 22 ? 0.18495 0.30763 0.14470 -0.03504 -0.02348 0.07299  85  TYR A CE2 
190 C CZ  . TYR A 22 ? 0.21305 0.30251 0.16866 -0.01842 -0.02952 0.06005  85  TYR A CZ  
191 O OH  . TYR A 22 ? 0.22052 0.31672 0.17628 -0.01585 -0.02667 0.04584  85  TYR A OH  
201 N N   . LYS A 23 ? 0.19740 0.30603 0.23942 -0.04524 -0.02065 0.02729  86  LYS A N   
202 C CA  . LYS A 23 ? 0.21132 0.32504 0.26624 -0.03981 -0.02897 0.01910  86  LYS A CA  
203 C C   . LYS A 23 ? 0.21529 0.34291 0.28908 -0.05847 0.00374  -0.02050 86  LYS A C   
204 O O   . LYS A 23 ? 0.30079 0.33787 0.29985 -0.06086 0.01724  -0.02629 86  LYS A O   
205 C CB  . LYS A 23 ? 0.26102 0.31729 0.28739 -0.04666 -0.03686 0.00398  86  LYS A CB  
206 C CG  . LYS A 23 ? 0.31086 0.31845 0.30483 -0.06534 -0.01948 0.01657  86  LYS A CG  
207 C CD  . LYS A 23 ? 0.36961 0.37403 0.34911 -0.06796 0.00793  0.01563  86  LYS A CD  
208 C CE  . LYS A 23 ? 0.36075 0.38714 0.42377 -0.10787 0.03879  0.01920  86  LYS A CE  
209 N NZ  . LYS A 23 ? 0.37550 0.41457 0.45176 -0.11010 0.05394  0.02506  86  LYS A NZ  
223 N N   . ASN A 24 ? 0.19863 0.36283 0.26986 -0.06421 -0.03469 -0.03177 87  ASN A N   
224 C CA  . ASN A 24 ? 0.22540 0.38069 0.26266 -0.04882 -0.05326 -0.02579 87  ASN A CA  
225 C C   . ASN A 24 ? 0.24881 0.34857 0.22645 -0.05129 -0.03377 -0.01980 87  ASN A C   
226 O O   . ASN A 24 ? 0.27108 0.37664 0.23270 -0.03988 -0.04099 -0.03265 87  ASN A O   
227 C CB  . ASN A 24 ? 0.26313 0.43780 0.29010 -0.03601 -0.04550 -0.03334 87  ASN A CB  
228 C CG  . ASN A 24 ? 0.30980 0.49233 0.33666 -0.01736 -0.07584 -0.03044 87  ASN A CG  
229 O OD1 . ASN A 24 ? 0.26496 0.48434 0.40419 -0.03304 -0.07582 -0.00941 87  ASN A OD1 
230 N ND2 . ASN A 24 ? 0.31869 0.54319 0.31058 0.00940  -0.08981 -0.02934 87  ASN A ND2 
237 N N   . LEU A 25 ? 0.22562 0.32892 0.22284 -0.04541 -0.02497 -0.00709 88  LEU A N   
238 C CA  . LEU A 25 ? 0.20996 0.33330 0.22638 -0.04727 -0.00198 0.02078  88  LEU A CA  
239 C C   . LEU A 25 ? 0.20990 0.32960 0.21955 -0.07081 -0.00118 0.02074  88  LEU A C   
240 O O   . LEU A 25 ? 0.22002 0.34041 0.23671 -0.05196 -0.00191 0.02289  88  LEU A O   
241 C CB  . LEU A 25 ? 0.23607 0.33657 0.25159 -0.03764 0.00480  0.02889  88  LEU A CB  
242 C CG  . LEU A 25 ? 0.24828 0.33865 0.25550 -0.04346 -0.01048 0.03478  88  LEU A CG  
243 C CD1 . LEU A 25 ? 0.24478 0.36620 0.28031 -0.03905 0.00438  0.02728  88  LEU A CD1 
244 C CD2 . LEU A 25 ? 0.28772 0.31431 0.26740 -0.05487 0.00039  0.05428  88  LEU A CD2 
256 N N   . GLU A 26 ? 0.22159 0.34992 0.21145 -0.07439 0.00092  0.00926  89  GLU A N   
257 C CA  . GLU A 26 ? 0.23920 0.35147 0.20486 -0.07628 -0.00449 0.00837  89  GLU A CA  
258 C C   . GLU A 26 ? 0.23401 0.31840 0.21163 -0.08436 -0.00060 0.02697  89  GLU A C   
259 O O   . GLU A 26 ? 0.21504 0.30335 0.21402 -0.07377 -0.00222 0.01179  89  GLU A O   
260 C CB  . GLU A 26 ? 0.26644 0.39630 0.21374 -0.04354 -0.01773 0.02404  89  GLU A CB  
261 C CG  . GLU A 26 ? 0.30183 0.46850 0.21119 0.00973  -0.03407 0.03072  89  GLU A CG  
262 C CD  . GLU A 26 ? 0.34390 0.51298 0.25443 0.03251  -0.05653 0.00672  89  GLU A CD  
263 O OE1 . GLU A 26 ? 0.35688 0.52112 0.24050 0.02518  -0.05617 -0.01516 89  GLU A OE1 
264 O OE2 . GLU A 26 ? 0.40285 0.54265 0.35422 0.01823  -0.03744 -0.02034 89  GLU A OE2 
271 N N   . PRO A 27 ? 0.26637 0.31993 0.19073 -0.08105 0.00844  0.00389  90  PRO A N   
272 C CA  . PRO A 27 ? 0.26303 0.30286 0.21218 -0.04652 0.00767  0.02402  90  PRO A CA  
273 C C   . PRO A 27 ? 0.24656 0.27951 0.18916 -0.02556 0.00560  0.02747  90  PRO A C   
274 O O   . PRO A 27 ? 0.25508 0.26617 0.16061 -0.03887 0.00628  0.04503  90  PRO A O   
275 C CB  . PRO A 27 ? 0.28601 0.30857 0.23347 -0.06929 0.01314  0.01717  90  PRO A CB  
276 C CG  . PRO A 27 ? 0.35161 0.30755 0.27268 -0.05755 -0.02322 0.01138  90  PRO A CG  
277 C CD  . PRO A 27 ? 0.28952 0.30918 0.23261 -0.08483 0.03209  0.00796  90  PRO A CD  
285 N N   . GLU A 28 ? 0.24815 0.26486 0.18545 -0.04731 0.02442  0.01575  91  GLU A N   
286 C CA  . GLU A 28 ? 0.22958 0.28818 0.18093 -0.05516 0.00886  0.00959  91  GLU A CA  
287 C C   . GLU A 28 ? 0.21438 0.28250 0.18705 -0.05249 0.01498  0.01486  91  GLU A C   
288 O O   . GLU A 28 ? 0.24128 0.26182 0.17617 -0.03444 -0.00093 0.01381  91  GLU A O   
289 C CB  . GLU A 28 ? 0.25121 0.31789 0.17859 -0.04736 0.01457  0.00279  91  GLU A CB  
290 C CG  . GLU A 28 ? 0.24933 0.36528 0.21503 -0.05775 0.05066  0.00682  91  GLU A CG  
291 C CD  . GLU A 28 ? 0.28077 0.39240 0.22187 -0.06755 0.01277  -0.01108 91  GLU A CD  
292 O OE1 . GLU A 28 ? 0.29258 0.39534 0.19400 -0.07698 0.00235  -0.01321 91  GLU A OE1 
293 O OE2 . GLU A 28 ? 0.23563 0.41215 0.23109 -0.06933 0.00359  -0.03030 91  GLU A OE2 
300 N N   . ALA A 29 ? 0.20142 0.27863 0.17555 -0.04767 -0.01528 0.02391  92  ALA A N   
301 C CA  . ALA A 29 ? 0.20629 0.29655 0.15212 -0.04347 -0.01706 0.02020  92  ALA A CA  
302 C C   . ALA A 29 ? 0.19574 0.25936 0.17539 -0.03328 -0.01495 0.04722  92  ALA A C   
303 O O   . ALA A 29 ? 0.19601 0.25453 0.16701 -0.02813 -0.01605 0.04491  92  ALA A O   
304 C CB  . ALA A 29 ? 0.24407 0.30131 0.14493 -0.03391 -0.01763 0.04655  92  ALA A CB  
310 N N   . LYS A 30 ? 0.19711 0.26559 0.15673 -0.03132 -0.00547 0.03999  93  LYS A N   
311 C CA  . LYS A 30 ? 0.19212 0.26440 0.18622 -0.01125 -0.00357 0.04996  93  LYS A CA  
312 C C   . LYS A 30 ? 0.19333 0.24320 0.18512 -0.02797 0.00337  0.04234  93  LYS A C   
313 O O   . LYS A 30 ? 0.20893 0.24868 0.16852 -0.03850 0.00476  0.03558  93  LYS A O   
314 C CB  . LYS A 30 ? 0.19566 0.29453 0.18126 -0.01823 -0.01407 0.02945  93  LYS A CB  
315 C CG  . LYS A 30 ? 0.19233 0.31265 0.21438 -0.03563 -0.01627 0.03932  93  LYS A CG  
316 C CD  . LYS A 30 ? 0.22185 0.33262 0.23827 -0.03276 -0.02798 0.05743  93  LYS A CD  
317 C CE  . LYS A 30 ? 0.28565 0.34795 0.25125 -0.04894 -0.05388 0.05395  93  LYS A CE  
318 N NZ  . LYS A 30 ? 0.29109 0.35102 0.26378 -0.07913 -0.06214 0.04443  93  LYS A NZ  
332 N N   . ALA A 31 ? 0.23399 0.25833 0.17349 -0.00530 0.01383  0.04163  94  ALA A N   
333 C CA  . ALA A 31 ? 0.23250 0.30277 0.17817 0.00792  0.00775  0.02236  94  ALA A CA  
334 C C   . ALA A 31 ? 0.18178 0.28701 0.19152 -0.01705 0.00877  0.04961  94  ALA A C   
335 O O   . ALA A 31 ? 0.19195 0.27595 0.17925 -0.01790 -0.01647 0.05702  94  ALA A O   
336 C CB  . ALA A 31 ? 0.25481 0.27996 0.21653 0.01334  0.00345  0.03178  94  ALA A CB  
342 N N   . GLN A 32 ? 0.19401 0.30552 0.16815 -0.03719 -0.00424 0.06494  95  GLN A N   
343 C CA  . GLN A 32 ? 0.18334 0.32949 0.20448 -0.03138 -0.02043 0.06635  95  GLN A CA  
344 C C   . GLN A 32 ? 0.20230 0.28398 0.20873 -0.02997 -0.02990 0.08818  95  GLN A C   
345 O O   . GLN A 32 ? 0.17637 0.29093 0.21397 -0.03588 -0.01856 0.07771  95  GLN A O   
346 C CB  . GLN A 32 ? 0.20507 0.32796 0.21683 -0.05946 -0.00584 0.08879  95  GLN A CB  
347 C CG  . GLN A 32 ? 0.19960 0.38031 0.19707 -0.05002 0.00741  0.09107  95  GLN A CG  
348 C CD  . GLN A 32 ? 0.20916 0.44031 0.19533 -0.05068 0.00866  0.08552  95  GLN A CD  
349 O OE1 . GLN A 32 ? 0.21389 0.46868 0.27914 -0.03820 0.02387  0.08224  95  GLN A OE1 
350 N NE2 . GLN A 32 ? 0.20985 0.47897 0.22763 -0.04657 0.00865  0.07954  95  GLN A NE2 
359 N N   . LEU A 33 ? 0.18896 0.26189 0.19757 -0.04314 -0.01653 0.05418  96  LEU A N   
360 C CA  . LEU A 33 ? 0.19907 0.24601 0.19263 -0.04958 -0.01302 0.05998  96  LEU A CA  
361 C C   . LEU A 33 ? 0.16818 0.26267 0.17500 -0.02929 -0.01243 0.05874  96  LEU A C   
362 O O   . LEU A 33 ? 0.16299 0.24312 0.20043 -0.03834 -0.03009 0.05345  96  LEU A O   
363 C CB  . LEU A 33 ? 0.19037 0.27855 0.19982 -0.02292 -0.04728 0.06082  96  LEU A CB  
364 C CG  . LEU A 33 ? 0.22791 0.30082 0.26062 -0.00795 -0.06590 0.06765  96  LEU A CG  
365 C CD1 . LEU A 33 ? 0.22413 0.33518 0.30776 0.03228  -0.04654 0.05366  96  LEU A CD1 
366 C CD2 . LEU A 33 ? 0.25324 0.33344 0.36918 -0.00436 -0.03557 0.08011  96  LEU A CD2 
378 N N   . ARG A 34 ? 0.18726 0.24839 0.18644 -0.02299 -0.01764 0.06745  97  ARG A N   
379 C CA  . ARG A 34 ? 0.20082 0.25060 0.17790 -0.02025 -0.01593 0.06741  97  ARG A CA  
380 C C   . ARG A 34 ? 0.19762 0.25543 0.17856 -0.02824 -0.02460 0.06383  97  ARG A C   
381 O O   . ARG A 34 ? 0.20120 0.25990 0.18062 -0.03116 -0.02699 0.06966  97  ARG A O   
382 C CB  . ARG A 34 ? 0.20760 0.26695 0.17832 -0.01318 -0.01923 0.06277  97  ARG A CB  
383 C CG  . ARG A 34 ? 0.22389 0.23071 0.18539 -0.04663 -0.01207 0.06509  97  ARG A CG  
384 C CD  . ARG A 34 ? 0.25409 0.26010 0.17394 -0.02720 -0.01820 0.05941  97  ARG A CD  
385 N NE  . ARG A 34 ? 0.24344 0.25997 0.19474 -0.03402 -0.01051 0.05949  97  ARG A NE  
386 C CZ  . ARG A 34 ? 0.24056 0.26721 0.18048 -0.02594 -0.01562 0.07088  97  ARG A CZ  
387 N NH1 . ARG A 34 ? 0.29137 0.26591 0.18460 -0.03115 -0.02639 0.04649  97  ARG A NH1 
388 N NH2 . ARG A 34 ? 0.28491 0.28173 0.17493 -0.02586 -0.01313 0.04939  97  ARG A NH2 
402 N N   . LYS A 35 ? 0.16543 0.28049 0.18664 -0.01687 -0.01894 0.05265  98  LYS A N   
403 C CA  . LYS A 35 ? 0.20400 0.30116 0.19972 -0.02944 -0.04149 0.05200  98  LYS A CA  
404 C C   . LYS A 35 ? 0.20966 0.28569 0.21864 -0.02905 -0.02121 0.05318  98  LYS A C   
405 O O   . LYS A 35 ? 0.18204 0.31763 0.21535 -0.02343 -0.02366 0.04467  98  LYS A O   
406 C CB  . LYS A 35 ? 0.22239 0.34080 0.24259 -0.04742 -0.02855 0.05034  98  LYS A CB  
407 C CG  . LYS A 35 ? 0.28224 0.40654 0.34873 -0.03691 0.01362  0.02350  98  LYS A CG  
408 C CD  . LYS A 35 ? 0.36747 0.46823 0.45533 -0.01841 0.00852  0.00842  98  LYS A CD  
409 C CE  . LYS A 35 ? 0.41991 0.51004 0.51949 0.00300  0.00333  0.00568  98  LYS A CE  
410 N NZ  . LYS A 35 ? 0.43883 0.52379 0.54836 0.02173  -0.00335 0.01362  98  LYS A NZ  
424 N N   . MET A 36 ? 0.17428 0.27579 0.21165 -0.03552 -0.02106 0.04474  99  MET A N   
425 C CA  A MET A 36 ? 0.19456 0.29228 0.23936 -0.01307 -0.04947 0.06944  99  MET A CA  
426 C CA  B MET A 36 ? 0.19848 0.28187 0.25172 -0.04267 -0.01332 0.05024  99  MET A CA  
427 C C   . MET A 36 ? 0.18750 0.27032 0.21235 -0.02728 -0.04171 0.05754  99  MET A C   
428 O O   . MET A 36 ? 0.19554 0.27293 0.25784 -0.02035 -0.05395 0.04736  99  MET A O   
429 C CB  A MET A 36 ? 0.22756 0.32597 0.28714 0.01298  -0.07745 0.09518  99  MET A CB  
430 C CB  B MET A 36 ? 0.21209 0.28900 0.32060 -0.07636 0.02726  0.03683  99  MET A CB  
431 C CG  A MET A 36 ? 0.27659 0.37586 0.35219 0.04963  -0.12096 0.10289  99  MET A CG  
432 C CG  B MET A 36 ? 0.29120 0.29357 0.43233 -0.07725 0.06889  0.01727  99  MET A CG  
433 S SD  A MET A 36 ? 0.34210 0.40121 0.45864 0.07548  -0.11156 0.12572  99  MET A SD  
434 S SD  B MET A 36 ? 0.32356 0.30988 0.46631 -0.06566 0.07971  0.00967  99  MET A SD  
435 C CE  A MET A 36 ? 0.48375 0.43886 0.51612 0.13409  -0.11325 0.11528  99  MET A CE  
436 C CE  B MET A 36 ? 0.39492 0.32432 0.60970 -0.03856 0.11877  -0.01973 99  MET A CE  
455 N N   . LEU A 37 ? 0.19940 0.29336 0.17437 -0.02065 -0.02513 0.04076  100 LEU A N   
456 C CA  . LEU A 37 ? 0.21149 0.27139 0.21380 -0.04228 -0.04289 0.03782  100 LEU A CA  
457 C C   . LEU A 37 ? 0.17935 0.27486 0.18949 -0.04080 -0.02755 0.04222  100 LEU A C   
458 O O   . LEU A 37 ? 0.20125 0.28033 0.18902 -0.06233 -0.03808 0.04796  100 LEU A O   
459 C CB  . LEU A 37 ? 0.20032 0.28638 0.21052 -0.05831 -0.03076 0.03711  100 LEU A CB  
460 C CG  . LEU A 37 ? 0.19651 0.30526 0.22469 -0.07030 -0.01481 0.02669  100 LEU A CG  
461 C CD1 . LEU A 37 ? 0.21981 0.31419 0.30349 -0.05349 -0.03018 0.03522  100 LEU A CD1 
462 C CD2 . LEU A 37 ? 0.22602 0.31644 0.24375 -0.06591 0.00197  0.04015  100 LEU A CD2 
474 N N   . ASP A 38 ? 0.20163 0.27554 0.22162 -0.02368 -0.03200 0.04881  101 ASP A N   
475 C CA  . ASP A 38 ? 0.22589 0.31148 0.25412 0.00055  -0.06063 0.04694  101 ASP A CA  
476 C C   . ASP A 38 ? 0.21427 0.31230 0.25982 -0.02057 -0.06002 0.03626  101 ASP A C   
477 O O   . ASP A 38 ? 0.21776 0.31924 0.26168 -0.01177 -0.09097 0.03696  101 ASP A O   
478 C CB  . ASP A 38 ? 0.30114 0.32602 0.33698 0.00280  -0.05337 0.05053  101 ASP A CB  
479 C CG  . ASP A 38 ? 0.42618 0.37696 0.44878 0.01918  -0.03984 0.00843  101 ASP A CG  
480 O OD1 . ASP A 38 ? 0.51579 0.34964 0.47923 0.01740  -0.05301 0.02182  101 ASP A OD1 
481 O OD2 . ASP A 38 ? 0.44020 0.41914 0.51263 0.04811  -0.04841 -0.01944 101 ASP A OD2 
486 N N   . THR A 39 ? 0.16596 0.32779 0.25076 -0.03513 -0.04240 0.04248  102 THR A N   
487 C CA  . THR A 39 ? 0.21459 0.34935 0.26591 -0.03884 -0.05670 0.03486  102 THR A CA  
488 C C   . THR A 39 ? 0.21848 0.29765 0.27509 -0.06139 -0.05415 0.04842  102 THR A C   
489 O O   . THR A 39 ? 0.20823 0.33191 0.28094 -0.06656 -0.06842 0.02655  102 THR A O   
490 C CB  . THR A 39 ? 0.23908 0.36719 0.30049 -0.05179 -0.03218 0.02151  102 THR A CB  
491 O OG1 . THR A 39 ? 0.25634 0.39026 0.31690 -0.06441 -0.01138 0.01680  102 THR A OG1 
492 C CG2 . THR A 39 ? 0.25047 0.38399 0.34448 -0.05011 -0.02390 0.01856  102 THR A CG2 
500 N N   . PHE A 40 ? 0.17616 0.29483 0.24450 -0.05383 -0.04375 0.05193  103 PHE A N   
501 C CA  . PHE A 40 ? 0.19461 0.29282 0.27609 -0.06122 -0.03026 0.03594  103 PHE A CA  
502 C C   . PHE A 40 ? 0.22704 0.30734 0.28837 -0.06630 -0.05908 0.03041  103 PHE A C   
503 O O   . PHE A 40 ? 0.26578 0.30683 0.29913 -0.05122 -0.08416 0.02566  103 PHE A O   
504 C CB  . PHE A 40 ? 0.20876 0.29779 0.25088 -0.03956 -0.03380 0.02641  103 PHE A CB  
505 C CG  . PHE A 40 ? 0.21919 0.30741 0.22420 -0.04826 -0.05731 0.00745  103 PHE A CG  
506 C CD1 . PHE A 40 ? 0.21614 0.30355 0.21163 -0.05494 -0.01866 0.01130  103 PHE A CD1 
507 C CD2 . PHE A 40 ? 0.27486 0.31236 0.25030 -0.03535 -0.05623 0.01426  103 PHE A CD2 
508 C CE1 . PHE A 40 ? 0.16972 0.31451 0.26592 -0.04274 -0.02967 0.03245  103 PHE A CE1 
509 C CE2 . PHE A 40 ? 0.26427 0.28432 0.25779 -0.04264 -0.08250 0.03042  103 PHE A CE2 
510 C CZ  . PHE A 40 ? 0.24348 0.30344 0.26802 -0.03859 -0.05309 0.03253  103 PHE A CZ  
520 N N   . LYS A 41 ? 0.24900 0.32881 0.23857 -0.07127 -0.04477 0.04255  104 LYS A N   
521 C CA  . LYS A 41 ? 0.27985 0.34175 0.24375 -0.07801 -0.04894 0.05580  104 LYS A CA  
522 C C   . LYS A 41 ? 0.30234 0.36644 0.23996 -0.05654 -0.08984 0.05336  104 LYS A C   
523 O O   . LYS A 41 ? 0.35517 0.41130 0.24181 -0.03998 -0.12065 0.03427  104 LYS A O   
524 C CB  . LYS A 41 ? 0.28002 0.34882 0.23651 -0.07041 -0.06152 0.07907  104 LYS A CB  
525 C CG  . LYS A 41 ? 0.28426 0.34794 0.31941 -0.11307 -0.02853 0.08143  104 LYS A CG  
526 C CD  . LYS A 41 ? 0.36211 0.39228 0.38115 -0.09126 -0.05151 0.06277  104 LYS A CD  
527 C CE  . LYS A 41 ? 0.41427 0.42760 0.40094 -0.07967 -0.05393 0.05109  104 LYS A CE  
528 N NZ  . LYS A 41 ? 0.44233 0.43936 0.42707 -0.07986 -0.04720 0.04415  104 LYS A NZ  
542 N N   . LYS A 42 ? 0.28992 0.35061 0.28015 -0.04954 -0.09595 0.05212  105 LYS A N   
543 C CA  . LYS A 42 ? 0.28850 0.36349 0.33135 -0.04320 -0.11706 0.04113  105 LYS A CA  
544 C C   . LYS A 42 ? 0.31156 0.34317 0.30607 -0.03333 -0.13770 0.06265  105 LYS A C   
545 O O   . LYS A 42 ? 0.31141 0.36642 0.34231 -0.01927 -0.13549 0.06917  105 LYS A O   
546 C CB  . LYS A 42 ? 0.32930 0.38431 0.41022 -0.01768 -0.13968 0.02890  105 LYS A CB  
547 C CG  . LYS A 42 ? 0.40959 0.38495 0.48090 0.02350  -0.15832 0.04327  105 LYS A CG  
548 C CD  . LYS A 42 ? 0.47891 0.39368 0.55018 0.00979  -0.12376 0.02509  105 LYS A CD  
549 C CE  . LYS A 42 ? 0.52917 0.41170 0.58389 0.02178  -0.10891 0.02385  105 LYS A CE  
550 N NZ  . LYS A 42 ? 0.56059 0.42331 0.58898 0.03169  -0.11705 0.02181  105 LYS A NZ  
564 N N   . ASP A 43 ? 0.32348 0.32279 0.26507 -0.05336 -0.12851 0.06617  106 ASP A N   
565 C CA  . ASP A 43 ? 0.37423 0.33665 0.34418 -0.06919 -0.09770 0.05505  106 ASP A CA  
566 C C   . ASP A 43 ? 0.53240 0.38081 0.37915 -0.04324 -0.11126 0.03276  106 ASP A C   
567 O O   . ASP A 43 ? 0.60897 0.41344 0.39456 -0.02604 -0.08803 0.01188  106 ASP A O   
568 C CB  . ASP A 43 ? 0.29636 0.32982 0.32785 -0.08869 -0.08195 0.06782  106 ASP A CB  
569 C CG  . ASP A 43 ? 0.28284 0.35855 0.33529 -0.08683 -0.06604 0.07096  106 ASP A CG  
570 O OD1 . ASP A 43 ? 0.26311 0.39585 0.37289 -0.08093 -0.07907 0.05904  106 ASP A OD1 
571 O OD2 . ASP A 43 ? 0.21768 0.36126 0.35467 -0.09590 -0.05096 0.07003  106 ASP A OD2 
576 N N   . PHE A 44 ? 0.60280 0.42015 0.41234 -0.03103 -0.12155 0.01169  107 PHE A N   
577 C CA  . PHE A 44 ? 0.65693 0.48125 0.46662 -0.01009 -0.10697 -0.00056 107 PHE A CA  
578 C C   . PHE A 44 ? 0.68260 0.53170 0.52013 0.00502  -0.09462 -0.02221 107 PHE A C   
579 O O   . PHE A 44 ? 0.68425 0.54685 0.54846 0.01463  -0.08273 -0.02299 107 PHE A O   
580 C CB  . PHE A 44 ? 0.67850 0.48081 0.47104 0.00228  -0.11165 0.01891  107 PHE A CB  
581 C CG  . PHE A 44 ? 0.68996 0.48594 0.47839 0.02406  -0.12615 0.02789  107 PHE A CG  
582 C CD1 . PHE A 44 ? 0.69706 0.48652 0.46698 0.03027  -0.13993 0.02315  107 PHE A CD1 
583 C CD2 . PHE A 44 ? 0.68254 0.49686 0.51881 0.03259  -0.12319 0.01697  107 PHE A CD2 
584 C CE1 . PHE A 44 ? 0.69543 0.48347 0.47006 0.04161  -0.15706 0.02928  107 PHE A CE1 
585 C CE2 . PHE A 44 ? 0.68269 0.49968 0.52430 0.04114  -0.13178 0.01678  107 PHE A CE2 
586 C CZ  . PHE A 44 ? 0.69180 0.50102 0.49714 0.04378  -0.14545 0.01656  107 PHE A CZ  
587 O OXT . PHE A 44 ? 0.70875 0.54039 0.54736 -0.00205 -0.09485 -0.03283 107 PHE A OXT 
# 
